data_4X1I
#
_entry.id   4X1I
#
_cell.length_a   66.140
_cell.length_b   128.210
_cell.length_c   255.140
_cell.angle_alpha   90.00
_cell.angle_beta   90.00
_cell.angle_gamma   90.00
#
_symmetry.space_group_name_H-M   'P 21 21 21'
#
loop_
_entity.id
_entity.type
_entity.pdbx_description
1 polymer 'Tubulin alpha chain'
2 polymer 'Tubulin beta chain'
3 polymer Stathmin-4
4 non-polymer "GUANOSINE-5'-TRIPHOSPHATE"
5 non-polymer 'MAGNESIUM ION'
6 non-polymer "GUANOSINE-5'-DIPHOSPHATE"
7 non-polymer N-[(7S)-1,2,3,10-tetramethoxy-9-oxo-6,7-dihydro-5H-benzo[d]heptalen-7-yl]ethanamide
8 non-polymer 2-methyl-L-alanyl-N-[(3R,4S,5S)-3-methoxy-1-{(2S)-2-[(1R,2R)-1-methoxy-2-methyl-3-oxo-3-{[(1S)-2-phenyl-1-(1,3-thiazol-2-yl)ethyl]amino}propyl]pyrrolidin-1-yl}-5-methyl-1-oxoheptan-4-yl]-N-methyl-L-valinamide
#
loop_
_entity_poly.entity_id
_entity_poly.type
_entity_poly.pdbx_seq_one_letter_code
_entity_poly.pdbx_strand_id
1 'polypeptide(L)'
;MRECISIHVGQAGVQIGNACWELYCLEHGIQPDGQMPSDKTIGGGDDSFNTFFSETGAGKHVPRAVFVDLEPTVIDEVRT
GTYRQLFHPEQLITGKEDAANNYARGHYTIGKEIIDLVLDRIRKLADQCTGLQGFLVFHSFGGGTGSGFTSLLMERLSVD
YGKKSKLEFSIYPAPQVSTAVVEPYNSILTTHTTLEHSDCAFMVDNEAIYDICRRNLDIERPTYTNLNRLIGQIVSSITA
SLRFDGALNVDLTEFQTNLVPYPRIHFPLATYAPVISAEKAYHEQLSVAEITNACFEPANQMVKCDPRHGKYMACCLLYR
GDVVPKDVNAAIATIKTKRTIQFVDWCPTGFKVGINYQPPTVVPGGDLAKVQRAVCMLSNTTAIAEAWARLDHKFDLMYA
KRAFVHWYVGEGMEEGEFSEAREDMAALEKDYEEVGVDSVEGEGEEEGEEY
;
A,C
2 'polypeptide(L)'
;MREIVHIQAGQCGNQIGAKFWEVISDEHGIDPTGSYHGDSDLQLERINVYYNEATGNKYVPRAILVDLEPGTMDSVRSGP
FGQIFRPDNFVFGQSGAGNNWAKGHYTEGAELVDSVLDVVRKESESCDCLQGFQLTHSLGGGTGSGMGTLLISKIREEYP
DRIMNTFSVMPSPKVSDTVVEPYNATLSVHQLVENTDETYSIDNEALYDICFRTLKLTTPTYGDLNHLVSATMSGVTTCL
RFPGQLNADLRKLAVNMVPFPRLHFFMPGFAPLTSRGSQQYRALTVPELTQQMFDSKNMMAACDPRHGRYLTVAAVFRGR
MSMKEVDEQMLNVQNKNSSYFVEWIPNNVKTAVCDIPPRGLKMSATFIGNSTAIQELFKRISEQFTAMFRRKAFLHWYTG
EGMDEMEFTEAESNMNDLVSEYQQYQDATADEQGEFEEEEGEDEA
;
B,D
3 'polypeptide(L)'
;ADMEVIELNKATSGQSWEVILKPPSFDGVPEFNASLPRRRDPSLEEIQKKLEAAEERRKYQEAELLKHLAEKREHEREVI
QKAIEENNNFIKMAKEKLAQKMESNKENREAHLAAMLERLQEKDKHAEEVRKNKELKEEASR
;
E
#
# COMPACT_ATOMS: atom_id res chain seq x y z
N ARG A 2 71.04 26.95 -15.37
CA ARG A 2 70.85 27.58 -14.06
C ARG A 2 69.37 27.59 -13.57
N GLU A 3 68.43 27.85 -14.50
CA GLU A 3 66.96 27.93 -14.33
C GLU A 3 66.30 26.77 -13.52
N CYS A 4 65.12 27.06 -12.87
CA CYS A 4 64.35 26.14 -12.01
C CYS A 4 62.80 26.20 -12.13
N ILE A 5 62.18 25.06 -12.47
CA ILE A 5 60.73 24.96 -12.54
C ILE A 5 60.24 24.44 -11.19
N SER A 6 59.32 25.19 -10.57
CA SER A 6 58.69 24.88 -9.29
C SER A 6 57.27 24.41 -9.58
N ILE A 7 57.01 23.12 -9.38
CA ILE A 7 55.71 22.53 -9.62
C ILE A 7 54.97 22.39 -8.29
N HIS A 8 53.70 22.86 -8.26
CA HIS A 8 52.79 22.82 -7.10
C HIS A 8 51.57 21.94 -7.41
N VAL A 9 51.53 20.72 -6.79
CA VAL A 9 50.53 19.67 -7.00
C VAL A 9 49.51 19.53 -5.89
N GLY A 10 48.26 19.83 -6.25
CA GLY A 10 47.11 19.75 -5.37
C GLY A 10 47.08 20.82 -4.31
N GLN A 11 45.90 20.93 -3.69
CA GLN A 11 45.52 21.82 -2.59
C GLN A 11 46.68 22.26 -1.67
N ALA A 12 47.46 21.29 -1.10
CA ALA A 12 48.57 21.57 -0.19
C ALA A 12 49.67 22.36 -0.91
N GLY A 13 50.33 21.68 -1.85
CA GLY A 13 51.41 22.19 -2.68
C GLY A 13 51.08 23.51 -3.33
N VAL A 14 49.81 23.70 -3.77
CA VAL A 14 49.38 24.96 -4.34
C VAL A 14 49.40 26.07 -3.29
N GLN A 15 48.80 25.81 -2.13
CA GLN A 15 48.74 26.81 -1.06
C GLN A 15 50.13 27.19 -0.52
N ILE A 16 51.00 26.17 -0.36
CA ILE A 16 52.39 26.31 0.11
C ILE A 16 53.21 27.10 -0.92
N GLY A 17 52.99 26.79 -2.21
CA GLY A 17 53.63 27.48 -3.33
C GLY A 17 53.14 28.89 -3.51
N ASN A 18 51.93 29.18 -2.98
CA ASN A 18 51.35 30.50 -3.00
C ASN A 18 52.17 31.39 -2.08
N ALA A 19 52.59 30.80 -0.95
CA ALA A 19 53.40 31.42 0.08
C ALA A 19 54.85 31.58 -0.31
N CYS A 20 55.46 30.57 -0.98
CA CYS A 20 56.88 30.62 -1.36
C CYS A 20 57.17 31.74 -2.33
N TRP A 21 56.41 31.80 -3.44
CA TRP A 21 56.50 32.88 -4.43
C TRP A 21 56.14 34.23 -3.81
N GLU A 22 55.32 34.24 -2.73
CA GLU A 22 54.93 35.44 -1.98
C GLU A 22 56.18 35.98 -1.31
N LEU A 23 57.01 35.07 -0.77
CA LEU A 23 58.25 35.39 -0.08
C LEU A 23 59.39 35.70 -1.04
N TYR A 24 59.50 34.98 -2.18
CA TYR A 24 60.54 35.25 -3.16
C TYR A 24 60.34 36.64 -3.77
N CYS A 25 59.07 37.04 -4.02
CA CYS A 25 58.73 38.35 -4.56
C CYS A 25 59.16 39.43 -3.61
N LEU A 26 59.05 39.15 -2.31
CA LEU A 26 59.44 40.10 -1.28
C LEU A 26 60.95 40.28 -1.18
N GLU A 27 61.70 39.16 -1.16
CA GLU A 27 63.16 39.09 -1.08
C GLU A 27 63.85 39.77 -2.24
N HIS A 28 63.37 39.51 -3.48
CA HIS A 28 63.90 40.04 -4.73
C HIS A 28 63.36 41.41 -5.13
N GLY A 29 62.25 41.81 -4.52
CA GLY A 29 61.65 43.12 -4.77
C GLY A 29 60.71 43.17 -5.96
N ILE A 30 60.08 42.03 -6.30
CA ILE A 30 59.14 42.01 -7.41
C ILE A 30 57.75 42.40 -6.87
N GLN A 31 56.99 43.16 -7.68
CA GLN A 31 55.60 43.56 -7.36
C GLN A 31 54.67 42.44 -7.82
N PRO A 32 53.48 42.26 -7.18
CA PRO A 32 52.56 41.17 -7.60
C PRO A 32 52.04 41.26 -9.06
N ASP A 33 52.54 42.25 -9.84
CA ASP A 33 52.22 42.52 -11.24
C ASP A 33 53.27 42.00 -12.25
N GLY A 34 54.44 41.65 -11.73
CA GLY A 34 55.55 41.17 -12.53
C GLY A 34 56.73 42.11 -12.56
N GLN A 35 56.49 43.42 -12.30
CA GLN A 35 57.56 44.43 -12.33
C GLN A 35 58.41 44.56 -11.05
N MET A 36 59.60 45.22 -11.16
CA MET A 36 60.52 45.46 -10.05
C MET A 36 61.27 46.78 -10.17
N PRO A 37 61.77 47.39 -9.06
CA PRO A 37 62.45 48.69 -9.17
C PRO A 37 63.99 48.61 -9.27
N SER A 38 64.65 49.78 -9.25
CA SER A 38 66.12 49.88 -9.28
C SER A 38 66.67 49.96 -7.86
N ASP A 46 71.83 40.85 -6.82
CA ASP A 46 72.92 40.10 -7.44
C ASP A 46 72.64 39.55 -8.86
N ASP A 47 71.32 39.51 -9.28
CA ASP A 47 70.77 39.07 -10.59
C ASP A 47 70.33 37.62 -10.70
N SER A 48 71.03 36.69 -10.02
CA SER A 48 70.73 35.25 -10.05
C SER A 48 69.30 34.83 -9.64
N PHE A 49 68.45 35.81 -9.24
CA PHE A 49 67.06 35.57 -8.89
C PHE A 49 66.28 35.06 -10.12
N ASN A 50 66.83 35.29 -11.32
CA ASN A 50 66.23 34.89 -12.61
C ASN A 50 66.04 33.38 -12.77
N THR A 51 66.85 32.57 -12.04
CA THR A 51 66.78 31.09 -11.99
C THR A 51 65.37 30.61 -11.52
N PHE A 52 64.44 31.55 -11.33
CA PHE A 52 63.05 31.34 -10.93
C PHE A 52 62.11 32.30 -11.68
N PHE A 53 62.65 33.26 -12.49
CA PHE A 53 61.84 34.25 -13.22
C PHE A 53 62.27 34.49 -14.68
N SER A 54 61.28 34.46 -15.59
CA SER A 54 61.44 34.67 -17.04
C SER A 54 60.88 36.03 -17.44
N GLU A 55 61.66 36.88 -18.15
CA GLU A 55 61.14 38.21 -18.52
C GLU A 55 60.37 38.30 -19.86
N THR A 56 59.28 39.08 -19.87
CA THR A 56 58.48 39.32 -21.09
C THR A 56 58.93 40.67 -21.70
N GLY A 57 58.66 40.88 -23.00
CA GLY A 57 59.01 42.11 -23.73
C GLY A 57 58.52 43.40 -23.10
N ALA A 58 57.65 43.25 -22.10
CA ALA A 58 57.06 44.30 -21.28
C ALA A 58 57.55 44.19 -19.82
N GLY A 59 58.89 44.12 -19.69
CA GLY A 59 59.68 44.08 -18.46
C GLY A 59 59.27 43.26 -17.25
N LYS A 60 58.18 42.50 -17.35
CA LYS A 60 57.71 41.71 -16.22
C LYS A 60 58.41 40.39 -16.08
N HIS A 61 58.71 40.00 -14.82
CA HIS A 61 59.39 38.74 -14.45
C HIS A 61 58.41 37.65 -13.94
N VAL A 62 57.97 36.79 -14.85
CA VAL A 62 57.02 35.71 -14.60
C VAL A 62 57.66 34.50 -13.89
N PRO A 63 57.14 34.15 -12.70
CA PRO A 63 57.65 32.97 -11.98
C PRO A 63 57.69 31.68 -12.81
N ARG A 64 58.87 31.05 -12.93
CA ARG A 64 59.04 29.75 -13.60
C ARG A 64 58.41 28.66 -12.70
N ALA A 65 57.05 28.64 -12.66
CA ALA A 65 56.21 27.74 -11.85
C ALA A 65 54.97 27.27 -12.58
N VAL A 66 54.53 26.03 -12.29
CA VAL A 66 53.33 25.41 -12.86
C VAL A 66 52.43 24.80 -11.76
N PHE A 67 51.29 25.46 -11.48
CA PHE A 67 50.33 25.10 -10.43
C PHE A 67 49.22 24.21 -10.95
N VAL A 68 49.17 22.96 -10.50
CA VAL A 68 48.17 21.98 -10.94
C VAL A 68 47.34 21.51 -9.75
N ASP A 69 46.03 21.25 -9.97
CA ASP A 69 45.03 20.74 -9.03
C ASP A 69 43.82 20.24 -9.81
N LEU A 70 43.19 19.18 -9.35
CA LEU A 70 42.07 18.61 -10.08
C LEU A 70 40.68 19.29 -9.83
N GLU A 71 40.64 20.24 -8.87
CA GLU A 71 39.47 21.09 -8.54
C GLU A 71 39.89 22.57 -8.80
N PRO A 72 38.94 23.38 -9.32
CA PRO A 72 39.26 24.77 -9.67
C PRO A 72 39.58 25.66 -8.49
N THR A 73 38.65 25.67 -7.52
CA THR A 73 38.61 26.38 -6.24
C THR A 73 39.93 27.05 -5.78
N VAL A 74 40.94 26.23 -5.43
CA VAL A 74 42.26 26.62 -4.90
C VAL A 74 43.04 27.58 -5.80
N ILE A 75 43.10 27.24 -7.09
CA ILE A 75 43.82 28.03 -8.09
C ILE A 75 43.09 29.33 -8.42
N ASP A 76 41.75 29.34 -8.30
CA ASP A 76 40.96 30.56 -8.54
C ASP A 76 41.31 31.57 -7.48
N GLU A 77 41.57 31.09 -6.26
CA GLU A 77 41.99 31.91 -5.12
C GLU A 77 43.36 32.63 -5.36
N VAL A 78 44.10 32.19 -6.41
CA VAL A 78 45.36 32.77 -6.87
C VAL A 78 44.97 33.74 -7.98
N ARG A 79 44.30 33.23 -9.04
CA ARG A 79 43.83 34.02 -10.18
C ARG A 79 42.65 34.96 -9.85
N THR A 80 42.72 35.55 -8.64
CA THR A 80 41.78 36.50 -8.05
C THR A 80 42.61 37.42 -7.17
N GLY A 81 43.54 36.81 -6.42
CA GLY A 81 44.45 37.50 -5.51
C GLY A 81 45.34 38.44 -6.26
N THR A 82 45.98 39.36 -5.54
CA THR A 82 46.89 40.40 -6.05
C THR A 82 48.03 39.90 -6.97
N TYR A 83 48.41 38.61 -6.81
CA TYR A 83 49.44 37.92 -7.58
C TYR A 83 48.86 37.20 -8.83
N ARG A 84 47.66 37.62 -9.28
CA ARG A 84 46.99 37.08 -10.47
C ARG A 84 47.83 37.38 -11.71
N GLN A 85 48.33 38.65 -11.81
CA GLN A 85 49.11 39.24 -12.90
C GLN A 85 50.43 38.55 -13.12
N LEU A 86 51.06 38.09 -12.03
CA LEU A 86 52.34 37.38 -11.93
C LEU A 86 52.48 36.33 -13.01
N PHE A 87 51.62 35.31 -12.95
CA PHE A 87 51.60 34.13 -13.82
C PHE A 87 50.62 34.24 -14.98
N HIS A 88 50.93 33.55 -16.09
CA HIS A 88 50.09 33.47 -17.29
C HIS A 88 48.98 32.43 -17.07
N PRO A 89 47.86 32.49 -17.85
CA PRO A 89 46.78 31.50 -17.64
C PRO A 89 47.20 30.07 -17.92
N GLU A 90 48.18 29.88 -18.81
CA GLU A 90 48.68 28.57 -19.17
C GLU A 90 49.27 27.81 -17.98
N GLN A 91 50.14 28.47 -17.16
CA GLN A 91 50.78 27.89 -15.95
C GLN A 91 49.85 27.43 -14.77
N LEU A 92 48.59 27.92 -14.76
CA LEU A 92 47.63 27.56 -13.71
C LEU A 92 46.56 26.63 -14.27
N ILE A 93 46.91 25.33 -14.27
CA ILE A 93 46.09 24.21 -14.76
C ILE A 93 45.11 23.72 -13.67
N THR A 94 43.78 23.71 -13.99
CA THR A 94 42.72 23.20 -13.10
C THR A 94 41.76 22.24 -13.75
N GLY A 95 41.36 21.25 -12.99
CA GLY A 95 40.39 20.23 -13.41
C GLY A 95 39.01 20.47 -12.83
N LYS A 96 38.03 19.70 -13.30
CA LYS A 96 36.66 19.84 -12.85
C LYS A 96 36.42 19.22 -11.46
N GLU A 97 37.06 18.07 -11.16
CA GLU A 97 36.85 17.41 -9.87
C GLU A 97 38.08 16.71 -9.35
N ASP A 98 38.35 16.90 -8.05
CA ASP A 98 39.52 16.33 -7.34
C ASP A 98 39.46 14.81 -7.13
N ALA A 99 40.63 14.21 -6.80
CA ALA A 99 40.78 12.77 -6.66
C ALA A 99 40.09 12.14 -5.49
N ALA A 100 39.20 12.91 -4.81
CA ALA A 100 38.42 12.48 -3.67
C ALA A 100 39.25 11.68 -2.69
N ASN A 101 40.36 12.25 -2.19
CA ASN A 101 41.26 11.60 -1.22
C ASN A 101 41.76 10.20 -1.62
N ASN A 102 41.62 9.84 -2.92
CA ASN A 102 42.02 8.54 -3.45
C ASN A 102 43.26 8.66 -4.35
N TYR A 103 44.34 7.94 -3.99
CA TYR A 103 45.61 7.90 -4.72
C TYR A 103 45.32 7.23 -6.07
N ALA A 104 44.56 6.12 -6.06
CA ALA A 104 44.21 5.39 -7.28
C ALA A 104 43.41 6.28 -8.25
N ARG A 105 42.59 7.20 -7.70
CA ARG A 105 41.81 8.15 -8.48
C ARG A 105 42.75 9.21 -9.11
N GLY A 106 43.70 9.72 -8.31
CA GLY A 106 44.67 10.72 -8.74
C GLY A 106 45.65 10.23 -9.79
N HIS A 107 46.13 9.00 -9.64
CA HIS A 107 47.12 8.35 -10.49
C HIS A 107 46.53 7.72 -11.76
N TYR A 108 45.55 6.83 -11.61
CA TYR A 108 44.99 6.10 -12.75
C TYR A 108 43.81 6.76 -13.47
N THR A 109 42.85 7.29 -12.69
CA THR A 109 41.60 7.89 -13.16
C THR A 109 41.77 9.28 -13.76
N ILE A 110 41.69 10.33 -12.90
CA ILE A 110 41.79 11.75 -13.25
C ILE A 110 43.22 12.09 -13.74
N GLY A 111 44.16 11.16 -13.50
CA GLY A 111 45.54 11.28 -13.92
C GLY A 111 45.66 11.33 -15.42
N LYS A 112 45.54 10.13 -16.06
CA LYS A 112 45.58 9.89 -17.52
C LYS A 112 44.98 11.06 -18.38
N GLU A 113 43.85 11.58 -17.90
CA GLU A 113 43.06 12.69 -18.42
C GLU A 113 43.90 13.99 -18.60
N ILE A 114 44.66 14.38 -17.54
CA ILE A 114 45.39 15.65 -17.46
C ILE A 114 46.92 15.66 -17.66
N ILE A 115 47.58 14.48 -17.54
CA ILE A 115 49.04 14.32 -17.64
C ILE A 115 49.78 15.18 -18.71
N ASP A 116 49.52 14.88 -19.98
CA ASP A 116 50.11 15.53 -21.14
C ASP A 116 49.97 17.05 -21.10
N LEU A 117 48.77 17.55 -20.79
CA LEU A 117 48.46 18.98 -20.69
C LEU A 117 49.37 19.72 -19.68
N VAL A 118 49.65 19.04 -18.57
CA VAL A 118 50.50 19.51 -17.48
C VAL A 118 51.96 19.49 -17.99
N LEU A 119 52.37 18.35 -18.62
CA LEU A 119 53.70 18.16 -19.22
C LEU A 119 53.99 19.18 -20.32
N ASP A 120 52.98 19.52 -21.12
CA ASP A 120 53.09 20.51 -22.17
C ASP A 120 53.41 21.91 -21.62
N ARG A 121 52.83 22.27 -20.46
CA ARG A 121 53.09 23.56 -19.79
C ARG A 121 54.53 23.61 -19.38
N ILE A 122 55.02 22.49 -18.82
CA ILE A 122 56.39 22.26 -18.37
C ILE A 122 57.32 22.31 -19.57
N ARG A 123 56.89 21.73 -20.73
CA ARG A 123 57.68 21.68 -21.97
C ARG A 123 57.96 23.08 -22.46
N LYS A 124 56.89 23.88 -22.60
CA LYS A 124 56.90 25.28 -23.03
C LYS A 124 57.57 26.18 -21.98
N LEU A 125 57.59 25.75 -20.71
CA LEU A 125 58.29 26.39 -19.62
C LEU A 125 59.77 26.07 -19.88
N ALA A 126 60.08 24.76 -20.16
CA ALA A 126 61.41 24.19 -20.42
C ALA A 126 62.03 24.68 -21.72
N ASP A 127 61.22 24.91 -22.78
CA ASP A 127 61.68 25.40 -24.08
C ASP A 127 62.24 26.84 -23.96
N GLN A 128 62.27 27.39 -22.72
CA GLN A 128 62.74 28.74 -22.40
C GLN A 128 63.99 28.74 -21.54
N CYS A 129 64.70 27.59 -21.46
CA CYS A 129 65.90 27.38 -20.61
C CYS A 129 67.25 27.23 -21.35
N THR A 130 68.33 27.82 -20.77
CA THR A 130 69.72 27.72 -21.28
C THR A 130 70.30 26.36 -20.84
N GLY A 131 69.53 25.70 -19.96
CA GLY A 131 69.83 24.41 -19.36
C GLY A 131 69.11 24.29 -18.04
N LEU A 132 68.18 23.37 -17.98
CA LEU A 132 67.39 23.15 -16.78
C LEU A 132 68.15 22.31 -15.72
N GLN A 133 68.29 22.88 -14.53
CA GLN A 133 68.93 22.27 -13.37
C GLN A 133 68.15 21.00 -12.96
N GLY A 134 66.84 21.20 -12.81
CA GLY A 134 65.83 20.21 -12.43
C GLY A 134 64.46 20.81 -12.18
N PHE A 135 63.72 20.21 -11.21
CA PHE A 135 62.37 20.61 -10.80
C PHE A 135 62.25 20.54 -9.28
N LEU A 136 61.35 21.38 -8.70
CA LEU A 136 61.05 21.44 -7.26
C LEU A 136 59.57 21.12 -7.08
N VAL A 137 59.25 19.87 -6.65
CA VAL A 137 57.86 19.44 -6.57
C VAL A 137 57.19 19.57 -5.21
N PHE A 138 56.14 20.37 -5.18
CA PHE A 138 55.36 20.69 -4.00
C PHE A 138 54.03 19.97 -4.02
N HIS A 139 53.75 19.29 -2.91
CA HIS A 139 52.54 18.50 -2.73
C HIS A 139 52.46 18.04 -1.27
N SER A 140 51.30 17.45 -0.92
CA SER A 140 51.01 16.84 0.37
C SER A 140 51.51 15.39 0.34
N PHE A 141 51.01 14.55 1.23
CA PHE A 141 51.35 13.15 1.22
C PHE A 141 50.05 12.38 1.17
N GLY A 142 49.08 12.83 1.98
CA GLY A 142 47.77 12.20 2.14
C GLY A 142 46.64 12.59 1.22
N GLY A 143 46.86 13.57 0.34
CA GLY A 143 45.87 14.04 -0.63
C GLY A 143 45.81 13.12 -1.84
N GLY A 144 44.63 12.95 -2.42
CA GLY A 144 44.46 12.11 -3.61
C GLY A 144 45.11 12.70 -4.86
N THR A 145 45.19 14.05 -4.90
CA THR A 145 45.77 14.87 -5.96
C THR A 145 47.29 15.00 -5.66
N GLY A 146 47.59 15.46 -4.45
CA GLY A 146 48.92 15.67 -3.92
C GLY A 146 49.59 14.36 -3.56
N SER A 147 49.25 13.27 -4.31
CA SER A 147 49.84 11.93 -4.16
C SER A 147 49.72 11.08 -5.44
N GLY A 148 48.48 10.88 -5.92
CA GLY A 148 48.21 10.10 -7.12
C GLY A 148 48.76 10.75 -8.37
N PHE A 149 48.42 12.04 -8.59
CA PHE A 149 48.87 12.80 -9.72
C PHE A 149 50.39 13.08 -9.69
N THR A 150 50.90 13.52 -8.52
CA THR A 150 52.31 13.87 -8.35
C THR A 150 53.19 12.74 -8.69
N SER A 151 52.88 11.54 -8.16
CA SER A 151 53.68 10.34 -8.37
C SER A 151 53.68 9.91 -9.82
N LEU A 152 52.51 10.08 -10.51
CA LEU A 152 52.33 9.81 -11.95
C LEU A 152 53.22 10.76 -12.77
N LEU A 153 53.22 12.04 -12.40
CA LEU A 153 54.01 13.12 -13.00
C LEU A 153 55.51 12.92 -12.81
N MET A 154 55.92 12.62 -11.57
CA MET A 154 57.30 12.38 -11.20
C MET A 154 57.88 11.26 -12.00
N GLU A 155 57.02 10.27 -12.34
CA GLU A 155 57.36 9.12 -13.17
C GLU A 155 57.69 9.60 -14.60
N ARG A 156 56.84 10.50 -15.14
CA ARG A 156 56.94 11.09 -16.48
C ARG A 156 58.04 12.12 -16.60
N LEU A 157 58.28 12.95 -15.57
CA LEU A 157 59.36 13.93 -15.58
C LEU A 157 60.70 13.23 -15.70
N SER A 158 60.78 12.01 -15.13
CA SER A 158 61.98 11.19 -15.17
C SER A 158 62.24 10.62 -16.54
N VAL A 159 61.18 10.45 -17.36
CA VAL A 159 61.33 9.93 -18.72
C VAL A 159 61.51 11.04 -19.74
N ASP A 160 60.64 12.07 -19.67
CA ASP A 160 60.65 13.23 -20.58
C ASP A 160 61.86 14.19 -20.40
N TYR A 161 62.21 14.52 -19.14
CA TYR A 161 63.33 15.42 -18.82
C TYR A 161 64.23 14.64 -17.89
N GLY A 162 64.65 13.48 -18.37
CA GLY A 162 65.51 12.55 -17.65
C GLY A 162 66.82 13.17 -17.22
N LYS A 163 67.51 12.52 -16.27
CA LYS A 163 68.81 12.96 -15.72
C LYS A 163 68.73 14.23 -14.85
N LYS A 164 67.78 15.15 -15.14
CA LYS A 164 67.60 16.39 -14.38
C LYS A 164 67.15 16.09 -12.96
N SER A 165 67.60 16.90 -11.99
CA SER A 165 67.33 16.72 -10.55
C SER A 165 65.85 16.91 -10.16
N LYS A 166 65.51 16.49 -8.92
CA LYS A 166 64.16 16.60 -8.34
C LYS A 166 64.26 16.83 -6.83
N LEU A 167 63.66 17.94 -6.39
CA LEU A 167 63.61 18.35 -4.99
C LEU A 167 62.16 18.37 -4.53
N GLU A 168 61.83 17.32 -3.80
CA GLU A 168 60.50 17.11 -3.31
C GLU A 168 60.30 17.90 -2.04
N PHE A 169 59.13 18.53 -1.96
CA PHE A 169 58.68 19.26 -0.80
C PHE A 169 57.34 18.64 -0.51
N SER A 170 57.31 17.78 0.51
CA SER A 170 56.12 17.04 0.90
C SER A 170 55.67 17.36 2.31
N ILE A 171 54.35 17.40 2.51
CA ILE A 171 53.76 17.66 3.81
C ILE A 171 53.30 16.35 4.44
N TYR A 172 54.03 15.90 5.46
CA TYR A 172 53.75 14.69 6.21
C TYR A 172 52.44 14.91 7.01
N PRO A 173 51.38 14.06 6.84
CA PRO A 173 50.09 14.34 7.53
C PRO A 173 50.12 14.18 9.03
N ALA A 174 49.27 14.96 9.75
CA ALA A 174 49.17 14.92 11.21
C ALA A 174 47.72 15.08 11.70
N PRO A 175 47.28 14.30 12.72
CA PRO A 175 45.88 14.43 13.20
C PRO A 175 45.38 15.85 13.51
N GLN A 176 46.18 16.59 14.29
CA GLN A 176 45.98 17.97 14.77
C GLN A 176 45.79 18.94 13.61
N VAL A 177 46.16 18.49 12.39
CA VAL A 177 46.13 19.28 11.16
C VAL A 177 45.36 18.57 10.01
N SER A 178 44.00 18.76 9.96
CA SER A 178 43.04 18.25 8.96
C SER A 178 43.48 16.99 8.16
N THR A 179 43.65 15.86 8.86
CA THR A 179 44.06 14.58 8.27
C THR A 179 42.80 13.72 7.94
N ALA A 180 42.89 12.88 6.90
CA ALA A 180 41.79 11.98 6.55
C ALA A 180 42.19 10.54 6.80
N VAL A 181 41.22 9.72 7.17
CA VAL A 181 41.39 8.31 7.51
C VAL A 181 42.13 7.40 6.49
N VAL A 182 42.08 7.75 5.19
CA VAL A 182 42.77 7.03 4.12
C VAL A 182 44.19 7.59 3.84
N GLU A 183 44.59 8.68 4.53
CA GLU A 183 45.90 9.30 4.33
C GLU A 183 47.11 8.37 4.33
N PRO A 184 47.27 7.45 5.32
CA PRO A 184 48.42 6.50 5.28
C PRO A 184 48.49 5.58 4.06
N TYR A 185 47.35 5.26 3.43
CA TYR A 185 47.31 4.45 2.21
C TYR A 185 48.02 5.26 1.12
N ASN A 186 47.46 6.44 0.81
CA ASN A 186 47.95 7.44 -0.13
C ASN A 186 49.45 7.71 0.14
N SER A 187 49.82 8.00 1.39
CA SER A 187 51.16 8.36 1.85
C SER A 187 52.27 7.37 1.49
N ILE A 188 52.01 6.07 1.61
CA ILE A 188 52.98 5.01 1.31
C ILE A 188 52.97 4.70 -0.19
N LEU A 189 51.78 4.56 -0.79
CA LEU A 189 51.61 4.33 -2.23
C LEU A 189 52.41 5.38 -3.01
N THR A 190 52.35 6.66 -2.56
CA THR A 190 53.10 7.74 -3.16
C THR A 190 54.59 7.54 -2.98
N THR A 191 55.04 7.25 -1.74
CA THR A 191 56.46 7.04 -1.42
C THR A 191 57.06 5.87 -2.18
N HIS A 192 56.26 4.82 -2.45
CA HIS A 192 56.70 3.66 -3.22
C HIS A 192 56.91 4.05 -4.69
N THR A 193 56.02 4.89 -5.23
CA THR A 193 56.02 5.35 -6.62
C THR A 193 57.05 6.47 -6.87
N THR A 194 57.16 7.42 -5.89
CA THR A 194 58.05 8.59 -5.90
C THR A 194 59.48 8.24 -5.41
N LEU A 195 59.74 6.95 -5.10
CA LEU A 195 61.04 6.52 -4.60
C LEU A 195 62.15 6.65 -5.65
N GLU A 196 62.16 5.74 -6.65
CA GLU A 196 63.17 5.68 -7.72
C GLU A 196 63.31 6.95 -8.56
N HIS A 197 62.39 7.91 -8.38
CA HIS A 197 62.41 9.17 -9.13
C HIS A 197 62.90 10.40 -8.37
N SER A 198 62.81 10.40 -7.03
CA SER A 198 63.28 11.56 -6.27
C SER A 198 64.78 11.48 -5.99
N ASP A 199 65.46 12.61 -6.16
CA ASP A 199 66.88 12.75 -5.94
C ASP A 199 67.13 13.22 -4.50
N CYS A 200 66.19 14.03 -3.96
CA CYS A 200 66.16 14.55 -2.60
C CYS A 200 64.74 14.97 -2.19
N ALA A 201 64.30 14.56 -1.00
CA ALA A 201 62.95 14.86 -0.52
C ALA A 201 62.93 15.41 0.90
N PHE A 202 62.31 16.58 1.07
CA PHE A 202 62.21 17.23 2.37
C PHE A 202 60.81 17.13 2.99
N MET A 203 60.67 16.30 4.04
CA MET A 203 59.38 16.12 4.71
C MET A 203 59.10 17.27 5.64
N VAL A 204 57.82 17.63 5.75
CA VAL A 204 57.35 18.72 6.61
C VAL A 204 56.22 18.09 7.45
N ASP A 205 56.52 17.67 8.70
CA ASP A 205 55.50 17.08 9.57
C ASP A 205 54.61 18.22 10.01
N ASN A 206 53.32 18.12 9.66
CA ASN A 206 52.31 19.12 10.00
C ASN A 206 52.19 19.32 11.51
N GLU A 207 52.46 18.25 12.30
CA GLU A 207 52.43 18.30 13.77
C GLU A 207 53.52 19.27 14.25
N ALA A 208 54.77 19.05 13.80
CA ALA A 208 55.93 19.87 14.13
C ALA A 208 55.67 21.35 13.87
N ILE A 209 55.13 21.71 12.68
CA ILE A 209 54.82 23.10 12.31
C ILE A 209 53.77 23.68 13.25
N TYR A 210 52.66 22.94 13.43
CA TYR A 210 51.52 23.24 14.30
C TYR A 210 52.03 23.64 15.68
N ASP A 211 52.88 22.79 16.29
CA ASP A 211 53.49 23.00 17.60
C ASP A 211 54.26 24.31 17.71
N ILE A 212 55.03 24.63 16.66
CA ILE A 212 55.90 25.81 16.56
C ILE A 212 55.09 27.12 16.43
N CYS A 213 53.90 27.05 15.82
CA CYS A 213 52.99 28.18 15.71
C CYS A 213 52.33 28.45 17.08
N ARG A 214 52.35 27.44 17.99
CA ARG A 214 51.77 27.50 19.33
C ARG A 214 52.78 28.06 20.32
N ARG A 215 53.66 27.19 20.83
CA ARG A 215 54.71 27.46 21.81
C ARG A 215 55.55 28.74 21.54
N ASN A 216 55.87 29.02 20.25
CA ASN A 216 56.68 30.18 19.85
C ASN A 216 55.90 31.35 19.22
N LEU A 217 54.82 31.05 18.47
CA LEU A 217 54.01 32.08 17.82
C LEU A 217 52.72 32.47 18.55
N ASP A 218 52.46 31.88 19.74
CA ASP A 218 51.30 32.15 20.61
C ASP A 218 49.89 32.00 20.01
N ILE A 219 49.75 31.17 18.96
CA ILE A 219 48.47 30.89 18.30
C ILE A 219 48.07 29.44 18.62
N GLU A 220 47.04 29.27 19.50
CA GLU A 220 46.50 27.99 20.00
C GLU A 220 46.07 27.06 18.87
N ARG A 221 45.14 27.53 18.03
CA ARG A 221 44.66 26.83 16.86
C ARG A 221 45.08 27.61 15.62
N PRO A 222 46.27 27.29 15.06
CA PRO A 222 46.78 28.04 13.90
C PRO A 222 46.07 27.75 12.58
N THR A 223 46.00 28.79 11.73
CA THR A 223 45.38 28.73 10.39
C THR A 223 46.42 28.18 9.41
N TYR A 224 45.97 27.75 8.21
CA TYR A 224 46.88 27.24 7.17
C TYR A 224 47.87 28.33 6.85
N THR A 225 47.37 29.58 6.69
CA THR A 225 48.17 30.77 6.42
C THR A 225 49.40 30.79 7.31
N ASN A 226 49.18 30.73 8.66
CA ASN A 226 50.20 30.74 9.71
C ASN A 226 51.21 29.62 9.53
N LEU A 227 50.72 28.38 9.32
CA LEU A 227 51.50 27.17 9.12
C LEU A 227 52.37 27.34 7.89
N ASN A 228 51.77 27.86 6.79
CA ASN A 228 52.40 28.12 5.51
C ASN A 228 53.47 29.23 5.56
N ARG A 229 53.23 30.32 6.36
CA ARG A 229 54.16 31.44 6.61
C ARG A 229 55.49 30.88 7.15
N LEU A 230 55.40 29.86 8.04
CA LEU A 230 56.53 29.14 8.63
C LEU A 230 57.21 28.23 7.60
N ILE A 231 56.41 27.41 6.85
CA ILE A 231 56.88 26.47 5.81
C ILE A 231 57.75 27.24 4.80
N GLY A 232 57.18 28.32 4.23
CA GLY A 232 57.84 29.19 3.27
C GLY A 232 59.15 29.71 3.79
N GLN A 233 59.27 30.04 5.11
CA GLN A 233 60.55 30.54 5.62
C GLN A 233 61.62 29.52 5.36
N ILE A 234 61.39 28.29 5.80
CA ILE A 234 62.30 27.16 5.62
C ILE A 234 62.59 26.89 4.13
N VAL A 235 61.53 26.75 3.31
CA VAL A 235 61.64 26.52 1.86
C VAL A 235 62.49 27.64 1.19
N SER A 236 62.23 28.92 1.53
CA SER A 236 63.00 30.06 1.02
C SER A 236 64.44 29.99 1.56
N SER A 237 64.61 29.54 2.83
CA SER A 237 65.90 29.39 3.49
C SER A 237 66.68 28.24 2.88
N ILE A 238 65.99 27.32 2.19
CA ILE A 238 66.61 26.20 1.47
C ILE A 238 67.09 26.73 0.11
N THR A 239 66.19 27.41 -0.62
CA THR A 239 66.45 27.97 -1.95
C THR A 239 67.29 29.27 -1.96
N ALA A 240 67.69 29.76 -0.75
CA ALA A 240 68.50 30.96 -0.50
C ALA A 240 69.68 31.12 -1.48
N SER A 241 70.51 30.09 -1.55
CA SER A 241 71.69 29.99 -2.40
C SER A 241 71.39 29.92 -3.89
N LEU A 242 70.24 29.36 -4.28
CA LEU A 242 69.85 29.23 -5.69
C LEU A 242 69.43 30.56 -6.28
N ARG A 243 68.56 31.29 -5.56
CA ARG A 243 68.00 32.58 -5.96
C ARG A 243 68.99 33.74 -5.81
N PHE A 244 69.99 33.58 -4.96
CA PHE A 244 71.01 34.61 -4.78
C PHE A 244 72.37 34.13 -5.28
N ASP A 245 73.44 34.91 -5.04
CA ASP A 245 74.78 34.55 -5.47
C ASP A 245 75.62 33.93 -4.34
N GLY A 246 75.10 32.84 -3.78
CA GLY A 246 75.74 32.11 -2.69
C GLY A 246 76.76 31.09 -3.19
N ALA A 247 77.47 30.42 -2.24
CA ALA A 247 78.49 29.41 -2.55
C ALA A 247 78.03 27.98 -2.19
N LEU A 248 77.46 27.78 -0.97
CA LEU A 248 76.95 26.46 -0.58
C LEU A 248 75.56 26.28 -1.19
N ASN A 249 75.29 25.08 -1.74
CA ASN A 249 74.02 24.70 -2.38
C ASN A 249 73.60 25.62 -3.54
N VAL A 250 74.61 26.03 -4.35
CA VAL A 250 74.42 26.90 -5.51
C VAL A 250 73.51 26.25 -6.59
N ASP A 251 73.62 24.92 -6.76
CA ASP A 251 72.84 24.12 -7.70
C ASP A 251 71.99 23.06 -6.99
N LEU A 252 70.97 22.52 -7.67
CA LEU A 252 70.09 21.47 -7.13
C LEU A 252 70.88 20.19 -6.88
N THR A 253 71.87 19.90 -7.75
CA THR A 253 72.75 18.72 -7.68
C THR A 253 73.65 18.71 -6.44
N GLU A 254 73.79 19.87 -5.76
CA GLU A 254 74.55 20.04 -4.52
C GLU A 254 73.91 19.29 -3.38
N PHE A 255 72.57 19.35 -3.27
CA PHE A 255 71.82 18.65 -2.22
C PHE A 255 72.08 17.17 -2.18
N GLN A 256 72.05 16.49 -3.36
CA GLN A 256 72.36 15.05 -3.50
C GLN A 256 73.74 14.79 -2.92
N THR A 257 74.71 15.59 -3.34
CA THR A 257 76.08 15.50 -2.91
C THR A 257 76.23 15.79 -1.41
N ASN A 258 75.79 16.97 -0.97
CA ASN A 258 75.93 17.43 0.40
C ASN A 258 75.16 16.65 1.45
N LEU A 259 73.99 16.10 1.08
CA LEU A 259 73.15 15.38 2.05
C LEU A 259 72.86 13.91 1.77
N VAL A 260 72.65 13.53 0.49
CA VAL A 260 72.27 12.16 0.08
C VAL A 260 73.45 11.23 -0.30
N PRO A 261 74.01 10.40 0.63
CA PRO A 261 75.07 9.46 0.25
C PRO A 261 74.51 8.16 -0.37
N TYR A 262 73.57 7.47 0.35
CA TYR A 262 72.85 6.27 -0.11
C TYR A 262 71.59 6.80 -0.84
N PRO A 263 71.33 6.31 -2.08
CA PRO A 263 70.25 6.88 -2.91
C PRO A 263 68.81 6.92 -2.41
N ARG A 264 68.40 5.92 -1.63
CA ARG A 264 67.02 5.78 -1.12
C ARG A 264 66.81 6.47 0.22
N ILE A 265 67.90 6.70 0.99
CA ILE A 265 67.86 7.38 2.26
C ILE A 265 68.03 8.87 1.97
N HIS A 266 67.09 9.41 1.16
CA HIS A 266 67.12 10.78 0.68
C HIS A 266 66.12 11.70 1.39
N PHE A 267 66.00 11.54 2.71
CA PHE A 267 65.07 12.36 3.47
C PHE A 267 65.76 13.15 4.56
N PRO A 268 66.34 14.33 4.21
CA PRO A 268 66.97 15.15 5.26
C PRO A 268 65.90 15.80 6.14
N LEU A 269 66.28 15.99 7.40
CA LEU A 269 65.49 16.61 8.45
C LEU A 269 65.95 18.07 8.59
N ALA A 270 65.00 19.02 8.56
CA ALA A 270 65.34 20.43 8.70
C ALA A 270 65.11 21.00 10.08
N THR A 271 65.82 22.10 10.40
CA THR A 271 65.73 22.82 11.68
C THR A 271 65.94 24.33 11.43
N TYR A 272 65.00 25.18 11.91
CA TYR A 272 65.06 26.64 11.75
C TYR A 272 65.14 27.37 13.08
N ALA A 273 65.84 28.50 13.08
CA ALA A 273 66.02 29.36 14.26
C ALA A 273 66.27 30.79 13.80
N PRO A 274 65.66 31.81 14.45
CA PRO A 274 64.72 31.74 15.59
C PRO A 274 63.28 31.74 15.13
N VAL A 275 62.37 31.30 16.01
CA VAL A 275 60.95 31.35 15.68
C VAL A 275 60.38 32.48 16.55
N ILE A 276 60.26 33.67 15.92
CA ILE A 276 59.86 34.90 16.58
C ILE A 276 58.50 35.47 16.20
N SER A 277 57.76 35.93 17.23
CA SER A 277 56.43 36.56 17.11
C SER A 277 56.59 38.07 17.17
N ALA A 278 55.64 38.79 16.55
CA ALA A 278 55.61 40.25 16.51
C ALA A 278 54.82 40.83 17.68
N GLU A 279 53.69 40.19 18.05
CA GLU A 279 52.85 40.63 19.16
C GLU A 279 53.53 40.29 20.48
N LYS A 280 54.52 41.12 20.84
CA LYS A 280 55.38 41.07 22.03
C LYS A 280 56.38 42.22 21.98
N ALA A 281 56.73 42.79 23.16
CA ALA A 281 57.69 43.89 23.32
C ALA A 281 59.05 43.54 22.74
N TYR A 282 59.79 44.56 22.27
CA TYR A 282 61.12 44.38 21.70
C TYR A 282 62.13 43.92 22.78
N HIS A 283 63.26 43.34 22.33
CA HIS A 283 64.36 42.87 23.18
C HIS A 283 65.68 42.75 22.37
N GLU A 284 66.78 42.37 23.03
CA GLU A 284 68.09 42.17 22.41
C GLU A 284 67.99 41.00 21.41
N GLN A 285 68.13 41.30 20.11
CA GLN A 285 68.03 40.28 19.06
C GLN A 285 69.22 39.33 19.08
N LEU A 286 68.90 38.04 19.18
CA LEU A 286 69.75 36.85 19.27
C LEU A 286 71.07 36.87 18.50
N SER A 287 72.13 36.32 19.14
CA SER A 287 73.48 36.17 18.62
C SER A 287 73.57 34.87 17.79
N VAL A 288 74.75 34.58 17.19
CA VAL A 288 74.95 33.38 16.37
C VAL A 288 74.80 32.11 17.20
N ALA A 289 75.57 31.99 18.32
CA ALA A 289 75.50 30.84 19.23
C ALA A 289 74.08 30.60 19.78
N GLU A 290 73.30 31.69 19.99
CA GLU A 290 71.90 31.65 20.46
C GLU A 290 71.04 30.84 19.49
N ILE A 291 71.13 31.20 18.20
CA ILE A 291 70.39 30.53 17.10
C ILE A 291 71.05 29.22 16.63
N THR A 292 72.36 29.01 16.91
CA THR A 292 73.05 27.78 16.51
C THR A 292 72.62 26.61 17.42
N ASN A 293 72.74 26.79 18.74
CA ASN A 293 72.33 25.76 19.72
C ASN A 293 70.88 25.34 19.52
N ALA A 294 70.04 26.30 19.07
CA ALA A 294 68.63 26.12 18.76
C ALA A 294 68.40 25.15 17.58
N CYS A 295 69.45 24.94 16.74
CA CYS A 295 69.42 24.04 15.58
C CYS A 295 69.49 22.55 15.95
N PHE A 296 69.74 22.22 17.22
CA PHE A 296 69.80 20.81 17.62
C PHE A 296 68.70 20.38 18.57
N GLU A 297 67.90 21.35 19.05
CA GLU A 297 66.78 21.13 19.95
C GLU A 297 65.59 20.61 19.14
N PRO A 298 64.99 19.46 19.55
CA PRO A 298 63.86 18.91 18.79
C PRO A 298 62.63 19.80 18.67
N ALA A 299 62.47 20.80 19.58
CA ALA A 299 61.39 21.77 19.59
C ALA A 299 61.32 22.59 18.28
N ASN A 300 62.48 22.86 17.63
CA ASN A 300 62.59 23.64 16.40
C ASN A 300 62.72 22.81 15.10
N GLN A 301 62.53 21.48 15.19
CA GLN A 301 62.61 20.55 14.06
C GLN A 301 61.44 20.67 13.10
N MET A 302 61.70 20.49 11.79
CA MET A 302 60.69 20.49 10.71
C MET A 302 59.80 19.22 10.79
N VAL A 303 60.37 18.11 11.30
CA VAL A 303 59.76 16.79 11.41
C VAL A 303 59.87 16.16 12.84
N LYS A 304 58.86 15.36 13.24
CA LYS A 304 58.81 14.74 14.56
C LYS A 304 59.47 13.35 14.72
N CYS A 305 60.75 13.38 15.18
CA CYS A 305 61.65 12.24 15.45
C CYS A 305 62.76 12.66 16.43
N ASP A 306 63.41 11.66 17.03
CA ASP A 306 64.46 11.79 18.05
C ASP A 306 65.82 11.68 17.38
N PRO A 307 66.50 12.82 17.04
CA PRO A 307 67.82 12.69 16.37
C PRO A 307 68.94 12.38 17.34
N ARG A 308 68.62 12.43 18.67
CA ARG A 308 69.51 12.12 19.79
C ARG A 308 69.74 10.60 19.80
N HIS A 309 68.79 9.83 19.25
CA HIS A 309 68.85 8.39 19.11
C HIS A 309 68.73 8.03 17.62
N GLY A 310 69.87 8.05 16.95
CA GLY A 310 70.00 7.76 15.52
C GLY A 310 71.26 8.36 14.96
N LYS A 311 72.06 7.54 14.25
CA LYS A 311 73.33 7.93 13.63
C LYS A 311 73.13 8.84 12.40
N TYR A 312 73.90 9.96 12.31
CA TYR A 312 73.84 10.94 11.20
C TYR A 312 74.70 10.47 10.02
N MET A 313 74.53 11.09 8.84
CA MET A 313 75.36 10.81 7.66
C MET A 313 75.84 12.06 6.90
N ALA A 314 75.24 13.23 7.22
CA ALA A 314 75.55 14.56 6.69
C ALA A 314 74.99 15.66 7.61
N CYS A 315 75.44 16.92 7.43
CA CYS A 315 74.99 18.09 8.18
C CYS A 315 75.43 19.38 7.47
N CYS A 316 74.49 20.30 7.27
CA CYS A 316 74.67 21.60 6.62
C CYS A 316 73.95 22.68 7.41
N LEU A 317 74.61 23.82 7.65
CA LEU A 317 74.00 24.90 8.40
C LEU A 317 73.89 26.14 7.52
N LEU A 318 72.67 26.43 7.04
CA LEU A 318 72.35 27.52 6.10
C LEU A 318 71.89 28.83 6.77
N TYR A 319 72.86 29.76 6.96
CA TYR A 319 72.71 31.07 7.61
C TYR A 319 72.22 32.19 6.68
N ARG A 320 71.41 33.12 7.24
CA ARG A 320 70.86 34.28 6.53
C ARG A 320 71.00 35.58 7.36
N GLY A 321 71.29 36.68 6.69
CA GLY A 321 71.40 38.02 7.27
C GLY A 321 72.72 38.50 7.82
N ASP A 322 72.66 39.07 9.05
CA ASP A 322 73.74 39.71 9.84
C ASP A 322 74.70 38.69 10.54
N VAL A 323 75.15 37.66 9.82
CA VAL A 323 76.04 36.62 10.40
C VAL A 323 77.54 36.84 10.10
N VAL A 324 78.43 36.41 11.03
CA VAL A 324 79.90 36.52 10.92
C VAL A 324 80.56 35.12 11.10
N PRO A 325 81.49 34.72 10.19
CA PRO A 325 82.12 33.37 10.29
C PRO A 325 82.79 32.99 11.61
N LYS A 326 83.53 33.93 12.25
CA LYS A 326 84.20 33.68 13.54
C LYS A 326 83.15 33.38 14.64
N ASP A 327 82.01 34.07 14.55
CA ASP A 327 80.88 33.93 15.46
C ASP A 327 80.12 32.61 15.22
N VAL A 328 80.36 31.98 14.03
CA VAL A 328 79.77 30.70 13.60
C VAL A 328 80.64 29.53 14.10
N ASN A 329 81.96 29.56 13.79
CA ASN A 329 82.92 28.54 14.19
C ASN A 329 83.08 28.42 15.70
N ALA A 330 82.91 29.55 16.42
CA ALA A 330 82.96 29.62 17.88
C ALA A 330 81.83 28.79 18.48
N ALA A 331 80.66 28.75 17.79
CA ALA A 331 79.45 28.01 18.19
C ALA A 331 79.53 26.50 17.87
N ILE A 332 80.34 26.13 16.86
CA ILE A 332 80.57 24.75 16.43
C ILE A 332 81.50 24.07 17.44
N ALA A 333 82.45 24.84 17.98
CA ALA A 333 83.42 24.42 18.99
C ALA A 333 82.70 24.10 20.31
N THR A 334 81.73 24.97 20.70
CA THR A 334 80.93 24.84 21.92
C THR A 334 80.05 23.60 21.94
N ILE A 335 79.48 23.20 20.79
CA ILE A 335 78.62 22.02 20.72
C ILE A 335 79.36 20.68 20.98
N LYS A 336 80.55 20.48 20.37
CA LYS A 336 81.36 19.28 20.59
C LYS A 336 81.95 19.18 22.02
N THR A 337 82.01 20.32 22.77
CA THR A 337 82.54 20.43 24.15
C THR A 337 81.67 19.69 25.17
N LYS A 338 80.34 19.85 25.11
CA LYS A 338 79.41 19.19 26.04
C LYS A 338 78.79 17.95 25.40
N ARG A 339 78.18 18.08 24.20
CA ARG A 339 77.60 16.95 23.48
C ARG A 339 78.64 16.31 22.54
N THR A 340 78.49 15.00 22.27
CA THR A 340 79.38 14.25 21.38
C THR A 340 78.70 14.01 20.01
N ILE A 341 77.36 13.71 20.03
CA ILE A 341 76.44 13.48 18.90
C ILE A 341 76.96 12.55 17.79
N GLN A 342 76.54 11.27 17.87
CA GLN A 342 76.89 10.17 16.97
C GLN A 342 76.71 10.40 15.45
N PHE A 343 77.50 9.66 14.66
CA PHE A 343 77.56 9.66 13.20
C PHE A 343 77.88 8.23 12.73
N VAL A 344 77.54 7.88 11.48
CA VAL A 344 77.86 6.55 10.93
C VAL A 344 79.34 6.47 10.59
N ASP A 345 79.94 5.26 10.77
CA ASP A 345 81.34 4.91 10.54
C ASP A 345 81.87 5.41 9.18
N TRP A 346 81.21 5.01 8.09
CA TRP A 346 81.51 5.34 6.69
C TRP A 346 81.33 6.84 6.34
N CYS A 347 81.07 7.69 7.36
CA CYS A 347 80.86 9.12 7.19
C CYS A 347 81.71 9.97 8.13
N PRO A 348 82.32 11.07 7.62
CA PRO A 348 83.13 11.92 8.49
C PRO A 348 82.26 12.78 9.39
N THR A 349 82.66 12.92 10.65
CA THR A 349 81.93 13.71 11.64
C THR A 349 82.23 15.20 11.38
N GLY A 350 81.26 15.89 10.77
CA GLY A 350 81.42 17.30 10.45
C GLY A 350 80.36 17.94 9.59
N PHE A 351 80.24 19.27 9.75
CA PHE A 351 79.28 20.13 9.06
C PHE A 351 79.84 20.76 7.79
N LYS A 352 78.93 21.28 6.97
CA LYS A 352 79.20 22.02 5.75
C LYS A 352 78.44 23.33 5.94
N VAL A 353 79.16 24.36 6.40
CA VAL A 353 78.56 25.67 6.69
C VAL A 353 78.60 26.53 5.44
N GLY A 354 77.53 27.28 5.25
CA GLY A 354 77.31 28.22 4.15
C GLY A 354 76.50 29.41 4.61
N ILE A 355 77.03 30.63 4.38
CA ILE A 355 76.38 31.88 4.81
C ILE A 355 75.95 32.76 3.63
N ASN A 356 74.65 33.08 3.53
CA ASN A 356 74.09 33.99 2.53
C ASN A 356 73.78 35.29 3.28
N TYR A 357 74.47 36.38 2.92
CA TYR A 357 74.35 37.69 3.60
C TYR A 357 73.04 38.49 3.40
N GLN A 358 72.12 38.01 2.55
CA GLN A 358 70.84 38.67 2.32
C GLN A 358 69.92 38.58 3.56
N PRO A 359 69.28 39.70 3.99
CA PRO A 359 68.47 39.66 5.21
C PRO A 359 67.25 38.74 5.23
N PRO A 360 66.88 38.17 6.41
CA PRO A 360 65.69 37.32 6.47
C PRO A 360 64.43 38.17 6.35
N THR A 361 63.78 38.08 5.17
CA THR A 361 62.56 38.82 4.87
C THR A 361 61.33 38.14 5.50
N VAL A 362 60.47 38.94 6.12
CA VAL A 362 59.24 38.48 6.74
C VAL A 362 58.05 39.20 6.10
N VAL A 363 56.91 38.50 5.95
CA VAL A 363 55.68 39.01 5.32
C VAL A 363 55.19 40.26 6.06
N PRO A 364 55.08 41.43 5.39
CA PRO A 364 54.67 42.65 6.11
C PRO A 364 53.24 42.54 6.59
N GLY A 365 53.06 42.62 7.89
CA GLY A 365 51.77 42.46 8.56
C GLY A 365 51.40 41.00 8.76
N GLY A 366 52.38 40.23 9.24
CA GLY A 366 52.23 38.80 9.51
C GLY A 366 52.63 38.42 10.92
N ASP A 367 52.40 37.12 11.26
CA ASP A 367 52.72 36.52 12.57
C ASP A 367 54.23 36.52 12.81
N LEU A 368 55.02 36.32 11.74
CA LEU A 368 56.48 36.32 11.78
C LEU A 368 56.99 37.77 11.79
N ALA A 369 57.93 38.05 12.70
CA ALA A 369 58.52 39.38 12.89
C ALA A 369 59.93 39.54 12.30
N LYS A 370 60.33 40.81 12.10
CA LYS A 370 61.61 41.25 11.55
C LYS A 370 62.78 40.68 12.34
N VAL A 371 63.72 40.08 11.63
CA VAL A 371 64.94 39.48 12.18
C VAL A 371 66.15 39.85 11.33
N GLN A 372 67.31 40.08 11.98
CA GLN A 372 68.58 40.41 11.33
C GLN A 372 69.42 39.14 11.12
N ARG A 373 69.25 38.14 12.01
CA ARG A 373 69.95 36.85 11.97
C ARG A 373 68.95 35.69 11.93
N ALA A 374 69.29 34.64 11.14
CA ALA A 374 68.51 33.41 10.97
C ALA A 374 69.39 32.28 10.43
N VAL A 375 69.06 31.03 10.82
CA VAL A 375 69.78 29.83 10.36
C VAL A 375 68.89 28.60 10.26
N CYS A 376 68.78 28.08 9.05
CA CYS A 376 68.06 26.83 8.76
C CYS A 376 69.12 25.73 8.81
N MET A 377 68.70 24.49 9.08
CA MET A 377 69.68 23.41 9.19
C MET A 377 69.26 22.10 8.56
N LEU A 378 69.97 21.72 7.51
CA LEU A 378 69.76 20.47 6.78
C LEU A 378 70.66 19.40 7.38
N SER A 379 70.07 18.26 7.73
CA SER A 379 70.81 17.14 8.32
C SER A 379 70.13 15.83 8.01
N ASN A 380 70.89 14.84 7.50
CA ASN A 380 70.35 13.50 7.24
C ASN A 380 70.76 12.56 8.39
N THR A 381 69.77 12.17 9.23
CA THR A 381 69.89 11.29 10.38
C THR A 381 69.03 10.04 10.18
N THR A 382 69.51 8.86 10.68
CA THR A 382 68.77 7.57 10.59
C THR A 382 67.40 7.64 11.31
N ALA A 383 67.28 8.63 12.23
CA ALA A 383 66.11 8.95 13.06
C ALA A 383 64.87 9.28 12.26
N ILE A 384 65.02 9.55 10.96
CA ILE A 384 63.90 9.86 10.09
C ILE A 384 63.02 8.62 9.87
N ALA A 385 63.59 7.41 10.06
CA ALA A 385 62.88 6.12 9.97
C ALA A 385 61.71 6.07 10.96
N GLU A 386 61.88 6.72 12.13
CA GLU A 386 60.91 6.85 13.23
C GLU A 386 59.63 7.57 12.78
N ALA A 387 59.75 8.41 11.74
CA ALA A 387 58.64 9.12 11.12
C ALA A 387 57.88 8.15 10.18
N TRP A 388 58.63 7.27 9.44
CA TRP A 388 58.07 6.27 8.52
C TRP A 388 57.30 5.18 9.25
N ALA A 389 57.91 4.60 10.33
CA ALA A 389 57.37 3.55 11.21
C ALA A 389 55.95 3.94 11.74
N ARG A 390 55.75 5.24 12.07
CA ARG A 390 54.48 5.82 12.55
C ARG A 390 53.40 5.58 11.52
N LEU A 391 53.74 5.85 10.25
CA LEU A 391 52.86 5.70 9.11
C LEU A 391 52.71 4.25 8.69
N ASP A 392 53.81 3.50 8.62
CA ASP A 392 53.79 2.09 8.24
C ASP A 392 52.83 1.26 9.07
N HIS A 393 52.74 1.53 10.38
CA HIS A 393 51.82 0.84 11.28
C HIS A 393 50.34 1.18 10.99
N LYS A 394 50.02 2.50 10.81
CA LYS A 394 48.66 2.99 10.50
C LYS A 394 48.12 2.27 9.28
N PHE A 395 48.97 2.17 8.23
CA PHE A 395 48.70 1.45 6.98
C PHE A 395 48.39 -0.03 7.32
N ASP A 396 49.33 -0.68 8.07
CA ASP A 396 49.26 -2.08 8.45
C ASP A 396 48.05 -2.50 9.23
N LEU A 397 47.47 -1.57 10.03
CA LEU A 397 46.25 -1.82 10.82
C LEU A 397 45.03 -1.92 9.89
N MET A 398 44.94 -0.96 8.96
CA MET A 398 43.85 -0.89 8.00
C MET A 398 43.96 -1.97 6.94
N TYR A 399 45.15 -2.10 6.31
CA TYR A 399 45.33 -3.15 5.30
C TYR A 399 45.10 -4.58 5.87
N ALA A 400 45.47 -4.79 7.16
CA ALA A 400 45.29 -6.05 7.88
C ALA A 400 43.89 -6.55 7.73
N LYS A 401 42.92 -5.62 7.80
CA LYS A 401 41.49 -5.93 7.66
C LYS A 401 40.88 -5.33 6.36
N ARG A 402 41.77 -4.92 5.41
CA ARG A 402 41.40 -4.41 4.10
C ARG A 402 40.44 -3.21 4.06
N ALA A 403 40.33 -2.48 5.19
CA ALA A 403 39.46 -1.30 5.28
C ALA A 403 39.85 -0.18 4.28
N PHE A 404 38.87 0.28 3.46
CA PHE A 404 38.96 1.33 2.44
C PHE A 404 39.56 0.92 1.10
N VAL A 405 40.33 -0.20 1.07
CA VAL A 405 41.00 -0.77 -0.12
C VAL A 405 40.08 -0.76 -1.36
N HIS A 406 38.79 -1.17 -1.19
CA HIS A 406 37.78 -1.23 -2.26
C HIS A 406 37.76 0.00 -3.21
N TRP A 407 37.94 1.19 -2.64
CA TRP A 407 37.99 2.47 -3.36
C TRP A 407 39.18 2.51 -4.33
N TYR A 408 40.32 1.93 -3.92
CA TYR A 408 41.53 1.90 -4.72
C TYR A 408 41.44 0.91 -5.88
N VAL A 409 40.88 -0.30 -5.61
CA VAL A 409 40.62 -1.37 -6.60
C VAL A 409 39.56 -0.90 -7.61
N GLY A 410 38.61 -0.11 -7.09
CA GLY A 410 37.51 0.47 -7.85
C GLY A 410 37.98 1.47 -8.87
N GLU A 411 39.14 2.13 -8.59
CA GLU A 411 39.75 3.09 -9.51
C GLU A 411 40.75 2.47 -10.52
N GLY A 412 40.83 1.13 -10.54
CA GLY A 412 41.69 0.36 -11.46
C GLY A 412 42.80 -0.45 -10.82
N MET A 413 43.58 0.21 -9.94
CA MET A 413 44.72 -0.29 -9.16
C MET A 413 44.48 -1.71 -8.60
N GLU A 414 45.54 -2.51 -8.46
CA GLU A 414 45.45 -3.86 -7.92
C GLU A 414 45.72 -3.87 -6.44
N GLU A 415 45.12 -4.86 -5.73
CA GLU A 415 45.36 -5.08 -4.30
C GLU A 415 46.84 -5.45 -4.16
N GLY A 416 47.41 -6.01 -5.24
CA GLY A 416 48.81 -6.38 -5.35
C GLY A 416 49.76 -5.22 -5.09
N GLU A 417 49.32 -3.99 -5.47
CA GLU A 417 50.06 -2.75 -5.30
C GLU A 417 50.00 -2.21 -3.86
N PHE A 418 49.19 -2.78 -2.97
CA PHE A 418 49.21 -2.28 -1.61
C PHE A 418 50.32 -2.98 -0.87
N SER A 419 50.41 -4.32 -1.03
CA SER A 419 51.44 -5.15 -0.39
C SER A 419 52.80 -4.74 -0.93
N GLU A 420 52.89 -4.54 -2.26
CA GLU A 420 54.08 -4.13 -2.98
C GLU A 420 54.66 -2.83 -2.41
N ALA A 421 53.80 -1.84 -2.10
CA ALA A 421 54.21 -0.55 -1.54
C ALA A 421 54.77 -0.71 -0.13
N ARG A 422 54.02 -1.42 0.75
CA ARG A 422 54.43 -1.68 2.13
C ARG A 422 55.73 -2.51 2.22
N GLU A 423 55.84 -3.56 1.36
CA GLU A 423 57.01 -4.47 1.25
C GLU A 423 58.29 -3.66 1.00
N ASP A 424 58.17 -2.63 0.11
CA ASP A 424 59.23 -1.69 -0.25
C ASP A 424 59.53 -0.73 0.91
N MET A 425 58.48 -0.30 1.65
CA MET A 425 58.63 0.58 2.82
C MET A 425 59.28 -0.19 3.97
N ALA A 426 59.13 -1.53 3.96
CA ALA A 426 59.72 -2.43 4.95
C ALA A 426 61.20 -2.65 4.62
N ALA A 427 61.58 -2.50 3.33
CA ALA A 427 62.96 -2.60 2.87
C ALA A 427 63.68 -1.29 3.19
N LEU A 428 63.03 -0.11 2.94
CA LEU A 428 63.55 1.23 3.26
C LEU A 428 63.82 1.32 4.77
N GLU A 429 62.92 0.75 5.60
CA GLU A 429 63.05 0.69 7.07
C GLU A 429 64.30 -0.12 7.48
N LYS A 430 64.57 -1.24 6.78
CA LYS A 430 65.75 -2.09 7.02
C LYS A 430 67.04 -1.41 6.51
N ASP A 431 66.91 -0.44 5.57
CA ASP A 431 68.05 0.31 5.04
C ASP A 431 68.58 1.25 6.12
N TYR A 432 67.70 1.79 7.00
CA TYR A 432 68.11 2.59 8.15
C TYR A 432 68.70 1.67 9.25
N GLU A 433 68.39 0.36 9.18
CA GLU A 433 68.91 -0.65 10.11
C GLU A 433 70.33 -1.01 9.68
N GLU A 434 70.57 -1.23 8.35
CA GLU A 434 71.88 -1.56 7.73
C GLU A 434 72.90 -0.45 7.92
N VAL A 435 72.42 0.80 7.80
CA VAL A 435 73.19 2.04 7.97
C VAL A 435 73.33 2.36 9.47
N GLY A 436 72.20 2.52 10.17
CA GLY A 436 72.19 2.79 11.61
C GLY A 436 72.62 1.57 12.37
N VAL A 437 73.96 1.37 12.48
CA VAL A 437 74.58 0.21 13.14
C VAL A 437 75.10 0.52 14.53
N GLU B 3 28.43 20.35 -7.26
CA GLU B 3 27.00 20.37 -7.63
C GLU B 3 26.22 19.13 -7.21
N ILE B 4 24.95 19.32 -6.75
CA ILE B 4 24.01 18.28 -6.25
C ILE B 4 22.55 18.43 -6.79
N VAL B 5 21.97 17.28 -7.24
CA VAL B 5 20.61 17.12 -7.76
C VAL B 5 19.79 16.42 -6.66
N HIS B 6 18.63 16.99 -6.28
CA HIS B 6 17.80 16.49 -5.19
C HIS B 6 16.45 15.88 -5.62
N ILE B 7 16.29 14.57 -5.41
CA ILE B 7 15.06 13.85 -5.75
C ILE B 7 14.35 13.52 -4.44
N GLN B 8 13.03 13.78 -4.38
CA GLN B 8 12.18 13.44 -3.23
C GLN B 8 10.97 12.64 -3.68
N ALA B 9 10.77 11.46 -3.06
CA ALA B 9 9.72 10.52 -3.41
C ALA B 9 8.71 10.13 -2.30
N GLY B 10 7.44 10.32 -2.58
CA GLY B 10 6.37 9.93 -1.65
C GLY B 10 5.97 10.95 -0.60
N GLN B 11 4.94 10.57 0.19
CA GLN B 11 4.37 11.35 1.29
C GLN B 11 5.52 11.81 2.19
N CYS B 12 6.20 10.83 2.79
CA CYS B 12 7.33 11.06 3.67
C CYS B 12 8.41 11.87 2.96
N GLY B 13 9.01 11.29 1.91
CA GLY B 13 10.08 11.87 1.08
C GLY B 13 9.91 13.32 0.70
N ASN B 14 8.73 13.70 0.20
CA ASN B 14 8.50 15.09 -0.13
C ASN B 14 8.41 15.97 1.12
N GLN B 15 7.72 15.49 2.18
CA GLN B 15 7.52 16.21 3.44
C GLN B 15 8.83 16.53 4.12
N ILE B 16 9.67 15.47 4.28
CA ILE B 16 11.03 15.49 4.81
C ILE B 16 11.83 16.49 3.98
N GLY B 17 11.87 16.27 2.67
CA GLY B 17 12.58 17.08 1.68
C GLY B 17 12.19 18.54 1.68
N ALA B 18 10.87 18.83 1.75
CA ALA B 18 10.29 20.18 1.76
C ALA B 18 10.76 20.96 2.97
N LYS B 19 10.99 20.26 4.10
CA LYS B 19 11.47 20.88 5.33
C LYS B 19 12.95 21.22 5.20
N PHE B 20 13.78 20.24 4.73
CA PHE B 20 15.22 20.44 4.49
C PHE B 20 15.39 21.64 3.56
N TRP B 21 14.51 21.76 2.55
CA TRP B 21 14.53 22.84 1.58
C TRP B 21 14.12 24.18 2.14
N GLU B 22 13.30 24.18 3.18
CA GLU B 22 12.85 25.41 3.81
C GLU B 22 13.75 25.80 4.97
N VAL B 23 14.41 24.80 5.57
CA VAL B 23 15.38 24.95 6.67
C VAL B 23 16.65 25.65 6.13
N ILE B 24 17.23 25.09 5.03
CA ILE B 24 18.44 25.60 4.37
C ILE B 24 18.22 26.95 3.69
N SER B 25 17.01 27.19 3.16
CA SER B 25 16.71 28.46 2.52
C SER B 25 16.80 29.60 3.50
N ASP B 26 16.43 29.37 4.79
CA ASP B 26 16.57 30.39 5.84
C ASP B 26 18.07 30.66 6.12
N GLU B 27 18.88 29.59 6.16
CA GLU B 27 20.33 29.64 6.42
C GLU B 27 21.06 30.39 5.29
N HIS B 28 20.49 30.32 4.05
CA HIS B 28 21.05 30.90 2.83
C HIS B 28 20.43 32.23 2.33
N GLY B 29 19.49 32.79 3.08
CA GLY B 29 18.83 34.05 2.75
C GLY B 29 17.89 34.01 1.56
N ILE B 30 17.36 32.81 1.21
CA ILE B 30 16.42 32.61 0.10
C ILE B 30 14.98 32.68 0.63
N ASP B 31 14.30 33.81 0.37
CA ASP B 31 12.90 34.04 0.78
C ASP B 31 11.96 33.14 -0.05
N PRO B 32 10.79 32.68 0.47
CA PRO B 32 9.94 31.75 -0.32
C PRO B 32 9.56 32.10 -1.76
N THR B 33 10.05 33.25 -2.29
CA THR B 33 9.83 33.72 -3.65
C THR B 33 11.09 33.60 -4.52
N GLY B 34 12.08 32.84 -4.03
CA GLY B 34 13.35 32.59 -4.71
C GLY B 34 14.15 33.84 -5.02
N SER B 35 14.73 34.46 -3.98
CA SER B 35 15.54 35.68 -4.11
C SER B 35 16.44 35.82 -2.89
N TYR B 36 17.70 36.21 -3.12
CA TYR B 36 18.66 36.41 -2.03
C TYR B 36 18.38 37.72 -1.31
N HIS B 37 18.20 37.60 0.03
CA HIS B 37 17.95 38.70 0.96
C HIS B 37 18.77 38.54 2.25
N GLY B 38 19.78 37.66 2.18
CA GLY B 38 20.69 37.35 3.29
C GLY B 38 21.64 38.48 3.61
N ASP B 39 22.26 38.41 4.79
CA ASP B 39 23.19 39.43 5.27
C ASP B 39 24.58 39.33 4.64
N SER B 40 25.31 38.20 4.87
CA SER B 40 26.65 38.01 4.34
C SER B 40 26.75 37.17 3.08
N ASP B 41 27.69 37.58 2.19
CA ASP B 41 28.03 36.97 0.89
C ASP B 41 28.62 35.55 1.07
N LEU B 42 28.82 35.15 2.33
CA LEU B 42 29.28 33.84 2.80
C LEU B 42 28.18 32.81 2.53
N GLN B 43 26.92 33.29 2.47
CA GLN B 43 25.73 32.48 2.19
C GLN B 43 25.71 32.11 0.71
N LEU B 44 26.06 33.06 -0.18
CA LEU B 44 26.05 32.84 -1.62
C LEU B 44 27.26 32.12 -2.14
N GLU B 45 28.33 32.10 -1.34
CA GLU B 45 29.61 31.45 -1.65
C GLU B 45 29.42 30.02 -2.18
N ARG B 46 28.64 29.19 -1.48
CA ARG B 46 28.40 27.83 -1.95
C ARG B 46 26.91 27.53 -2.22
N ILE B 47 26.20 28.54 -2.75
CA ILE B 47 24.78 28.47 -3.09
C ILE B 47 24.54 27.57 -4.30
N ASN B 48 25.52 27.52 -5.22
CA ASN B 48 25.48 26.75 -6.46
C ASN B 48 25.38 25.25 -6.27
N VAL B 49 25.60 24.75 -5.03
CA VAL B 49 25.50 23.33 -4.73
C VAL B 49 24.02 22.89 -4.79
N TYR B 50 23.13 23.71 -4.20
CA TYR B 50 21.71 23.40 -4.14
C TYR B 50 20.81 24.25 -5.03
N TYR B 51 21.17 25.50 -5.32
CA TYR B 51 20.30 26.35 -6.15
C TYR B 51 20.89 26.69 -7.51
N ASN B 52 20.00 26.92 -8.49
CA ASN B 52 20.35 27.33 -9.84
C ASN B 52 19.89 28.79 -10.02
N GLU B 53 20.44 29.53 -10.99
CA GLU B 53 20.03 30.90 -11.23
C GLU B 53 19.04 30.98 -12.40
N ALA B 54 17.93 31.74 -12.23
CA ALA B 54 16.91 31.96 -13.27
C ALA B 54 16.82 33.45 -13.69
N THR B 55 17.98 34.16 -13.58
CA THR B 55 18.25 35.58 -13.82
C THR B 55 17.07 36.44 -14.34
N GLY B 56 16.21 36.91 -13.42
CA GLY B 56 16.31 36.68 -11.99
C GLY B 56 16.58 37.91 -11.14
N ASN B 57 17.54 37.89 -10.16
CA ASN B 57 18.48 36.82 -9.76
C ASN B 57 17.90 35.44 -9.66
N LYS B 58 16.69 35.31 -9.06
CA LYS B 58 15.93 34.09 -8.87
C LYS B 58 16.72 32.77 -8.64
N TYR B 59 16.69 32.27 -7.39
CA TYR B 59 17.39 31.05 -7.01
C TYR B 59 16.38 29.91 -6.88
N VAL B 60 16.50 28.92 -7.77
CA VAL B 60 15.64 27.74 -7.86
C VAL B 60 16.30 26.48 -7.26
N PRO B 61 15.66 25.81 -6.25
CA PRO B 61 16.28 24.60 -5.67
C PRO B 61 16.48 23.50 -6.70
N ARG B 62 17.68 22.90 -6.74
CA ARG B 62 17.97 21.82 -7.68
C ARG B 62 17.32 20.57 -7.08
N ALA B 63 15.98 20.52 -7.23
CA ALA B 63 15.11 19.47 -6.72
C ALA B 63 14.03 19.05 -7.72
N ILE B 64 13.72 17.74 -7.70
CA ILE B 64 12.74 17.00 -8.49
C ILE B 64 11.73 16.43 -7.48
N LEU B 65 10.47 16.78 -7.69
CA LEU B 65 9.39 16.32 -6.81
C LEU B 65 8.68 15.16 -7.48
N VAL B 66 8.73 13.96 -6.84
CA VAL B 66 8.19 12.71 -7.35
C VAL B 66 7.15 12.09 -6.43
N ASP B 67 5.98 11.76 -6.99
CA ASP B 67 4.87 11.13 -6.27
C ASP B 67 3.93 10.38 -7.24
N LEU B 68 3.48 9.15 -6.88
CA LEU B 68 2.61 8.42 -7.78
C LEU B 68 1.14 8.83 -7.73
N GLU B 69 0.77 9.71 -6.77
CA GLU B 69 -0.54 10.34 -6.57
C GLU B 69 -0.33 11.85 -6.36
N PRO B 70 -1.31 12.74 -6.64
CA PRO B 70 -1.02 14.18 -6.49
C PRO B 70 -0.89 14.67 -5.04
N GLY B 71 -1.93 14.48 -4.21
CA GLY B 71 -2.02 14.86 -2.80
C GLY B 71 -0.90 15.69 -2.17
N THR B 72 0.23 15.01 -1.83
CA THR B 72 1.45 15.55 -1.19
C THR B 72 2.11 16.69 -1.95
N MET B 73 2.15 16.61 -3.29
CA MET B 73 2.72 17.63 -4.16
C MET B 73 1.95 18.94 -4.01
N ASP B 74 0.62 18.84 -4.04
CA ASP B 74 -0.30 19.96 -3.90
C ASP B 74 -0.16 20.64 -2.55
N SER B 75 0.16 19.85 -1.49
CA SER B 75 0.39 20.30 -0.12
C SER B 75 1.57 21.27 -0.10
N VAL B 76 2.65 20.89 -0.83
CA VAL B 76 3.87 21.65 -1.00
C VAL B 76 3.59 22.86 -1.91
N ARG B 77 2.84 22.64 -3.01
CA ARG B 77 2.44 23.69 -3.96
C ARG B 77 1.75 24.81 -3.17
N SER B 78 0.79 24.41 -2.32
CA SER B 78 0.02 25.30 -1.47
C SER B 78 0.83 25.68 -0.21
N GLY B 79 1.99 25.04 -0.05
CA GLY B 79 2.91 25.24 1.05
C GLY B 79 3.52 26.63 1.20
N PRO B 80 4.33 26.82 2.28
CA PRO B 80 4.92 28.15 2.54
C PRO B 80 6.10 28.51 1.64
N PHE B 81 7.04 27.57 1.48
CA PHE B 81 8.20 27.76 0.62
C PHE B 81 7.93 27.34 -0.83
N GLY B 82 6.92 26.49 -1.05
CA GLY B 82 6.46 25.95 -2.32
C GLY B 82 6.66 26.74 -3.61
N GLN B 83 6.40 28.06 -3.59
CA GLN B 83 6.57 28.97 -4.74
C GLN B 83 8.01 28.98 -5.32
N ILE B 84 8.92 28.25 -4.66
CA ILE B 84 10.34 28.16 -4.96
C ILE B 84 10.75 27.16 -6.03
N PHE B 85 10.08 26.00 -6.08
CA PHE B 85 10.42 24.92 -7.00
C PHE B 85 10.00 25.18 -8.43
N ARG B 86 10.77 24.63 -9.39
CA ARG B 86 10.50 24.74 -10.82
C ARG B 86 9.21 23.95 -11.10
N PRO B 87 8.18 24.58 -11.70
CA PRO B 87 6.92 23.85 -11.98
C PRO B 87 7.18 22.56 -12.77
N ASP B 88 8.07 22.67 -13.77
CA ASP B 88 8.58 21.66 -14.68
C ASP B 88 9.26 20.50 -13.94
N ASN B 89 9.41 20.63 -12.60
CA ASN B 89 10.05 19.63 -11.75
C ASN B 89 9.08 18.84 -10.82
N PHE B 90 7.75 19.07 -10.95
CA PHE B 90 6.77 18.30 -10.17
C PHE B 90 6.36 17.16 -11.07
N VAL B 91 6.87 15.98 -10.77
CA VAL B 91 6.63 14.80 -11.60
C VAL B 91 5.75 13.85 -10.82
N PHE B 92 4.43 13.89 -11.05
CA PHE B 92 3.48 13.05 -10.32
C PHE B 92 2.60 12.19 -11.21
N GLY B 93 1.92 11.23 -10.58
CA GLY B 93 0.94 10.32 -11.18
C GLY B 93 -0.42 10.55 -10.56
N GLN B 94 -1.38 9.67 -10.88
CA GLN B 94 -2.76 9.77 -10.38
C GLN B 94 -3.24 8.54 -9.59
N SER B 95 -2.63 7.38 -9.89
CA SER B 95 -2.85 6.07 -9.27
C SER B 95 -1.69 5.90 -8.23
N GLY B 96 -2.02 6.16 -6.97
CA GLY B 96 -1.07 6.28 -5.86
C GLY B 96 -0.16 5.21 -5.28
N ALA B 97 0.14 4.07 -5.99
CA ALA B 97 0.99 2.94 -5.48
C ALA B 97 0.43 2.27 -4.22
N GLY B 98 -0.33 3.04 -3.44
CA GLY B 98 -1.01 2.65 -2.22
C GLY B 98 -0.27 1.73 -1.29
N ASN B 99 0.87 2.23 -0.73
CA ASN B 99 1.76 1.57 0.25
C ASN B 99 2.14 0.14 -0.17
N ASN B 100 2.53 -0.01 -1.45
CA ASN B 100 2.89 -1.30 -2.05
C ASN B 100 4.24 -1.11 -2.71
N TRP B 101 5.25 -1.82 -2.22
CA TRP B 101 6.58 -1.70 -2.81
C TRP B 101 6.51 -2.15 -4.26
N ALA B 102 5.74 -3.22 -4.51
CA ALA B 102 5.55 -3.77 -5.84
C ALA B 102 4.93 -2.76 -6.84
N LYS B 103 3.89 -2.00 -6.40
CA LYS B 103 3.24 -0.98 -7.22
C LYS B 103 4.22 0.15 -7.58
N GLY B 104 4.92 0.67 -6.56
CA GLY B 104 5.92 1.71 -6.69
C GLY B 104 7.11 1.30 -7.51
N HIS B 105 7.74 0.18 -7.17
CA HIS B 105 8.92 -0.33 -7.89
C HIS B 105 8.62 -0.94 -9.25
N TYR B 106 7.52 -1.75 -9.37
CA TYR B 106 7.18 -2.40 -10.63
C TYR B 106 6.15 -1.65 -11.45
N THR B 107 4.91 -2.20 -11.53
CA THR B 107 3.73 -1.72 -12.28
C THR B 107 3.63 -0.19 -12.47
N GLU B 108 3.15 0.54 -11.42
CA GLU B 108 2.93 1.99 -11.38
C GLU B 108 4.10 2.92 -11.62
N GLY B 109 5.13 2.79 -10.83
CA GLY B 109 6.34 3.61 -10.93
C GLY B 109 6.99 3.57 -12.30
N ALA B 110 7.07 2.38 -12.94
CA ALA B 110 7.64 2.16 -14.27
C ALA B 110 7.01 3.06 -15.32
N GLU B 111 5.71 3.34 -15.14
CA GLU B 111 4.97 4.20 -16.03
C GLU B 111 5.46 5.63 -15.85
N LEU B 112 5.64 6.07 -14.59
CA LEU B 112 6.11 7.42 -14.30
C LEU B 112 7.67 7.58 -14.28
N VAL B 113 8.42 6.47 -14.20
CA VAL B 113 9.89 6.51 -14.13
C VAL B 113 10.56 7.35 -15.19
N ASP B 114 10.41 7.01 -16.49
CA ASP B 114 11.07 7.75 -17.57
C ASP B 114 10.75 9.22 -17.60
N SER B 115 9.53 9.59 -17.18
CA SER B 115 9.07 10.98 -17.11
C SER B 115 9.93 11.79 -16.13
N VAL B 116 10.25 11.18 -14.98
CA VAL B 116 11.08 11.77 -13.94
C VAL B 116 12.52 11.88 -14.45
N LEU B 117 13.11 10.76 -14.92
CA LEU B 117 14.49 10.65 -15.40
C LEU B 117 14.88 11.69 -16.45
N ASP B 118 13.93 12.03 -17.34
CA ASP B 118 14.09 13.05 -18.38
C ASP B 118 14.29 14.40 -17.68
N VAL B 119 13.59 14.63 -16.55
CA VAL B 119 13.71 15.82 -15.72
C VAL B 119 15.15 15.88 -15.14
N VAL B 120 15.58 14.79 -14.50
CA VAL B 120 16.92 14.73 -13.93
C VAL B 120 18.00 14.91 -15.02
N ARG B 121 17.75 14.38 -16.24
CA ARG B 121 18.67 14.56 -17.37
C ARG B 121 18.89 16.07 -17.56
N LYS B 122 17.77 16.85 -17.70
CA LYS B 122 17.72 18.31 -17.87
C LYS B 122 18.46 19.03 -16.75
N GLU B 123 18.09 18.76 -15.48
CA GLU B 123 18.70 19.37 -14.29
C GLU B 123 20.21 19.15 -14.14
N SER B 124 20.75 18.09 -14.79
CA SER B 124 22.17 17.76 -14.77
C SER B 124 23.02 18.48 -15.85
N GLU B 125 22.38 18.91 -16.97
CA GLU B 125 23.00 19.65 -18.09
C GLU B 125 23.47 21.05 -17.63
N SER B 126 22.74 21.64 -16.65
CA SER B 126 22.96 22.95 -16.03
C SER B 126 24.08 22.98 -14.92
N CYS B 127 24.82 21.85 -14.71
CA CYS B 127 25.91 21.74 -13.71
C CYS B 127 27.26 21.68 -14.42
N ASP B 128 28.25 22.47 -13.93
CA ASP B 128 29.63 22.49 -14.44
C ASP B 128 30.22 21.12 -14.13
N CYS B 129 30.17 20.69 -12.84
CA CYS B 129 30.58 19.36 -12.41
C CYS B 129 29.77 18.81 -11.22
N LEU B 130 28.84 17.88 -11.51
CA LEU B 130 28.02 17.22 -10.50
C LEU B 130 28.80 16.21 -9.64
N GLN B 131 28.50 16.15 -8.32
CA GLN B 131 29.12 15.22 -7.37
C GLN B 131 28.37 13.90 -7.46
N GLY B 132 27.05 14.04 -7.34
CA GLY B 132 26.09 12.96 -7.36
C GLY B 132 24.68 13.40 -7.03
N PHE B 133 23.91 12.46 -6.43
CA PHE B 133 22.50 12.60 -6.13
C PHE B 133 22.15 12.40 -4.67
N GLN B 134 21.00 12.99 -4.30
CA GLN B 134 20.44 13.00 -2.96
C GLN B 134 18.98 12.61 -2.96
N LEU B 135 18.66 11.43 -2.36
CA LEU B 135 17.28 10.98 -2.23
C LEU B 135 16.76 10.99 -0.78
N THR B 136 15.58 11.60 -0.60
CA THR B 136 14.82 11.63 0.65
C THR B 136 13.56 10.83 0.34
N HIS B 137 13.31 9.76 1.12
CA HIS B 137 12.21 8.83 0.94
C HIS B 137 12.08 7.93 2.17
N SER B 138 10.89 7.33 2.37
CA SER B 138 10.65 6.36 3.44
C SER B 138 10.86 4.97 2.85
N LEU B 139 10.97 3.94 3.70
CA LEU B 139 11.09 2.56 3.24
C LEU B 139 9.87 1.70 3.57
N GLY B 140 8.84 2.32 4.14
CA GLY B 140 7.58 1.61 4.43
C GLY B 140 6.42 1.69 3.44
N GLY B 141 6.37 2.75 2.62
CA GLY B 141 5.31 2.96 1.64
C GLY B 141 5.56 2.29 0.30
N GLY B 142 5.01 2.88 -0.76
CA GLY B 142 5.16 2.41 -2.14
C GLY B 142 6.01 3.28 -3.06
N THR B 143 5.66 4.60 -3.16
CA THR B 143 6.33 5.58 -4.02
C THR B 143 7.83 5.69 -3.62
N GLY B 144 8.07 6.21 -2.41
CA GLY B 144 9.40 6.39 -1.84
C GLY B 144 10.16 5.10 -1.64
N SER B 145 9.46 4.06 -1.21
CA SER B 145 10.05 2.76 -0.97
C SER B 145 10.45 2.01 -2.26
N GLY B 146 9.50 1.85 -3.19
CA GLY B 146 9.67 1.10 -4.43
C GLY B 146 10.21 1.93 -5.58
N MET B 147 9.54 3.04 -5.92
CA MET B 147 9.98 3.91 -7.02
C MET B 147 11.34 4.54 -6.72
N GLY B 148 11.50 4.98 -5.47
CA GLY B 148 12.73 5.56 -4.91
C GLY B 148 13.89 4.62 -5.11
N THR B 149 13.72 3.33 -4.80
CA THR B 149 14.77 2.32 -5.08
C THR B 149 14.98 2.20 -6.62
N LEU B 150 13.86 2.02 -7.39
CA LEU B 150 13.83 1.91 -8.86
C LEU B 150 14.56 3.06 -9.56
N LEU B 151 14.30 4.30 -9.07
CA LEU B 151 14.90 5.54 -9.52
C LEU B 151 16.41 5.44 -9.35
N ILE B 152 16.87 5.10 -8.10
CA ILE B 152 18.27 4.92 -7.70
C ILE B 152 18.98 4.01 -8.71
N SER B 153 18.33 2.87 -9.03
CA SER B 153 18.79 1.84 -9.96
C SER B 153 18.90 2.35 -11.39
N LYS B 154 17.88 3.07 -11.87
CA LYS B 154 17.90 3.63 -13.22
C LYS B 154 18.92 4.74 -13.32
N ILE B 155 19.18 5.45 -12.19
CA ILE B 155 20.16 6.55 -12.09
C ILE B 155 21.58 6.02 -12.14
N ARG B 156 21.83 4.95 -11.37
CA ARG B 156 23.06 4.17 -11.26
C ARG B 156 23.46 3.74 -12.69
N GLU B 157 22.46 3.26 -13.44
CA GLU B 157 22.53 2.82 -14.83
C GLU B 157 22.86 3.99 -15.77
N GLU B 158 22.43 5.24 -15.45
CA GLU B 158 22.65 6.45 -16.26
C GLU B 158 23.95 7.22 -15.88
N TYR B 159 24.29 7.28 -14.56
CA TYR B 159 25.49 7.98 -14.04
C TYR B 159 26.31 7.07 -13.11
N PRO B 160 26.91 5.93 -13.60
CA PRO B 160 27.64 5.01 -12.69
C PRO B 160 28.64 5.67 -11.75
N ASP B 161 29.44 6.58 -12.33
CA ASP B 161 30.49 7.38 -11.71
C ASP B 161 29.94 8.32 -10.63
N ARG B 162 28.68 8.78 -10.75
CA ARG B 162 28.12 9.66 -9.73
C ARG B 162 27.79 8.98 -8.43
N ILE B 163 27.83 9.76 -7.35
CA ILE B 163 27.63 9.29 -5.99
C ILE B 163 26.15 9.20 -5.55
N MET B 164 25.80 8.16 -4.77
CA MET B 164 24.43 7.94 -4.29
C MET B 164 24.20 8.11 -2.78
N ASN B 165 23.56 9.24 -2.44
CA ASN B 165 23.25 9.64 -1.07
C ASN B 165 21.75 9.52 -0.77
N THR B 166 21.38 8.85 0.35
CA THR B 166 19.98 8.68 0.75
C THR B 166 19.65 9.00 2.19
N PHE B 167 18.44 9.55 2.37
CA PHE B 167 17.82 9.85 3.66
C PHE B 167 16.60 8.96 3.74
N SER B 168 16.87 7.71 4.16
CA SER B 168 15.90 6.64 4.25
C SER B 168 15.27 6.58 5.60
N VAL B 169 13.95 6.82 5.66
CA VAL B 169 13.22 6.73 6.93
C VAL B 169 12.66 5.34 7.13
N MET B 170 13.27 4.64 8.12
CA MET B 170 12.99 3.27 8.53
C MET B 170 11.67 3.22 9.25
N PRO B 171 10.73 2.29 8.92
CA PRO B 171 9.44 2.28 9.60
C PRO B 171 9.54 1.61 10.97
N SER B 172 8.44 1.60 11.73
CA SER B 172 8.37 0.97 13.04
C SER B 172 6.95 0.54 13.22
N PRO B 173 6.65 -0.44 14.12
CA PRO B 173 5.23 -0.82 14.33
C PRO B 173 4.47 0.22 15.19
N LYS B 174 5.24 1.08 15.93
CA LYS B 174 4.82 2.17 16.83
C LYS B 174 4.26 3.31 15.99
N VAL B 175 5.08 3.80 15.06
CA VAL B 175 4.64 4.86 14.16
C VAL B 175 4.09 4.20 12.90
N SER B 176 2.82 4.47 12.57
CA SER B 176 2.10 3.88 11.45
C SER B 176 1.66 2.46 11.77
N ASP B 177 0.51 2.07 11.19
CA ASP B 177 -0.10 0.76 11.45
C ASP B 177 -0.32 -0.09 10.20
N THR B 178 0.25 0.32 9.04
CA THR B 178 0.12 -0.48 7.81
C THR B 178 0.98 -1.72 7.94
N VAL B 179 0.32 -2.86 8.11
CA VAL B 179 0.88 -4.19 8.35
C VAL B 179 2.02 -4.58 7.43
N VAL B 180 1.85 -4.33 6.14
CA VAL B 180 2.75 -4.65 5.04
C VAL B 180 4.17 -4.07 5.14
N GLU B 181 4.35 -3.00 5.94
CA GLU B 181 5.60 -2.26 6.12
C GLU B 181 6.91 -3.03 6.10
N PRO B 182 7.11 -4.12 6.90
CA PRO B 182 8.38 -4.88 6.86
C PRO B 182 8.76 -5.42 5.47
N TYR B 183 7.73 -5.77 4.65
CA TYR B 183 7.87 -6.29 3.29
C TYR B 183 8.49 -5.21 2.45
N ASN B 184 7.85 -4.01 2.42
CA ASN B 184 8.34 -2.84 1.70
C ASN B 184 9.78 -2.53 2.12
N ALA B 185 10.02 -2.33 3.44
CA ALA B 185 11.33 -2.01 4.01
C ALA B 185 12.45 -2.93 3.58
N THR B 186 12.30 -4.26 3.83
CA THR B 186 13.26 -5.33 3.48
C THR B 186 13.57 -5.30 1.98
N LEU B 187 12.51 -5.10 1.14
CA LEU B 187 12.69 -5.08 -0.31
C LEU B 187 13.49 -3.88 -0.72
N SER B 188 13.28 -2.71 -0.04
CA SER B 188 14.04 -1.45 -0.27
C SER B 188 15.49 -1.60 0.20
N VAL B 189 15.70 -2.04 1.45
CA VAL B 189 17.00 -2.26 2.07
C VAL B 189 17.92 -3.06 1.15
N HIS B 190 17.43 -4.20 0.64
CA HIS B 190 18.08 -5.12 -0.31
C HIS B 190 18.69 -4.34 -1.50
N GLN B 191 17.95 -3.34 -2.02
CA GLN B 191 18.32 -2.46 -3.13
C GLN B 191 19.33 -1.35 -2.73
N LEU B 192 19.24 -0.83 -1.48
CA LEU B 192 20.14 0.19 -0.94
C LEU B 192 21.57 -0.33 -0.72
N VAL B 193 21.69 -1.54 -0.13
CA VAL B 193 22.93 -2.28 0.13
C VAL B 193 23.82 -2.33 -1.13
N GLU B 194 23.15 -2.38 -2.31
CA GLU B 194 23.80 -2.49 -3.61
C GLU B 194 23.86 -1.18 -4.41
N ASN B 195 22.86 -0.32 -4.25
CA ASN B 195 22.80 0.85 -5.10
C ASN B 195 23.12 2.22 -4.52
N THR B 196 23.34 2.35 -3.22
CA THR B 196 23.74 3.67 -2.73
C THR B 196 25.13 3.63 -2.15
N ASP B 197 25.74 4.81 -1.95
CA ASP B 197 27.11 4.93 -1.41
C ASP B 197 27.10 5.34 0.06
N GLU B 198 26.22 6.28 0.43
CA GLU B 198 26.01 6.74 1.80
C GLU B 198 24.52 6.60 2.01
N THR B 199 24.11 6.12 3.19
CA THR B 199 22.69 5.98 3.49
C THR B 199 22.45 6.40 4.93
N TYR B 200 21.74 7.53 5.11
CA TYR B 200 21.40 8.04 6.43
C TYR B 200 20.15 7.34 6.91
N SER B 201 20.36 6.42 7.89
CA SER B 201 19.36 5.57 8.52
C SER B 201 18.66 6.32 9.66
N ILE B 202 17.49 6.86 9.33
CA ILE B 202 16.58 7.59 10.23
C ILE B 202 15.48 6.57 10.61
N ASP B 203 15.42 6.19 11.90
CA ASP B 203 14.44 5.26 12.44
C ASP B 203 13.36 6.07 13.15
N ASN B 204 12.10 5.89 12.70
CA ASN B 204 10.86 6.49 13.22
C ASN B 204 10.62 6.06 14.66
N GLU B 205 11.01 4.82 14.99
CA GLU B 205 10.97 4.26 16.35
C GLU B 205 11.72 5.27 17.25
N ALA B 206 12.96 5.66 16.82
CA ALA B 206 13.83 6.62 17.53
C ALA B 206 13.23 8.04 17.58
N LEU B 207 12.84 8.62 16.41
CA LEU B 207 12.22 9.96 16.36
C LEU B 207 10.99 10.05 17.25
N TYR B 208 10.13 9.01 17.29
CA TYR B 208 8.97 9.01 18.17
C TYR B 208 9.37 9.04 19.66
N ASP B 209 10.34 8.20 20.04
CA ASP B 209 10.81 8.06 21.42
C ASP B 209 11.45 9.35 21.93
N ILE B 210 12.20 10.05 21.03
CA ILE B 210 12.83 11.35 21.29
C ILE B 210 11.76 12.42 21.58
N CYS B 211 10.72 12.48 20.72
CA CYS B 211 9.58 13.38 20.83
C CYS B 211 8.84 13.05 22.11
N PHE B 212 8.45 11.79 22.25
CA PHE B 212 7.69 11.29 23.38
C PHE B 212 8.35 11.49 24.76
N ARG B 213 9.50 10.84 24.96
CA ARG B 213 10.21 10.85 26.23
C ARG B 213 11.03 12.13 26.51
N THR B 214 12.02 12.42 25.67
CA THR B 214 12.93 13.56 25.86
C THR B 214 12.27 14.93 25.66
N LEU B 215 11.53 15.13 24.54
CA LEU B 215 10.89 16.41 24.23
C LEU B 215 9.60 16.64 25.03
N LYS B 216 9.18 15.62 25.81
CA LYS B 216 7.98 15.60 26.63
C LYS B 216 6.69 15.74 25.77
N LEU B 217 6.81 15.54 24.42
CA LEU B 217 5.69 15.65 23.48
C LEU B 217 4.68 14.52 23.68
N THR B 218 3.60 14.82 24.43
CA THR B 218 2.55 13.86 24.81
C THR B 218 1.95 13.09 23.62
N THR B 219 1.66 13.82 22.54
CA THR B 219 1.12 13.25 21.31
C THR B 219 1.95 13.82 20.18
N PRO B 220 3.03 13.12 19.81
CA PRO B 220 3.88 13.63 18.72
C PRO B 220 3.16 13.61 17.37
N THR B 221 3.47 14.59 16.52
CA THR B 221 2.93 14.69 15.16
C THR B 221 4.08 14.44 14.14
N TYR B 222 3.74 14.39 12.82
CA TYR B 222 4.79 14.19 11.81
C TYR B 222 5.66 15.41 11.75
N GLY B 223 5.03 16.59 11.91
CA GLY B 223 5.72 17.87 11.94
C GLY B 223 6.88 17.90 12.90
N ASP B 224 6.68 17.24 14.07
CA ASP B 224 7.62 17.08 15.18
C ASP B 224 8.78 16.16 14.82
N LEU B 225 8.45 14.98 14.23
CA LEU B 225 9.41 13.96 13.82
C LEU B 225 10.30 14.60 12.75
N ASN B 226 9.65 15.23 11.75
CA ASN B 226 10.27 15.93 10.62
C ASN B 226 11.17 17.09 11.00
N HIS B 227 10.87 17.78 12.13
CA HIS B 227 11.65 18.89 12.65
C HIS B 227 13.07 18.41 13.02
N LEU B 228 13.15 17.21 13.63
CA LEU B 228 14.38 16.54 14.04
C LEU B 228 15.18 16.03 12.83
N VAL B 229 14.45 15.64 11.78
CA VAL B 229 15.05 15.11 10.56
C VAL B 229 15.69 16.27 9.83
N SER B 230 14.90 17.36 9.60
CA SER B 230 15.33 18.61 8.95
C SER B 230 16.59 19.21 9.63
N ALA B 231 16.59 19.17 10.99
CA ALA B 231 17.68 19.62 11.85
C ALA B 231 18.92 18.91 11.44
N THR B 232 18.90 17.56 11.45
CA THR B 232 20.03 16.70 11.07
C THR B 232 20.44 16.88 9.59
N MET B 233 19.45 16.80 8.65
CA MET B 233 19.64 16.97 7.20
C MET B 233 20.40 18.22 6.84
N SER B 234 20.31 19.28 7.67
CA SER B 234 21.05 20.54 7.45
C SER B 234 22.44 20.41 8.05
N GLY B 235 22.50 19.78 9.21
CA GLY B 235 23.72 19.56 9.97
C GLY B 235 24.69 18.63 9.27
N VAL B 236 24.18 17.61 8.55
CA VAL B 236 25.00 16.66 7.79
C VAL B 236 25.49 17.31 6.49
N THR B 237 24.76 18.32 5.97
CA THR B 237 25.15 19.02 4.75
C THR B 237 25.86 20.34 5.03
N THR B 238 26.27 20.60 6.29
CA THR B 238 26.96 21.84 6.68
C THR B 238 28.26 22.00 5.90
N CYS B 239 29.05 20.92 5.77
CA CYS B 239 30.32 20.94 5.04
C CYS B 239 30.20 21.06 3.51
N LEU B 240 29.00 20.82 2.94
CA LEU B 240 28.78 20.93 1.49
C LEU B 240 28.41 22.33 1.07
N ARG B 241 27.52 22.99 1.83
CA ARG B 241 27.02 24.33 1.49
C ARG B 241 27.69 25.50 2.24
N PHE B 242 28.41 25.22 3.34
CA PHE B 242 29.07 26.27 4.09
C PHE B 242 30.58 26.26 4.03
N PRO B 243 31.17 27.42 3.59
CA PRO B 243 32.64 27.52 3.49
C PRO B 243 33.42 27.61 4.81
N GLY B 244 34.20 26.56 5.05
CA GLY B 244 35.08 26.43 6.19
C GLY B 244 36.42 25.93 5.71
N GLN B 245 37.26 25.39 6.64
CA GLN B 245 38.58 24.80 6.31
C GLN B 245 38.35 23.51 5.52
N LEU B 246 37.07 23.05 5.54
CA LEU B 246 36.50 21.91 4.82
C LEU B 246 35.38 22.53 3.94
N ASN B 247 35.54 22.63 2.57
CA ASN B 247 36.61 22.18 1.64
C ASN B 247 36.72 20.67 1.37
N ALA B 248 35.52 20.02 1.36
CA ALA B 248 35.27 18.61 1.07
C ALA B 248 33.93 18.44 0.36
N ASP B 249 33.62 17.19 -0.04
CA ASP B 249 32.40 16.87 -0.77
C ASP B 249 31.91 15.46 -0.46
N LEU B 250 30.81 15.09 -1.12
CA LEU B 250 30.11 13.80 -1.04
C LEU B 250 30.99 12.55 -1.23
N ARG B 251 31.89 12.52 -2.26
CA ARG B 251 32.77 11.37 -2.55
C ARG B 251 33.92 11.22 -1.53
N LYS B 252 34.55 12.36 -1.09
CA LYS B 252 35.60 12.34 -0.05
C LYS B 252 34.98 11.80 1.27
N LEU B 253 33.70 12.18 1.54
CA LEU B 253 32.99 11.73 2.72
C LEU B 253 32.80 10.23 2.64
N ALA B 254 32.44 9.69 1.46
CA ALA B 254 32.22 8.26 1.23
C ALA B 254 33.51 7.45 1.40
N VAL B 255 34.58 7.88 0.70
CA VAL B 255 35.92 7.29 0.76
C VAL B 255 36.34 7.15 2.22
N ASN B 256 36.08 8.17 3.04
CA ASN B 256 36.46 8.21 4.45
C ASN B 256 35.50 7.55 5.44
N MET B 257 34.25 7.44 5.10
CA MET B 257 33.33 6.86 6.05
C MET B 257 33.17 5.38 5.85
N VAL B 258 32.99 4.98 4.59
CA VAL B 258 32.72 3.62 4.17
C VAL B 258 34.05 2.82 3.92
N PRO B 259 34.38 1.87 4.83
CA PRO B 259 35.62 1.08 4.67
C PRO B 259 35.42 -0.19 3.84
N PHE B 260 34.15 -0.66 3.80
CA PHE B 260 33.64 -1.84 3.11
C PHE B 260 32.37 -1.43 2.40
N PRO B 261 32.26 -1.74 1.08
CA PRO B 261 31.14 -1.24 0.27
C PRO B 261 29.75 -1.33 0.83
N ARG B 262 29.35 -2.55 1.29
CA ARG B 262 28.03 -2.89 1.80
C ARG B 262 27.70 -2.20 3.12
N LEU B 263 28.74 -2.01 3.95
CA LEU B 263 28.60 -1.36 5.25
C LEU B 263 28.69 0.12 5.02
N HIS B 264 27.54 0.75 4.74
CA HIS B 264 27.48 2.17 4.41
C HIS B 264 26.22 2.87 4.95
N PHE B 265 25.66 2.31 6.02
CA PHE B 265 24.44 2.84 6.63
C PHE B 265 24.83 3.55 7.91
N PHE B 266 24.54 4.86 7.95
CA PHE B 266 24.98 5.70 9.05
C PHE B 266 23.93 6.00 10.04
N MET B 267 24.37 6.17 11.29
CA MET B 267 23.54 6.52 12.42
C MET B 267 23.59 8.05 12.61
N PRO B 268 22.50 8.74 12.24
CA PRO B 268 22.47 10.21 12.41
C PRO B 268 22.28 10.58 13.88
N GLY B 269 22.73 11.77 14.24
CA GLY B 269 22.66 12.27 15.60
C GLY B 269 22.81 13.77 15.73
N PHE B 270 21.91 14.39 16.51
CA PHE B 270 21.88 15.82 16.76
C PHE B 270 21.80 16.16 18.24
N ALA B 271 22.47 17.25 18.65
CA ALA B 271 22.49 17.81 20.00
C ALA B 271 22.65 19.35 19.85
N PRO B 272 21.78 20.20 20.45
CA PRO B 272 20.66 19.89 21.36
C PRO B 272 19.42 19.45 20.62
N LEU B 273 18.52 18.73 21.31
CA LEU B 273 17.29 18.31 20.67
C LEU B 273 16.16 19.35 20.94
N THR B 274 16.07 20.34 20.04
CA THR B 274 15.14 21.47 20.08
C THR B 274 13.70 21.04 19.85
N SER B 275 12.76 21.64 20.61
CA SER B 275 11.32 21.41 20.46
C SER B 275 10.80 22.45 19.44
N ARG B 276 9.67 22.15 18.76
CA ARG B 276 9.07 23.03 17.73
C ARG B 276 8.60 24.39 18.29
N GLY B 277 9.11 25.48 17.73
CA GLY B 277 8.78 26.84 18.14
C GLY B 277 9.41 27.25 19.46
N SER B 278 9.01 26.57 20.56
CA SER B 278 9.48 26.80 21.94
C SER B 278 10.78 25.99 22.28
N GLN B 279 11.71 26.54 23.10
CA GLN B 279 11.68 27.85 23.75
C GLN B 279 13.04 28.58 23.69
N GLN B 280 14.13 27.85 23.32
CA GLN B 280 15.53 28.31 23.25
C GLN B 280 16.08 28.60 24.66
N TYR B 281 16.68 29.80 24.89
CA TYR B 281 17.32 30.26 26.15
C TYR B 281 18.44 29.34 26.69
N ARG B 282 19.41 29.94 27.41
CA ARG B 282 20.57 29.26 28.02
C ARG B 282 21.53 28.53 27.05
N ALA B 283 22.81 28.93 27.09
CA ALA B 283 23.88 28.36 26.26
C ALA B 283 24.28 26.96 26.75
N LEU B 284 24.94 26.18 25.86
CA LEU B 284 25.45 24.84 26.15
C LEU B 284 26.93 24.91 26.40
N THR B 285 27.42 24.13 27.37
CA THR B 285 28.84 24.03 27.64
C THR B 285 29.41 23.04 26.60
N VAL B 286 30.72 23.11 26.29
CA VAL B 286 31.30 22.22 25.29
C VAL B 286 31.05 20.73 25.63
N PRO B 287 31.52 20.19 26.81
CA PRO B 287 31.19 18.79 27.15
C PRO B 287 29.69 18.46 27.06
N GLU B 288 28.80 19.36 27.57
CA GLU B 288 27.34 19.20 27.49
C GLU B 288 26.93 18.87 26.05
N LEU B 289 27.44 19.63 25.09
CA LEU B 289 27.19 19.43 23.67
C LEU B 289 27.82 18.13 23.13
N THR B 290 29.06 17.80 23.58
CA THR B 290 29.78 16.62 23.11
C THR B 290 29.23 15.25 23.53
N GLN B 291 29.12 14.99 24.87
CA GLN B 291 28.64 13.71 25.42
C GLN B 291 27.19 13.40 25.12
N GLN B 292 26.36 14.47 24.97
CA GLN B 292 24.93 14.41 24.63
C GLN B 292 24.84 13.75 23.29
N MET B 293 25.59 14.31 22.34
CA MET B 293 25.74 13.87 20.96
C MET B 293 26.23 12.41 20.83
N PHE B 294 27.18 11.98 21.68
CA PHE B 294 27.68 10.61 21.67
C PHE B 294 26.77 9.61 22.39
N ASP B 295 25.78 10.10 23.19
CA ASP B 295 24.77 9.29 23.90
C ASP B 295 23.66 8.84 22.92
N SER B 296 23.12 7.65 23.16
CA SER B 296 22.09 7.00 22.37
C SER B 296 20.74 7.74 22.29
N LYS B 297 20.37 8.51 23.35
CA LYS B 297 19.12 9.27 23.42
C LYS B 297 19.12 10.50 22.48
N ASN B 298 20.15 10.62 21.64
CA ASN B 298 20.30 11.71 20.69
C ASN B 298 20.40 11.21 19.23
N MET B 299 20.40 9.85 19.05
CA MET B 299 20.49 9.16 17.75
C MET B 299 19.11 8.98 17.07
N MET B 300 19.07 9.29 15.75
CA MET B 300 17.88 9.19 14.89
C MET B 300 17.67 7.75 14.45
N ALA B 301 18.56 6.81 14.84
CA ALA B 301 18.45 5.37 14.57
C ALA B 301 18.29 4.62 15.88
N ALA B 302 17.37 3.62 15.92
CA ALA B 302 17.06 2.80 17.12
C ALA B 302 17.94 1.55 17.23
N CYS B 303 19.16 1.79 17.73
CA CYS B 303 20.28 0.89 17.94
C CYS B 303 21.00 1.49 19.14
N ASP B 304 21.54 0.65 20.05
CA ASP B 304 22.36 1.15 21.14
C ASP B 304 23.79 1.05 20.61
N PRO B 305 24.52 2.19 20.50
CA PRO B 305 25.88 2.12 19.97
C PRO B 305 26.81 1.40 20.94
N ARG B 306 26.34 1.13 22.18
CA ARG B 306 27.12 0.38 23.16
C ARG B 306 27.02 -1.15 22.90
N HIS B 307 26.22 -1.55 21.88
CA HIS B 307 26.09 -2.94 21.41
C HIS B 307 26.97 -3.22 20.17
N GLY B 308 27.67 -2.21 19.67
CA GLY B 308 28.56 -2.35 18.53
C GLY B 308 29.93 -1.75 18.74
N ARG B 309 30.59 -1.41 17.64
CA ARG B 309 31.90 -0.79 17.55
C ARG B 309 31.84 0.20 16.36
N TYR B 310 32.25 1.46 16.60
CA TYR B 310 32.24 2.50 15.57
C TYR B 310 33.39 2.23 14.62
N LEU B 311 33.07 2.04 13.33
CA LEU B 311 34.09 1.80 12.31
C LEU B 311 34.75 3.15 11.98
N THR B 312 33.88 4.18 11.78
CA THR B 312 34.21 5.59 11.46
C THR B 312 33.14 6.49 12.09
N VAL B 313 33.52 7.73 12.45
CA VAL B 313 32.62 8.74 13.02
C VAL B 313 32.91 10.08 12.36
N ALA B 314 31.85 10.82 12.00
CA ALA B 314 31.91 12.19 11.47
C ALA B 314 31.13 13.04 12.48
N ALA B 315 31.67 14.23 12.83
CA ALA B 315 31.01 15.13 13.78
C ALA B 315 31.25 16.63 13.51
N VAL B 316 30.19 17.30 12.98
CA VAL B 316 30.18 18.74 12.68
C VAL B 316 29.65 19.48 13.91
N PHE B 317 30.39 20.51 14.37
CA PHE B 317 29.97 21.37 15.47
C PHE B 317 29.74 22.76 14.87
N ARG B 318 28.61 23.39 15.19
CA ARG B 318 28.29 24.72 14.66
C ARG B 318 28.41 25.84 15.71
N GLY B 319 28.51 27.08 15.22
CA GLY B 319 28.62 28.27 16.06
C GLY B 319 30.02 28.69 16.47
N ARG B 320 30.07 29.62 17.43
CA ARG B 320 31.31 30.14 18.00
C ARG B 320 31.59 29.35 19.27
N MET B 321 32.76 28.68 19.30
CA MET B 321 33.23 27.87 20.44
C MET B 321 34.74 27.70 20.40
N SER B 322 35.34 27.34 21.55
CA SER B 322 36.78 27.12 21.58
C SER B 322 37.08 25.80 20.89
N MET B 323 37.80 25.87 19.74
CA MET B 323 38.22 24.72 18.94
C MET B 323 38.98 23.76 19.84
N LYS B 324 39.78 24.33 20.77
CA LYS B 324 40.55 23.66 21.82
C LYS B 324 39.57 22.82 22.62
N GLU B 325 38.67 23.46 23.39
CA GLU B 325 37.65 22.83 24.22
C GLU B 325 36.94 21.65 23.55
N VAL B 326 36.56 21.81 22.27
CA VAL B 326 35.88 20.80 21.45
C VAL B 326 36.81 19.63 21.18
N ASP B 327 38.05 19.92 20.73
CA ASP B 327 39.07 18.90 20.44
C ASP B 327 39.41 18.15 21.71
N GLU B 328 39.56 18.90 22.82
CA GLU B 328 39.82 18.42 24.19
C GLU B 328 38.75 17.45 24.62
N GLN B 329 37.49 17.75 24.30
CA GLN B 329 36.36 16.91 24.65
C GLN B 329 36.21 15.65 23.83
N MET B 330 36.60 15.71 22.55
CA MET B 330 36.55 14.59 21.62
C MET B 330 37.54 13.52 22.08
N LEU B 331 38.85 13.88 22.16
CA LEU B 331 39.95 13.01 22.62
C LEU B 331 39.70 12.41 24.02
N ASN B 332 38.95 13.14 24.89
CA ASN B 332 38.56 12.73 26.25
C ASN B 332 37.58 11.57 26.18
N VAL B 333 36.56 11.71 25.31
CA VAL B 333 35.49 10.75 25.03
C VAL B 333 36.05 9.43 24.44
N GLN B 334 36.98 9.55 23.45
CA GLN B 334 37.65 8.43 22.77
C GLN B 334 38.55 7.68 23.77
N ASN B 335 39.24 8.43 24.66
CA ASN B 335 40.10 7.89 25.74
C ASN B 335 39.26 7.22 26.84
N LYS B 336 37.97 7.59 26.93
CA LYS B 336 37.03 7.04 27.90
C LYS B 336 36.37 5.77 27.36
N ASN B 337 35.73 5.84 26.18
CA ASN B 337 34.97 4.73 25.59
C ASN B 337 35.65 4.08 24.38
N SER B 338 36.95 3.72 24.55
CA SER B 338 37.84 3.08 23.57
C SER B 338 37.43 1.66 23.12
N SER B 339 36.63 0.94 23.95
CA SER B 339 36.12 -0.42 23.67
C SER B 339 35.21 -0.48 22.42
N TYR B 340 34.42 0.60 22.20
CA TYR B 340 33.42 0.70 21.17
C TYR B 340 33.84 1.47 19.92
N PHE B 341 35.17 1.63 19.71
CA PHE B 341 35.76 2.29 18.55
C PHE B 341 36.78 1.35 17.96
N VAL B 342 36.64 1.01 16.67
CA VAL B 342 37.60 0.10 16.04
C VAL B 342 39.05 0.62 16.13
N GLU B 343 39.93 -0.23 16.63
CA GLU B 343 41.33 0.10 16.85
C GLU B 343 42.17 -0.02 15.59
N TRP B 344 41.78 -0.96 14.71
CA TRP B 344 42.41 -1.26 13.42
C TRP B 344 42.22 -0.18 12.28
N ILE B 345 41.65 0.99 12.64
CA ILE B 345 41.44 2.15 11.78
C ILE B 345 41.87 3.36 12.61
N PRO B 346 43.09 3.87 12.41
CA PRO B 346 43.58 5.00 13.22
C PRO B 346 42.77 6.27 13.05
N ASN B 347 42.76 7.13 14.08
CA ASN B 347 42.06 8.42 14.16
C ASN B 347 40.74 8.41 13.38
N ASN B 348 39.89 7.39 13.66
CA ASN B 348 38.61 7.11 13.02
C ASN B 348 37.40 8.00 13.45
N VAL B 349 37.68 8.99 14.31
CA VAL B 349 36.73 9.99 14.79
C VAL B 349 37.23 11.34 14.26
N LYS B 350 36.46 11.95 13.33
CA LYS B 350 36.76 13.24 12.71
C LYS B 350 35.78 14.33 13.15
N THR B 351 36.31 15.52 13.52
CA THR B 351 35.50 16.64 13.98
C THR B 351 35.65 17.82 13.05
N ALA B 352 34.50 18.42 12.72
CA ALA B 352 34.37 19.62 11.88
C ALA B 352 33.78 20.75 12.74
N VAL B 353 33.95 22.01 12.26
CA VAL B 353 33.47 23.26 12.88
C VAL B 353 32.95 24.21 11.77
N CYS B 354 32.00 25.09 12.13
CA CYS B 354 31.40 26.13 11.29
C CYS B 354 30.97 27.29 12.19
N ASP B 355 31.57 28.48 12.00
CA ASP B 355 31.29 29.68 12.80
C ASP B 355 29.86 30.21 12.78
N ILE B 356 29.12 29.96 11.71
CA ILE B 356 27.72 30.38 11.64
C ILE B 356 26.84 29.31 12.35
N PRO B 357 26.18 29.62 13.49
CA PRO B 357 25.34 28.61 14.16
C PRO B 357 23.99 28.43 13.46
N PRO B 358 23.25 27.31 13.69
CA PRO B 358 21.93 27.16 13.03
C PRO B 358 20.85 28.12 13.56
N ARG B 359 19.67 28.10 12.90
CA ARG B 359 18.54 28.96 13.26
C ARG B 359 17.97 28.67 14.66
N GLY B 360 17.96 29.69 15.51
CA GLY B 360 17.38 29.62 16.86
C GLY B 360 18.31 29.19 17.96
N LEU B 361 19.13 28.16 17.69
CA LEU B 361 20.10 27.61 18.63
C LEU B 361 21.48 28.08 18.29
N LYS B 362 22.08 28.84 19.19
CA LYS B 362 23.40 29.40 18.97
C LYS B 362 24.52 28.48 19.47
N MET B 363 24.59 27.26 18.86
CA MET B 363 25.51 26.11 19.04
C MET B 363 24.80 24.76 18.89
N SER B 364 25.25 23.95 17.92
CA SER B 364 24.71 22.61 17.65
C SER B 364 25.79 21.65 17.18
N ALA B 365 25.53 20.34 17.25
CA ALA B 365 26.47 19.33 16.79
C ALA B 365 25.80 18.11 16.20
N THR B 366 26.04 17.92 14.90
CA THR B 366 25.51 16.80 14.14
C THR B 366 26.55 15.68 14.08
N PHE B 367 26.06 14.45 14.24
CA PHE B 367 26.88 13.26 14.34
C PHE B 367 26.48 12.24 13.30
N ILE B 368 27.48 11.59 12.71
CA ILE B 368 27.30 10.56 11.70
C ILE B 368 28.22 9.40 12.10
N GLY B 369 27.64 8.31 12.56
CA GLY B 369 28.42 7.15 12.97
C GLY B 369 28.22 5.98 12.05
N ASN B 370 29.29 5.30 11.66
CA ASN B 370 29.18 4.06 10.90
C ASN B 370 29.57 2.95 11.91
N SER B 371 28.58 2.56 12.78
CA SER B 371 28.67 1.55 13.86
C SER B 371 28.05 0.21 13.47
N THR B 372 28.70 -0.87 13.93
CA THR B 372 28.27 -2.24 13.68
C THR B 372 26.92 -2.51 14.31
N ALA B 373 26.54 -1.67 15.33
CA ALA B 373 25.27 -1.70 16.10
C ALA B 373 24.02 -1.62 15.19
N ILE B 374 24.13 -0.98 14.02
CA ILE B 374 23.07 -0.82 13.03
C ILE B 374 22.45 -2.14 12.57
N GLN B 375 23.13 -3.29 12.82
CA GLN B 375 22.58 -4.61 12.52
C GLN B 375 21.30 -4.84 13.34
N GLU B 376 21.20 -4.22 14.56
CA GLU B 376 20.05 -4.25 15.48
C GLU B 376 18.79 -3.70 14.77
N LEU B 377 18.94 -2.60 13.99
CA LEU B 377 17.84 -2.02 13.19
C LEU B 377 17.38 -3.06 12.16
N PHE B 378 18.33 -3.69 11.43
CA PHE B 378 18.02 -4.73 10.44
C PHE B 378 17.37 -6.00 11.06
N LYS B 379 17.93 -6.56 12.16
CA LYS B 379 17.35 -7.71 12.84
C LYS B 379 15.86 -7.40 13.18
N ARG B 380 15.63 -6.21 13.78
CA ARG B 380 14.33 -5.66 14.16
C ARG B 380 13.36 -5.77 12.96
N ILE B 381 13.77 -5.28 11.75
CA ILE B 381 13.03 -5.37 10.50
C ILE B 381 12.87 -6.85 10.08
N SER B 382 13.98 -7.61 9.96
CA SER B 382 13.97 -9.03 9.53
C SER B 382 13.07 -9.93 10.39
N GLU B 383 12.93 -9.60 11.69
CA GLU B 383 12.07 -10.32 12.61
C GLU B 383 10.58 -10.13 12.20
N GLN B 384 10.17 -8.85 12.01
CA GLN B 384 8.83 -8.44 11.63
C GLN B 384 8.45 -9.04 10.30
N PHE B 385 9.41 -9.07 9.36
CA PHE B 385 9.27 -9.65 8.03
C PHE B 385 8.86 -11.10 8.18
N THR B 386 9.76 -11.91 8.77
CA THR B 386 9.58 -13.36 9.01
C THR B 386 8.36 -13.73 9.84
N ALA B 387 7.85 -12.81 10.68
CA ALA B 387 6.65 -13.04 11.49
C ALA B 387 5.48 -13.34 10.55
N MET B 388 5.23 -12.41 9.62
CA MET B 388 4.19 -12.51 8.62
C MET B 388 4.58 -13.54 7.57
N PHE B 389 5.87 -13.51 7.14
CA PHE B 389 6.40 -14.37 6.07
C PHE B 389 6.33 -15.87 6.24
N ARG B 390 6.49 -16.40 7.48
CA ARG B 390 6.42 -17.84 7.70
C ARG B 390 5.05 -18.42 7.34
N ARG B 391 3.99 -17.63 7.59
CA ARG B 391 2.60 -17.95 7.29
C ARG B 391 2.14 -17.41 5.89
N LYS B 392 3.07 -16.67 5.19
CA LYS B 392 2.88 -16.06 3.87
C LYS B 392 1.73 -15.01 3.93
N ALA B 393 1.61 -14.30 5.06
CA ALA B 393 0.53 -13.32 5.24
C ALA B 393 0.76 -12.04 4.45
N PHE B 394 -0.33 -11.46 3.83
CA PHE B 394 -0.36 -10.20 3.05
C PHE B 394 0.43 -10.19 1.73
N LEU B 395 1.17 -11.28 1.52
CA LEU B 395 2.00 -11.59 0.35
C LEU B 395 1.18 -11.48 -0.96
N HIS B 396 -0.12 -11.81 -0.91
CA HIS B 396 -1.02 -11.75 -2.05
C HIS B 396 -1.02 -10.40 -2.77
N TRP B 397 -0.84 -9.29 -2.00
CA TRP B 397 -0.83 -7.91 -2.48
C TRP B 397 0.36 -7.65 -3.41
N TYR B 398 1.37 -8.49 -3.29
CA TYR B 398 2.61 -8.35 -4.02
C TYR B 398 2.62 -9.30 -5.21
N THR B 399 2.26 -10.58 -4.99
CA THR B 399 2.16 -11.58 -6.05
C THR B 399 1.15 -11.16 -7.15
N GLY B 400 0.17 -10.34 -6.75
CA GLY B 400 -0.84 -9.78 -7.63
C GLY B 400 -0.22 -8.78 -8.56
N GLU B 401 0.91 -8.15 -8.10
CA GLU B 401 1.68 -7.16 -8.88
C GLU B 401 2.74 -7.74 -9.82
N GLY B 402 2.75 -9.07 -9.97
CA GLY B 402 3.60 -9.84 -10.87
C GLY B 402 4.80 -10.51 -10.23
N MET B 403 4.92 -10.36 -8.91
CA MET B 403 6.02 -10.86 -8.11
C MET B 403 6.03 -12.36 -7.76
N ASP B 404 7.21 -12.78 -7.26
CA ASP B 404 7.52 -14.14 -6.82
C ASP B 404 7.93 -14.13 -5.35
N GLU B 405 7.73 -15.27 -4.67
CA GLU B 405 8.07 -15.45 -3.27
C GLU B 405 9.57 -15.42 -3.13
N MET B 406 10.26 -15.89 -4.19
CA MET B 406 11.70 -15.96 -4.38
C MET B 406 12.33 -14.61 -4.05
N GLU B 407 11.73 -13.52 -4.59
CA GLU B 407 12.13 -12.13 -4.40
C GLU B 407 12.05 -11.68 -2.93
N PHE B 408 11.17 -12.30 -2.12
CA PHE B 408 11.06 -11.99 -0.69
C PHE B 408 12.17 -12.76 0.04
N THR B 409 12.35 -14.05 -0.32
CA THR B 409 13.39 -14.92 0.22
C THR B 409 14.72 -14.20 0.04
N GLU B 410 15.05 -13.82 -1.20
CA GLU B 410 16.28 -13.10 -1.54
C GLU B 410 16.49 -11.84 -0.69
N ALA B 411 15.47 -10.94 -0.62
CA ALA B 411 15.52 -9.68 0.14
C ALA B 411 15.92 -9.90 1.61
N GLU B 412 15.28 -10.88 2.27
CA GLU B 412 15.60 -11.23 3.65
C GLU B 412 17.00 -11.86 3.74
N SER B 413 17.31 -12.79 2.82
CA SER B 413 18.59 -13.50 2.75
C SER B 413 19.73 -12.52 2.58
N ASN B 414 19.61 -11.60 1.59
CA ASN B 414 20.57 -10.54 1.30
C ASN B 414 20.76 -9.61 2.54
N MET B 415 19.65 -9.33 3.28
CA MET B 415 19.67 -8.55 4.51
C MET B 415 20.22 -9.35 5.71
N ASN B 416 19.88 -10.65 5.82
CA ASN B 416 20.40 -11.52 6.88
C ASN B 416 21.93 -11.64 6.73
N ASP B 417 22.40 -11.65 5.47
CA ASP B 417 23.80 -11.67 5.09
C ASP B 417 24.43 -10.36 5.54
N LEU B 418 23.68 -9.22 5.41
CA LEU B 418 24.21 -7.93 5.84
C LEU B 418 24.45 -7.88 7.34
N VAL B 419 23.53 -8.47 8.10
CA VAL B 419 23.65 -8.54 9.56
C VAL B 419 24.89 -9.40 9.94
N SER B 420 25.05 -10.57 9.27
CA SER B 420 26.20 -11.46 9.44
C SER B 420 27.51 -10.73 9.02
N GLU B 421 27.39 -9.76 8.10
CA GLU B 421 28.51 -8.95 7.65
C GLU B 421 28.94 -7.95 8.76
N TYR B 422 27.96 -7.27 9.41
CA TYR B 422 28.23 -6.35 10.53
C TYR B 422 28.88 -7.11 11.72
N GLN B 423 28.48 -8.38 11.95
CA GLN B 423 28.99 -9.26 13.02
C GLN B 423 30.32 -9.98 12.63
N GLN B 424 31.21 -9.30 11.95
CA GLN B 424 32.51 -9.87 11.58
C GLN B 424 33.50 -8.92 12.17
N TYR B 425 33.29 -7.63 11.86
CA TYR B 425 34.04 -6.44 12.28
C TYR B 425 33.56 -6.05 13.70
N GLN B 426 32.38 -6.56 14.13
CA GLN B 426 31.83 -6.34 15.47
C GLN B 426 32.68 -7.15 16.45
N ASP B 427 33.14 -8.34 16.00
CA ASP B 427 33.94 -9.29 16.77
C ASP B 427 35.47 -9.10 16.59
N ALA B 428 35.90 -8.45 15.48
CA ALA B 428 37.30 -8.19 15.07
C ALA B 428 38.06 -7.12 15.87
N THR B 429 39.37 -7.40 16.10
CA THR B 429 40.36 -6.61 16.86
C THR B 429 41.53 -6.11 15.97
N ALA B 430 42.76 -5.96 16.53
CA ALA B 430 43.99 -5.53 15.84
C ALA B 430 45.23 -6.11 16.55
N MET C 1 -12.03 11.75 -11.02
CA MET C 1 -10.90 10.96 -10.53
C MET C 1 -11.24 10.13 -9.29
N ARG C 2 -10.54 8.97 -9.11
CA ARG C 2 -10.71 7.98 -8.02
C ARG C 2 -12.17 7.52 -7.99
N GLU C 3 -12.74 7.31 -9.18
CA GLU C 3 -14.15 7.01 -9.43
C GLU C 3 -14.72 5.76 -8.77
N CYS C 4 -16.04 5.79 -8.36
CA CYS C 4 -16.70 4.66 -7.72
CA CYS C 4 -16.69 4.66 -7.68
C CYS C 4 -18.16 4.42 -8.10
N ILE C 5 -18.37 3.41 -8.98
CA ILE C 5 -19.68 3.01 -9.50
C ILE C 5 -20.38 2.04 -8.54
N SER C 6 -21.60 2.44 -8.06
CA SER C 6 -22.48 1.64 -7.17
C SER C 6 -23.49 0.80 -7.95
N ILE C 7 -23.72 -0.44 -7.50
CA ILE C 7 -24.68 -1.33 -8.15
C ILE C 7 -25.62 -1.91 -7.09
N HIS C 8 -26.94 -1.75 -7.31
CA HIS C 8 -27.97 -2.20 -6.37
C HIS C 8 -28.82 -3.24 -7.02
N VAL C 9 -28.71 -4.47 -6.54
CA VAL C 9 -29.40 -5.64 -7.11
C VAL C 9 -30.56 -6.12 -6.25
N GLY C 10 -31.71 -6.28 -6.87
CA GLY C 10 -32.88 -6.77 -6.16
C GLY C 10 -33.47 -5.83 -5.14
N GLN C 11 -34.53 -6.30 -4.49
CA GLN C 11 -35.34 -5.58 -3.50
C GLN C 11 -34.53 -4.94 -2.39
N ALA C 12 -33.71 -5.76 -1.74
CA ALA C 12 -32.86 -5.34 -0.63
C ALA C 12 -31.84 -4.31 -1.11
N GLY C 13 -31.17 -4.65 -2.21
CA GLY C 13 -30.12 -3.83 -2.83
C GLY C 13 -30.55 -2.44 -3.16
N VAL C 14 -31.67 -2.33 -3.89
CA VAL C 14 -32.25 -1.06 -4.32
C VAL C 14 -32.69 -0.21 -3.13
N GLN C 15 -33.47 -0.80 -2.21
CA GLN C 15 -33.98 -0.08 -1.05
C GLN C 15 -32.89 0.44 -0.10
N ILE C 16 -31.75 -0.28 -0.05
CA ILE C 16 -30.61 0.12 0.75
C ILE C 16 -29.91 1.28 0.01
N GLY C 17 -29.87 1.15 -1.32
CA GLY C 17 -29.30 2.16 -2.19
C GLY C 17 -29.99 3.49 -1.99
N ASN C 18 -31.35 3.47 -1.95
CA ASN C 18 -32.15 4.68 -1.74
C ASN C 18 -31.88 5.32 -0.40
N ALA C 19 -31.73 4.49 0.65
CA ALA C 19 -31.39 4.95 1.99
C ALA C 19 -29.99 5.60 1.95
N CYS C 20 -29.02 4.91 1.32
CA CYS C 20 -27.67 5.40 1.15
C CYS C 20 -27.71 6.70 0.41
N TRP C 21 -28.29 6.70 -0.82
CA TRP C 21 -28.36 7.86 -1.71
C TRP C 21 -29.03 9.09 -1.22
N GLU C 22 -30.02 8.99 -0.34
CA GLU C 22 -30.64 10.22 0.16
C GLU C 22 -29.72 10.87 1.19
N LEU C 23 -29.09 10.02 2.01
CA LEU C 23 -28.14 10.43 3.04
C LEU C 23 -26.91 11.11 2.41
N TYR C 24 -26.36 10.51 1.33
CA TYR C 24 -25.22 11.01 0.56
C TYR C 24 -25.52 12.44 0.12
N CYS C 25 -26.71 12.66 -0.47
CA CYS C 25 -27.22 13.97 -0.88
C CYS C 25 -27.20 14.96 0.25
N LEU C 26 -27.55 14.50 1.45
CA LEU C 26 -27.58 15.36 2.63
C LEU C 26 -26.16 15.75 3.02
N GLU C 27 -25.26 14.76 3.06
CA GLU C 27 -23.86 14.92 3.43
C GLU C 27 -23.15 15.97 2.57
N HIS C 28 -23.48 16.02 1.26
CA HIS C 28 -22.84 16.91 0.29
C HIS C 28 -23.75 18.04 -0.23
N GLY C 29 -24.73 18.47 0.58
CA GLY C 29 -25.65 19.56 0.27
C GLY C 29 -26.45 19.46 -1.02
N ILE C 30 -26.52 18.25 -1.61
CA ILE C 30 -27.23 17.93 -2.85
C ILE C 30 -28.76 17.83 -2.64
N GLN C 31 -29.50 18.58 -3.47
CA GLN C 31 -30.96 18.65 -3.48
C GLN C 31 -31.51 17.56 -4.41
N PRO C 32 -32.69 16.95 -4.10
CA PRO C 32 -33.23 15.85 -4.93
C PRO C 32 -33.31 16.01 -6.45
N ASP C 33 -33.15 17.24 -6.96
CA ASP C 33 -33.16 17.51 -8.39
C ASP C 33 -31.76 17.20 -8.98
N GLY C 34 -30.74 17.44 -8.17
CA GLY C 34 -29.33 17.20 -8.51
C GLY C 34 -28.43 18.36 -8.19
N GLN C 35 -28.96 19.58 -8.34
CA GLN C 35 -28.28 20.85 -8.10
C GLN C 35 -27.77 20.97 -6.65
N MET C 36 -26.65 21.70 -6.45
CA MET C 36 -26.07 21.95 -5.12
C MET C 36 -25.38 23.33 -5.04
N PRO C 37 -25.55 24.09 -3.92
CA PRO C 37 -24.94 25.44 -3.84
C PRO C 37 -23.41 25.47 -3.73
N ASP C 46 -14.14 20.82 -1.05
CA ASP C 46 -14.01 19.36 -1.16
C ASP C 46 -14.61 18.84 -2.48
N ASP C 47 -13.81 18.88 -3.58
CA ASP C 47 -14.28 18.35 -4.87
C ASP C 47 -14.45 16.83 -4.78
N SER C 48 -13.87 16.21 -3.72
CA SER C 48 -13.85 14.78 -3.37
C SER C 48 -15.13 13.96 -3.56
N PHE C 49 -16.33 14.56 -3.42
CA PHE C 49 -17.56 13.78 -3.62
C PHE C 49 -17.78 13.30 -5.06
N ASN C 50 -17.13 13.94 -6.02
CA ASN C 50 -17.21 13.61 -7.44
C ASN C 50 -16.92 12.15 -7.72
N THR C 51 -16.23 11.46 -6.77
CA THR C 51 -15.88 10.03 -6.85
C THR C 51 -17.12 9.18 -7.00
N PHE C 52 -18.26 9.73 -6.48
CA PHE C 52 -19.62 9.20 -6.43
C PHE C 52 -20.63 9.95 -7.30
N PHE C 53 -20.35 11.21 -7.64
CA PHE C 53 -21.26 12.04 -8.41
C PHE C 53 -20.66 12.63 -9.68
N SER C 54 -21.30 12.36 -10.82
CA SER C 54 -20.95 12.91 -12.11
C SER C 54 -21.64 14.26 -12.22
N GLU C 55 -21.07 15.19 -12.98
CA GLU C 55 -21.68 16.52 -13.12
C GLU C 55 -21.88 16.86 -14.59
N THR C 56 -23.03 17.48 -14.91
CA THR C 56 -23.36 17.88 -16.27
C THR C 56 -23.09 19.39 -16.51
N GLY C 57 -23.10 19.79 -17.78
CA GLY C 57 -22.88 21.17 -18.20
C GLY C 57 -23.94 22.15 -17.72
N ALA C 58 -25.00 21.61 -17.07
CA ALA C 58 -26.15 22.33 -16.51
C ALA C 58 -25.99 22.57 -14.99
N GLY C 59 -25.09 21.82 -14.35
CA GLY C 59 -24.80 21.95 -12.92
C GLY C 59 -25.46 20.91 -12.03
N LYS C 60 -26.20 19.97 -12.65
CA LYS C 60 -26.89 18.88 -11.95
C LYS C 60 -25.88 17.79 -11.64
N HIS C 61 -25.88 17.28 -10.40
CA HIS C 61 -24.98 16.21 -9.95
C HIS C 61 -25.72 14.86 -9.90
N VAL C 62 -25.27 13.89 -10.72
CA VAL C 62 -25.86 12.54 -10.86
C VAL C 62 -25.01 11.45 -10.19
N PRO C 63 -25.61 10.53 -9.41
CA PRO C 63 -24.80 9.48 -8.79
C PRO C 63 -24.20 8.52 -9.81
N ARG C 64 -22.98 8.05 -9.51
CA ARG C 64 -22.24 7.04 -10.28
C ARG C 64 -22.77 5.66 -9.78
N ALA C 65 -24.06 5.38 -10.09
CA ALA C 65 -24.82 4.23 -9.63
C ALA C 65 -25.73 3.62 -10.69
N VAL C 66 -26.14 2.34 -10.46
CA VAL C 66 -27.04 1.55 -11.31
C VAL C 66 -27.97 0.72 -10.41
N PHE C 67 -29.31 0.88 -10.59
CA PHE C 67 -30.33 0.11 -9.87
C PHE C 67 -30.90 -0.91 -10.86
N VAL C 68 -30.71 -2.19 -10.54
CA VAL C 68 -31.15 -3.33 -11.35
C VAL C 68 -32.14 -4.14 -10.53
N ASP C 69 -33.12 -4.76 -11.21
CA ASP C 69 -34.08 -5.67 -10.58
C ASP C 69 -34.78 -6.44 -11.68
N LEU C 70 -35.11 -7.71 -11.43
CA LEU C 70 -35.81 -8.50 -12.43
C LEU C 70 -37.33 -8.19 -12.53
N GLU C 71 -37.85 -7.36 -11.63
CA GLU C 71 -39.23 -6.94 -11.66
C GLU C 71 -39.35 -5.41 -11.45
N PRO C 72 -40.46 -4.80 -11.96
CA PRO C 72 -40.59 -3.33 -11.90
C PRO C 72 -40.76 -2.65 -10.55
N THR C 73 -41.79 -3.05 -9.78
CA THR C 73 -42.21 -2.49 -8.49
C THR C 73 -41.19 -1.66 -7.74
N VAL C 74 -40.22 -2.34 -7.10
CA VAL C 74 -39.19 -1.68 -6.31
C VAL C 74 -38.54 -0.50 -7.01
N ILE C 75 -38.06 -0.70 -8.26
CA ILE C 75 -37.46 0.40 -9.02
C ILE C 75 -38.44 1.46 -9.42
N ASP C 76 -39.68 1.07 -9.74
CA ASP C 76 -40.73 2.05 -10.08
C ASP C 76 -40.97 3.03 -8.94
N GLU C 77 -40.84 2.55 -7.68
CA GLU C 77 -41.01 3.39 -6.48
C GLU C 77 -39.95 4.51 -6.41
N VAL C 78 -38.85 4.36 -7.17
CA VAL C 78 -37.77 5.33 -7.29
C VAL C 78 -38.16 6.28 -8.42
N ARG C 79 -38.73 5.69 -9.50
CA ARG C 79 -39.11 6.36 -10.73
C ARG C 79 -40.23 7.36 -10.61
N THR C 80 -41.10 7.16 -9.63
CA THR C 80 -42.22 8.05 -9.35
C THR C 80 -41.91 8.79 -8.04
N GLY C 81 -40.79 8.40 -7.45
CA GLY C 81 -40.27 8.88 -6.17
C GLY C 81 -39.95 10.35 -6.02
N THR C 82 -39.45 10.68 -4.83
CA THR C 82 -39.05 12.02 -4.39
C THR C 82 -37.71 12.41 -5.01
N TYR C 83 -37.04 11.43 -5.62
CA TYR C 83 -35.75 11.57 -6.29
C TYR C 83 -35.82 11.02 -7.72
N ARG C 84 -37.04 11.03 -8.33
CA ARG C 84 -37.28 10.58 -9.71
C ARG C 84 -36.28 11.26 -10.70
N GLN C 85 -35.88 12.50 -10.33
CA GLN C 85 -34.98 13.38 -11.06
C GLN C 85 -33.52 13.20 -10.69
N LEU C 86 -33.22 12.52 -9.56
CA LEU C 86 -31.83 12.31 -9.11
C LEU C 86 -30.99 11.41 -10.02
N PHE C 87 -31.63 10.50 -10.77
CA PHE C 87 -30.92 9.59 -11.69
C PHE C 87 -31.37 9.75 -13.13
N HIS C 88 -30.69 9.05 -14.04
CA HIS C 88 -31.08 8.99 -15.44
C HIS C 88 -32.05 7.81 -15.55
N PRO C 89 -33.06 7.85 -16.44
CA PRO C 89 -33.97 6.70 -16.58
C PRO C 89 -33.20 5.45 -17.01
N GLU C 90 -32.13 5.70 -17.80
CA GLU C 90 -31.22 4.71 -18.37
C GLU C 90 -30.57 3.89 -17.29
N GLN C 91 -30.20 4.54 -16.17
CA GLN C 91 -29.50 3.91 -15.05
C GLN C 91 -30.38 3.19 -14.02
N LEU C 92 -31.66 2.99 -14.32
CA LEU C 92 -32.61 2.30 -13.43
C LEU C 92 -33.23 1.15 -14.27
N ILE C 93 -32.59 -0.02 -14.22
CA ILE C 93 -32.95 -1.16 -15.08
C ILE C 93 -33.89 -2.21 -14.47
N THR C 94 -35.14 -2.31 -14.97
CA THR C 94 -36.04 -3.36 -14.47
C THR C 94 -36.43 -4.40 -15.51
N GLY C 95 -36.70 -5.61 -15.01
CA GLY C 95 -37.21 -6.72 -15.79
C GLY C 95 -38.72 -6.70 -15.71
N LYS C 96 -39.34 -7.86 -16.00
CA LYS C 96 -40.80 -8.04 -15.98
C LYS C 96 -41.21 -9.20 -15.11
N GLU C 97 -40.29 -10.12 -14.83
CA GLU C 97 -40.57 -11.32 -14.04
C GLU C 97 -39.45 -11.49 -13.01
N ASP C 98 -39.77 -11.59 -11.69
CA ASP C 98 -38.76 -11.75 -10.64
C ASP C 98 -38.08 -13.13 -10.64
N ALA C 99 -37.07 -13.36 -9.78
CA ALA C 99 -36.46 -14.68 -9.83
C ALA C 99 -37.12 -15.68 -8.90
N ALA C 100 -38.33 -15.33 -8.39
CA ALA C 100 -39.17 -16.14 -7.51
C ALA C 100 -38.38 -16.91 -6.42
N ASN C 101 -37.46 -16.17 -5.75
CA ASN C 101 -36.57 -16.66 -4.70
C ASN C 101 -35.65 -17.80 -5.18
N ASN C 102 -35.27 -17.76 -6.45
CA ASN C 102 -34.48 -18.83 -7.01
C ASN C 102 -33.22 -18.33 -7.67
N TYR C 103 -32.10 -18.66 -7.03
CA TYR C 103 -30.76 -18.37 -7.49
C TYR C 103 -30.63 -18.81 -9.01
N ALA C 104 -31.10 -20.03 -9.34
CA ALA C 104 -31.03 -20.55 -10.71
C ALA C 104 -31.79 -19.70 -11.67
N ARG C 105 -32.76 -18.88 -11.19
CA ARG C 105 -33.53 -17.98 -12.07
C ARG C 105 -32.83 -16.68 -12.22
N GLY C 106 -32.26 -16.19 -11.11
CA GLY C 106 -31.47 -14.96 -11.13
C GLY C 106 -30.24 -15.12 -12.00
N HIS C 107 -29.49 -16.23 -11.75
CA HIS C 107 -28.29 -16.55 -12.47
C HIS C 107 -28.50 -17.03 -13.89
N TYR C 108 -29.51 -17.85 -14.13
CA TYR C 108 -29.70 -18.33 -15.50
C TYR C 108 -30.99 -17.82 -16.12
N THR C 109 -32.02 -18.68 -16.17
CA THR C 109 -33.33 -18.47 -16.78
C THR C 109 -33.75 -17.05 -17.05
N ILE C 110 -33.84 -16.21 -16.01
CA ILE C 110 -34.35 -14.84 -16.12
C ILE C 110 -33.30 -13.74 -16.29
N GLY C 111 -32.30 -13.75 -15.44
CA GLY C 111 -31.24 -12.74 -15.48
C GLY C 111 -30.41 -12.71 -16.75
N LYS C 112 -30.34 -13.86 -17.46
CA LYS C 112 -29.57 -13.95 -18.69
C LYS C 112 -30.06 -12.94 -19.70
N GLU C 113 -31.37 -12.71 -19.68
CA GLU C 113 -32.11 -11.80 -20.52
C GLU C 113 -31.83 -10.34 -20.27
N ILE C 114 -31.41 -9.97 -19.06
CA ILE C 114 -31.13 -8.58 -18.69
C ILE C 114 -29.65 -8.22 -18.62
N ILE C 115 -28.78 -9.19 -18.20
CA ILE C 115 -27.33 -9.02 -18.03
C ILE C 115 -26.61 -8.13 -19.02
N ASP C 116 -26.72 -8.43 -20.33
CA ASP C 116 -26.03 -7.68 -21.38
C ASP C 116 -26.34 -6.19 -21.35
N LEU C 117 -27.65 -5.84 -21.19
CA LEU C 117 -28.15 -4.47 -21.13
C LEU C 117 -27.62 -3.72 -19.92
N VAL C 118 -27.49 -4.44 -18.78
CA VAL C 118 -27.00 -3.93 -17.51
C VAL C 118 -25.52 -3.58 -17.64
N LEU C 119 -24.70 -4.55 -18.05
CA LEU C 119 -23.26 -4.39 -18.23
C LEU C 119 -22.96 -3.24 -19.17
N ASP C 120 -23.84 -3.09 -20.16
CA ASP C 120 -23.77 -2.05 -21.18
C ASP C 120 -23.97 -0.69 -20.55
N ARG C 121 -24.89 -0.58 -19.56
CA ARG C 121 -25.13 0.66 -18.84
C ARG C 121 -24.01 0.93 -17.88
N ILE C 122 -23.50 -0.10 -17.21
CA ILE C 122 -22.36 0.05 -16.30
C ILE C 122 -21.17 0.61 -17.10
N ARG C 123 -20.95 0.09 -18.34
CA ARG C 123 -19.87 0.54 -19.24
C ARG C 123 -19.98 2.02 -19.59
N LYS C 124 -21.22 2.54 -19.78
CA LYS C 124 -21.49 3.94 -20.11
C LYS C 124 -21.18 4.87 -18.92
N LEU C 125 -21.42 4.37 -17.69
CA LEU C 125 -21.08 5.04 -16.45
C LEU C 125 -19.54 5.02 -16.29
N ALA C 126 -18.91 3.91 -16.75
CA ALA C 126 -17.47 3.65 -16.74
C ALA C 126 -16.73 4.59 -17.70
N ASP C 127 -17.25 4.79 -18.91
CA ASP C 127 -16.66 5.69 -19.89
C ASP C 127 -16.45 7.12 -19.38
N GLN C 128 -17.11 7.47 -18.27
CA GLN C 128 -17.08 8.80 -17.66
C GLN C 128 -16.14 8.81 -16.44
N CYS C 129 -15.25 7.81 -16.39
CA CYS C 129 -14.31 7.65 -15.28
C CYS C 129 -12.88 7.85 -15.68
N THR C 130 -12.33 9.02 -15.34
CA THR C 130 -10.92 9.38 -15.59
C THR C 130 -9.92 8.41 -14.88
N GLY C 131 -10.38 7.68 -13.85
CA GLY C 131 -9.55 6.73 -13.12
C GLY C 131 -10.28 6.01 -12.01
N LEU C 132 -11.16 5.07 -12.42
CA LEU C 132 -12.05 4.25 -11.63
C LEU C 132 -11.35 3.35 -10.67
N GLN C 133 -11.63 3.51 -9.36
CA GLN C 133 -11.14 2.70 -8.26
C GLN C 133 -11.76 1.29 -8.32
N GLY C 134 -13.07 1.21 -8.57
CA GLY C 134 -13.82 -0.05 -8.63
C GLY C 134 -15.33 0.00 -8.49
N PHE C 135 -15.94 -1.10 -7.98
CA PHE C 135 -17.40 -1.25 -7.84
C PHE C 135 -17.89 -1.55 -6.42
N LEU C 136 -19.12 -1.07 -6.08
CA LEU C 136 -19.78 -1.33 -4.80
C LEU C 136 -21.11 -2.01 -5.04
N VAL C 137 -21.19 -3.32 -4.73
CA VAL C 137 -22.38 -4.12 -4.98
C VAL C 137 -23.26 -4.36 -3.74
N PHE C 138 -24.51 -3.87 -3.79
CA PHE C 138 -25.54 -3.94 -2.76
C PHE C 138 -26.59 -4.94 -3.18
N HIS C 139 -26.64 -6.07 -2.46
CA HIS C 139 -27.59 -7.14 -2.74
C HIS C 139 -27.97 -7.86 -1.43
N SER C 140 -28.96 -8.76 -1.55
CA SER C 140 -29.51 -9.64 -0.52
C SER C 140 -28.84 -10.99 -0.68
N PHE C 141 -28.67 -11.75 0.42
CA PHE C 141 -28.13 -13.10 0.29
C PHE C 141 -29.29 -14.01 -0.12
N GLY C 142 -30.50 -13.61 0.32
CA GLY C 142 -31.73 -14.36 0.21
C GLY C 142 -32.51 -14.38 -1.08
N GLY C 143 -32.83 -13.21 -1.62
CA GLY C 143 -33.59 -13.08 -2.85
C GLY C 143 -32.98 -13.76 -4.07
N GLY C 144 -33.83 -14.19 -5.01
CA GLY C 144 -33.38 -14.89 -6.21
C GLY C 144 -32.54 -14.03 -7.13
N THR C 145 -32.79 -12.69 -7.09
CA THR C 145 -32.08 -11.64 -7.86
C THR C 145 -30.83 -11.20 -7.06
N GLY C 146 -31.01 -10.94 -5.77
CA GLY C 146 -29.93 -10.59 -4.86
C GLY C 146 -28.84 -11.63 -4.83
N SER C 147 -29.19 -12.92 -5.05
CA SER C 147 -28.24 -14.06 -5.05
C SER C 147 -27.72 -14.40 -6.46
N GLY C 148 -28.60 -14.88 -7.36
CA GLY C 148 -28.26 -15.32 -8.71
C GLY C 148 -27.79 -14.23 -9.64
N PHE C 149 -28.53 -13.14 -9.72
CA PHE C 149 -28.15 -12.07 -10.62
C PHE C 149 -26.83 -11.47 -10.17
N THR C 150 -26.68 -11.22 -8.88
CA THR C 150 -25.47 -10.63 -8.34
C THR C 150 -24.26 -11.41 -8.78
N SER C 151 -24.26 -12.75 -8.51
CA SER C 151 -23.16 -13.64 -8.89
CA SER C 151 -23.18 -13.66 -8.89
C SER C 151 -22.86 -13.52 -10.38
N LEU C 152 -23.91 -13.57 -11.21
CA LEU C 152 -23.78 -13.42 -12.66
C LEU C 152 -23.03 -12.13 -12.99
N LEU C 153 -23.49 -11.01 -12.40
CA LEU C 153 -22.88 -9.70 -12.54
C LEU C 153 -21.40 -9.68 -12.11
N MET C 154 -21.08 -10.16 -10.90
CA MET C 154 -19.72 -10.19 -10.40
C MET C 154 -18.83 -10.99 -11.31
N GLU C 155 -19.34 -12.14 -11.80
CA GLU C 155 -18.65 -13.02 -12.76
C GLU C 155 -18.33 -12.24 -14.06
N ARG C 156 -19.31 -11.48 -14.57
CA ARG C 156 -19.14 -10.75 -15.81
C ARG C 156 -18.27 -9.52 -15.70
N LEU C 157 -18.23 -8.85 -14.53
CA LEU C 157 -17.36 -7.67 -14.33
C LEU C 157 -15.88 -8.10 -14.22
N SER C 158 -15.66 -9.32 -13.71
CA SER C 158 -14.34 -9.93 -13.56
C SER C 158 -13.77 -10.24 -14.96
N VAL C 159 -14.66 -10.48 -15.92
CA VAL C 159 -14.24 -10.68 -17.31
C VAL C 159 -14.05 -9.27 -17.81
N ASP C 160 -15.15 -8.51 -17.96
CA ASP C 160 -15.19 -7.11 -18.38
C ASP C 160 -14.11 -6.15 -17.78
N TYR C 161 -14.05 -5.99 -16.44
CA TYR C 161 -13.13 -5.05 -15.80
C TYR C 161 -11.88 -5.70 -15.22
N GLY C 162 -11.78 -7.02 -15.40
CA GLY C 162 -10.65 -7.80 -14.93
C GLY C 162 -10.52 -7.76 -13.42
N LYS C 163 -9.27 -7.59 -12.96
CA LYS C 163 -8.90 -7.51 -11.55
C LYS C 163 -9.34 -6.19 -10.82
N LYS C 164 -10.20 -5.34 -11.47
CA LYS C 164 -10.71 -4.11 -10.86
C LYS C 164 -11.46 -4.45 -9.55
N SER C 165 -11.21 -3.64 -8.52
CA SER C 165 -11.79 -3.78 -7.19
C SER C 165 -13.31 -3.93 -7.24
N LYS C 166 -13.83 -4.99 -6.57
CA LYS C 166 -15.27 -5.26 -6.42
C LYS C 166 -15.59 -5.41 -4.91
N LEU C 167 -16.45 -4.53 -4.38
CA LEU C 167 -16.84 -4.61 -2.97
C LEU C 167 -18.27 -5.07 -2.78
N GLU C 168 -18.54 -5.73 -1.66
CA GLU C 168 -19.92 -6.16 -1.40
C GLU C 168 -20.47 -5.56 -0.11
N PHE C 169 -21.79 -5.42 -0.09
CA PHE C 169 -22.62 -4.99 1.02
C PHE C 169 -23.81 -5.94 0.87
N SER C 170 -23.65 -7.11 1.48
CA SER C 170 -24.62 -8.21 1.42
C SER C 170 -25.50 -8.26 2.70
N ILE C 171 -26.74 -8.72 2.58
CA ILE C 171 -27.65 -8.74 3.72
C ILE C 171 -27.95 -10.15 4.11
N TYR C 172 -27.26 -10.56 5.17
CA TYR C 172 -27.37 -11.85 5.83
C TYR C 172 -28.83 -12.06 6.37
N PRO C 173 -29.49 -13.14 5.86
CA PRO C 173 -30.90 -13.41 6.24
C PRO C 173 -31.17 -13.66 7.71
N ALA C 174 -32.34 -13.17 8.19
CA ALA C 174 -32.80 -13.39 9.58
C ALA C 174 -34.30 -13.69 9.64
N PRO C 175 -34.72 -14.71 10.43
CA PRO C 175 -36.15 -15.04 10.51
C PRO C 175 -37.06 -13.87 10.91
N GLN C 176 -36.62 -13.10 11.94
CA GLN C 176 -37.25 -11.90 12.52
C GLN C 176 -37.49 -10.80 11.47
N VAL C 177 -36.60 -10.71 10.47
CA VAL C 177 -36.69 -9.74 9.37
C VAL C 177 -37.06 -10.46 8.06
N SER C 178 -38.37 -10.69 7.87
CA SER C 178 -38.93 -11.40 6.72
C SER C 178 -38.35 -12.79 6.44
N THR C 179 -37.52 -12.97 5.36
CA THR C 179 -36.85 -14.24 5.02
C THR C 179 -37.76 -15.32 4.45
N ALA C 180 -37.21 -16.25 3.71
CA ALA C 180 -37.99 -17.33 3.14
C ALA C 180 -37.24 -18.63 3.25
N VAL C 181 -37.96 -19.74 3.49
CA VAL C 181 -37.41 -21.11 3.63
C VAL C 181 -36.19 -21.42 2.75
N VAL C 182 -36.21 -21.00 1.49
CA VAL C 182 -35.11 -21.29 0.58
C VAL C 182 -33.89 -20.38 0.64
N GLU C 183 -33.90 -19.31 1.46
CA GLU C 183 -32.77 -18.36 1.56
C GLU C 183 -31.40 -18.97 1.92
N PRO C 184 -31.30 -19.93 2.87
CA PRO C 184 -30.00 -20.58 3.11
C PRO C 184 -29.34 -21.12 1.85
N TYR C 185 -30.16 -21.65 0.88
CA TYR C 185 -29.65 -22.18 -0.37
C TYR C 185 -29.05 -21.06 -1.20
N ASN C 186 -29.87 -20.04 -1.44
CA ASN C 186 -29.48 -18.85 -2.18
C ASN C 186 -28.25 -18.20 -1.58
N SER C 187 -28.20 -18.10 -0.25
CA SER C 187 -27.08 -17.55 0.51
C SER C 187 -25.79 -18.32 0.19
N ILE C 188 -25.80 -19.68 0.36
CA ILE C 188 -24.61 -20.50 0.09
C ILE C 188 -24.09 -20.48 -1.37
N LEU C 189 -25.04 -20.54 -2.32
CA LEU C 189 -24.77 -20.58 -3.75
C LEU C 189 -24.06 -19.31 -4.20
N THR C 190 -24.55 -18.15 -3.73
CA THR C 190 -23.95 -16.86 -4.06
C THR C 190 -22.54 -16.74 -3.53
N THR C 191 -22.36 -16.87 -2.21
CA THR C 191 -21.05 -16.77 -1.56
C THR C 191 -20.03 -17.52 -2.39
N HIS C 192 -20.34 -18.82 -2.69
CA HIS C 192 -19.50 -19.70 -3.49
C HIS C 192 -19.17 -19.09 -4.83
N THR C 193 -20.15 -18.84 -5.69
CA THR C 193 -19.92 -18.26 -7.02
C THR C 193 -19.23 -16.91 -7.04
N THR C 194 -19.47 -16.10 -5.99
CA THR C 194 -18.92 -14.75 -5.85
C THR C 194 -17.48 -14.72 -5.31
N LEU C 195 -17.15 -15.65 -4.39
CA LEU C 195 -15.85 -15.72 -3.72
C LEU C 195 -14.65 -15.21 -4.46
N GLU C 196 -14.38 -15.77 -5.66
CA GLU C 196 -13.24 -15.36 -6.51
C GLU C 196 -13.30 -13.90 -6.94
N HIS C 197 -14.48 -13.46 -7.34
CA HIS C 197 -14.71 -12.14 -7.88
C HIS C 197 -14.78 -11.00 -6.86
N SER C 198 -14.66 -11.32 -5.60
CA SER C 198 -14.78 -10.25 -4.64
C SER C 198 -13.51 -9.95 -3.98
N ASP C 199 -13.21 -8.67 -3.92
CA ASP C 199 -12.03 -8.18 -3.25
C ASP C 199 -12.22 -8.09 -1.73
N CYS C 200 -13.43 -7.68 -1.28
CA CYS C 200 -13.77 -7.47 0.13
C CYS C 200 -15.27 -7.36 0.32
N ALA C 201 -15.84 -7.99 1.37
CA ALA C 201 -17.30 -7.99 1.53
C ALA C 201 -17.82 -7.60 2.91
N PHE C 202 -18.72 -6.61 2.96
CA PHE C 202 -19.38 -6.19 4.21
C PHE C 202 -20.71 -6.87 4.44
N MET C 203 -20.66 -7.91 5.31
CA MET C 203 -21.80 -8.71 5.69
C MET C 203 -22.66 -7.95 6.70
N VAL C 204 -23.96 -7.94 6.48
CA VAL C 204 -24.88 -7.23 7.37
C VAL C 204 -25.96 -8.21 7.82
N ASP C 205 -25.96 -8.61 9.09
CA ASP C 205 -26.92 -9.56 9.60
C ASP C 205 -28.15 -8.85 10.07
N ASN C 206 -29.20 -8.91 9.23
CA ASN C 206 -30.51 -8.31 9.45
C ASN C 206 -31.04 -8.39 10.93
N GLU C 207 -30.73 -9.50 11.64
CA GLU C 207 -31.09 -9.71 13.03
C GLU C 207 -30.45 -8.66 13.91
N ALA C 208 -29.14 -8.36 13.66
CA ALA C 208 -28.34 -7.37 14.38
C ALA C 208 -28.99 -6.00 14.23
N ILE C 209 -29.21 -5.58 12.97
CA ILE C 209 -29.88 -4.34 12.60
C ILE C 209 -31.24 -4.30 13.31
N TYR C 210 -31.99 -5.42 13.28
CA TYR C 210 -33.26 -5.58 13.95
C TYR C 210 -33.05 -5.30 15.44
N ASP C 211 -32.14 -6.07 16.08
CA ASP C 211 -31.82 -5.97 17.50
C ASP C 211 -31.34 -4.61 17.97
N ILE C 212 -30.68 -3.88 17.09
CA ILE C 212 -30.18 -2.54 17.38
C ILE C 212 -31.37 -1.55 17.38
N CYS C 213 -32.27 -1.66 16.39
CA CYS C 213 -33.47 -0.81 16.34
C CYS C 213 -34.29 -1.08 17.57
N ARG C 214 -34.54 -2.37 17.84
CA ARG C 214 -35.34 -2.85 18.96
C ARG C 214 -34.81 -2.34 20.32
N ARG C 215 -33.46 -2.36 20.51
CA ARG C 215 -32.82 -2.01 21.77
C ARG C 215 -32.40 -0.54 21.91
N ASN C 216 -31.78 0.02 20.90
CA ASN C 216 -31.31 1.39 20.98
C ASN C 216 -32.29 2.42 20.46
N LEU C 217 -32.97 2.12 19.36
CA LEU C 217 -33.92 3.05 18.76
C LEU C 217 -35.31 2.85 19.34
N ASP C 218 -35.52 1.72 20.06
CA ASP C 218 -36.77 1.28 20.68
C ASP C 218 -37.88 1.20 19.63
N ILE C 219 -37.75 0.24 18.72
CA ILE C 219 -38.75 0.00 17.68
C ILE C 219 -39.23 -1.44 17.79
N GLU C 220 -40.43 -1.64 18.39
CA GLU C 220 -41.05 -2.95 18.62
C GLU C 220 -41.07 -3.80 17.36
N ARG C 221 -41.44 -3.21 16.22
CA ARG C 221 -41.47 -3.88 14.92
C ARG C 221 -40.84 -2.93 13.92
N PRO C 222 -39.51 -3.10 13.67
CA PRO C 222 -38.82 -2.18 12.76
C PRO C 222 -39.21 -2.35 11.31
N THR C 223 -39.40 -1.22 10.62
CA THR C 223 -39.75 -1.13 9.21
C THR C 223 -38.46 -1.28 8.40
N TYR C 224 -38.55 -1.66 7.10
CA TYR C 224 -37.33 -1.76 6.26
C TYR C 224 -36.65 -0.41 6.22
N THR C 225 -37.46 0.64 6.32
CA THR C 225 -37.01 2.02 6.32
C THR C 225 -36.13 2.26 7.54
N ASN C 226 -36.58 1.79 8.73
CA ASN C 226 -35.84 1.88 10.00
C ASN C 226 -34.53 1.10 9.92
N LEU C 227 -34.57 -0.08 9.28
CA LEU C 227 -33.37 -0.90 9.14
C LEU C 227 -32.42 -0.23 8.17
N ASN C 228 -32.89 -0.01 6.94
CA ASN C 228 -32.14 0.54 5.83
C ASN C 228 -31.45 1.84 6.12
N ARG C 229 -32.13 2.75 6.84
CA ARG C 229 -31.57 4.03 7.24
C ARG C 229 -30.41 3.77 8.23
N LEU C 230 -30.57 2.77 9.12
CA LEU C 230 -29.52 2.43 10.07
C LEU C 230 -28.33 1.98 9.30
N ILE C 231 -28.55 0.98 8.41
CA ILE C 231 -27.51 0.42 7.53
C ILE C 231 -26.77 1.55 6.82
N GLY C 232 -27.52 2.49 6.19
CA GLY C 232 -26.92 3.61 5.48
C GLY C 232 -25.86 4.35 6.27
N GLN C 233 -26.13 4.62 7.59
CA GLN C 233 -25.19 5.32 8.48
C GLN C 233 -23.85 4.57 8.60
N ILE C 234 -23.91 3.23 8.70
CA ILE C 234 -22.73 2.36 8.73
C ILE C 234 -22.01 2.39 7.34
N VAL C 235 -22.76 2.29 6.25
CA VAL C 235 -22.19 2.29 4.92
C VAL C 235 -21.50 3.63 4.60
N SER C 236 -22.19 4.77 4.82
CA SER C 236 -21.68 6.12 4.58
C SER C 236 -20.44 6.35 5.40
N SER C 237 -20.34 5.69 6.58
CA SER C 237 -19.14 5.74 7.43
C SER C 237 -17.96 5.00 6.72
N ILE C 238 -18.21 3.76 6.22
CA ILE C 238 -17.26 2.96 5.44
C ILE C 238 -16.82 3.76 4.16
N THR C 239 -17.78 4.43 3.46
CA THR C 239 -17.47 5.22 2.26
C THR C 239 -17.08 6.67 2.47
N ALA C 240 -17.14 7.22 3.73
CA ALA C 240 -16.76 8.62 4.04
C ALA C 240 -15.36 8.93 3.51
N SER C 241 -14.45 7.96 3.70
CA SER C 241 -13.05 7.91 3.31
C SER C 241 -12.81 8.03 1.80
N LEU C 242 -13.89 8.19 1.01
CA LEU C 242 -13.82 8.24 -0.44
C LEU C 242 -14.58 9.45 -0.98
N ARG C 243 -15.76 9.75 -0.42
CA ARG C 243 -16.59 10.88 -0.80
C ARG C 243 -16.11 12.16 -0.08
N PHE C 244 -15.20 12.00 0.91
CA PHE C 244 -14.57 13.11 1.64
C PHE C 244 -13.05 13.02 1.68
N ASP C 245 -12.42 14.18 1.72
CA ASP C 245 -10.97 14.28 1.80
C ASP C 245 -10.62 15.28 2.89
N GLY C 246 -9.99 14.76 3.94
CA GLY C 246 -9.54 15.54 5.08
C GLY C 246 -8.09 15.29 5.41
N ALA C 247 -7.40 16.32 5.96
CA ALA C 247 -6.02 16.20 6.38
C ALA C 247 -6.01 15.24 7.57
N LEU C 248 -7.01 15.45 8.49
CA LEU C 248 -7.33 14.68 9.69
C LEU C 248 -7.01 13.22 9.43
N ASN C 249 -7.76 12.60 8.45
CA ASN C 249 -7.62 11.22 7.96
C ASN C 249 -8.55 10.93 6.80
N VAL C 250 -9.38 9.88 6.93
CA VAL C 250 -10.29 9.29 5.93
C VAL C 250 -9.49 8.69 4.80
N ASP C 251 -9.34 7.32 4.85
CA ASP C 251 -8.43 6.60 3.97
C ASP C 251 -8.69 5.09 3.76
N LEU C 252 -9.81 4.68 3.11
CA LEU C 252 -10.08 3.24 2.82
C LEU C 252 -9.01 2.66 1.88
N THR C 253 -9.14 1.38 1.46
CA THR C 253 -8.18 0.69 0.56
C THR C 253 -6.91 0.34 1.34
N GLU C 254 -6.44 1.29 2.18
CA GLU C 254 -5.31 1.14 3.10
C GLU C 254 -5.83 0.23 4.20
N PHE C 255 -7.12 0.39 4.58
CA PHE C 255 -7.73 -0.46 5.59
C PHE C 255 -7.77 -1.84 5.01
N GLN C 256 -8.32 -1.97 3.77
CA GLN C 256 -8.47 -3.20 2.98
C GLN C 256 -7.22 -4.08 3.04
N THR C 257 -6.01 -3.45 2.96
CA THR C 257 -4.70 -4.12 3.05
C THR C 257 -4.50 -4.82 4.40
N ASN C 258 -4.86 -4.15 5.52
CA ASN C 258 -4.75 -4.76 6.85
C ASN C 258 -5.83 -5.83 7.04
N LEU C 259 -7.02 -5.49 6.59
CA LEU C 259 -8.15 -6.37 6.75
C LEU C 259 -8.00 -7.68 5.98
N VAL C 260 -7.44 -7.64 4.77
CA VAL C 260 -7.32 -8.86 3.98
C VAL C 260 -5.91 -9.51 3.96
N PRO C 261 -5.60 -10.51 4.82
CA PRO C 261 -4.26 -11.11 4.77
C PRO C 261 -4.06 -12.09 3.62
N TYR C 262 -5.14 -12.74 3.22
CA TYR C 262 -5.20 -13.79 2.22
C TYR C 262 -6.43 -13.50 1.43
N PRO C 263 -6.45 -13.81 0.11
CA PRO C 263 -7.61 -13.48 -0.71
C PRO C 263 -8.99 -13.84 -0.12
N ARG C 264 -9.23 -15.14 0.20
CA ARG C 264 -10.51 -15.63 0.71
C ARG C 264 -10.92 -15.09 2.09
N ILE C 265 -9.97 -14.57 2.89
CA ILE C 265 -10.26 -14.02 4.23
C ILE C 265 -10.46 -12.49 4.04
N HIS C 266 -11.58 -12.10 3.42
CA HIS C 266 -11.92 -10.73 3.03
C HIS C 266 -13.26 -10.16 3.59
N PHE C 267 -13.86 -10.83 4.60
CA PHE C 267 -15.13 -10.36 5.16
C PHE C 267 -14.92 -9.66 6.50
N PRO C 268 -14.81 -8.31 6.59
CA PRO C 268 -14.65 -7.68 7.89
C PRO C 268 -15.97 -7.70 8.64
N LEU C 269 -15.88 -7.42 9.95
CA LEU C 269 -17.00 -7.32 10.85
C LEU C 269 -17.11 -5.84 11.26
N ALA C 270 -18.28 -5.22 11.02
CA ALA C 270 -18.46 -3.82 11.41
C ALA C 270 -19.24 -3.66 12.71
N THR C 271 -18.72 -2.79 13.56
CA THR C 271 -19.32 -2.49 14.87
C THR C 271 -19.46 -0.99 14.90
N TYR C 272 -20.67 -0.51 14.70
CA TYR C 272 -20.94 0.92 14.69
C TYR C 272 -21.41 1.39 16.07
N ALA C 273 -21.10 2.65 16.40
CA ALA C 273 -21.47 3.33 17.64
C ALA C 273 -21.39 4.85 17.45
N PRO C 274 -22.37 5.65 17.92
CA PRO C 274 -23.54 5.29 18.71
C PRO C 274 -24.86 5.34 17.94
N VAL C 275 -25.74 4.43 18.32
CA VAL C 275 -27.10 4.38 17.81
C VAL C 275 -27.90 4.90 18.98
N ILE C 276 -28.47 6.10 18.79
CA ILE C 276 -29.24 6.85 19.78
C ILE C 276 -30.63 7.20 19.26
N SER C 277 -31.68 6.95 20.08
CA SER C 277 -33.06 7.26 19.71
C SER C 277 -33.26 8.77 19.76
N ALA C 278 -33.96 9.31 18.73
CA ALA C 278 -34.25 10.74 18.63
C ALA C 278 -35.27 11.23 19.68
N GLU C 279 -35.29 10.60 20.87
CA GLU C 279 -36.15 10.90 22.01
C GLU C 279 -35.43 10.70 23.37
N LYS C 280 -34.10 10.43 23.32
CA LYS C 280 -33.27 10.18 24.51
C LYS C 280 -32.86 11.45 25.28
N ALA C 281 -33.66 12.55 25.17
CA ALA C 281 -33.49 13.87 25.82
C ALA C 281 -32.05 14.33 26.21
N TYR C 282 -31.80 14.60 27.52
CA TYR C 282 -30.57 15.09 28.18
C TYR C 282 -29.24 14.73 27.53
N HIS C 283 -29.12 13.49 27.02
CA HIS C 283 -27.96 12.89 26.34
C HIS C 283 -26.76 13.81 26.11
N GLU C 284 -26.75 14.52 24.95
CA GLU C 284 -25.75 15.48 24.44
C GLU C 284 -24.50 15.80 25.32
N GLN C 285 -23.32 15.14 25.08
CA GLN C 285 -23.06 14.10 24.07
C GLN C 285 -22.23 12.95 24.71
N LEU C 286 -21.34 12.29 23.93
CA LEU C 286 -20.49 11.20 24.42
C LEU C 286 -19.00 11.51 24.26
N SER C 287 -18.16 10.77 25.00
CA SER C 287 -16.70 10.91 24.92
C SER C 287 -16.18 9.95 23.87
N VAL C 288 -14.92 10.15 23.42
CA VAL C 288 -14.27 9.32 22.40
C VAL C 288 -14.21 7.86 22.88
N ALA C 289 -13.72 7.65 24.12
CA ALA C 289 -13.56 6.34 24.76
C ALA C 289 -14.86 5.60 25.00
N GLU C 290 -15.97 6.35 25.21
CA GLU C 290 -17.31 5.78 25.38
C GLU C 290 -17.67 5.05 24.10
N ILE C 291 -17.53 5.75 22.96
CA ILE C 291 -17.82 5.20 21.65
C ILE C 291 -16.79 4.16 21.21
N THR C 292 -15.52 4.35 21.59
CA THR C 292 -14.44 3.41 21.27
C THR C 292 -14.68 2.06 21.98
N ASN C 293 -15.23 2.10 23.23
CA ASN C 293 -15.52 0.92 24.02
C ASN C 293 -16.72 0.21 23.45
N ALA C 294 -17.73 0.99 23.02
CA ALA C 294 -18.98 0.52 22.41
C ALA C 294 -18.72 -0.48 21.29
N CYS C 295 -17.64 -0.25 20.51
CA CYS C 295 -17.16 -1.12 19.43
C CYS C 295 -16.86 -2.54 19.89
N PHE C 296 -16.35 -2.71 21.13
CA PHE C 296 -15.97 -4.03 21.62
C PHE C 296 -17.11 -4.86 22.22
N GLU C 297 -18.28 -4.22 22.45
CA GLU C 297 -19.49 -4.89 22.95
C GLU C 297 -20.20 -5.58 21.77
N PRO C 298 -20.64 -6.87 21.90
CA PRO C 298 -21.29 -7.54 20.75
C PRO C 298 -22.58 -6.91 20.29
N ALA C 299 -23.35 -6.36 21.24
CA ALA C 299 -24.61 -5.69 20.99
C ALA C 299 -24.56 -4.49 20.02
N ASN C 300 -23.41 -4.30 19.36
CA ASN C 300 -23.22 -3.24 18.39
C ASN C 300 -22.74 -3.77 17.06
N GLN C 301 -22.35 -5.05 17.02
CA GLN C 301 -21.88 -5.74 15.82
C GLN C 301 -22.88 -5.82 14.72
N MET C 302 -22.42 -5.73 13.46
CA MET C 302 -23.28 -5.79 12.28
C MET C 302 -23.70 -7.20 12.00
N VAL C 303 -22.87 -8.14 12.40
CA VAL C 303 -23.16 -9.54 12.25
C VAL C 303 -23.08 -10.14 13.64
N LYS C 304 -24.07 -10.98 13.97
CA LYS C 304 -24.12 -11.66 15.25
C LYS C 304 -23.03 -12.77 15.29
N CYS C 305 -21.96 -12.53 16.08
CA CYS C 305 -20.85 -13.49 16.30
C CYS C 305 -20.15 -13.26 17.65
N ASP C 306 -19.13 -14.10 18.01
CA ASP C 306 -18.41 -13.92 19.27
C ASP C 306 -16.91 -13.78 19.15
N PRO C 307 -16.46 -12.54 18.88
CA PRO C 307 -15.01 -12.27 18.74
C PRO C 307 -14.22 -12.35 20.04
N ARG C 308 -14.91 -12.40 21.22
CA ARG C 308 -14.28 -12.50 22.54
C ARG C 308 -13.62 -13.89 22.64
N HIS C 309 -14.21 -14.84 21.89
CA HIS C 309 -13.78 -16.22 21.86
C HIS C 309 -12.84 -16.60 20.74
N GLY C 310 -12.96 -15.91 19.60
CA GLY C 310 -12.06 -16.09 18.46
C GLY C 310 -10.77 -15.28 18.54
N LYS C 311 -10.05 -15.17 17.43
CA LYS C 311 -8.83 -14.36 17.34
C LYS C 311 -8.98 -13.25 16.28
N TYR C 312 -8.13 -12.22 16.36
CA TYR C 312 -8.12 -11.06 15.46
C TYR C 312 -6.93 -11.06 14.49
N MET C 313 -7.14 -10.55 13.28
CA MET C 313 -6.07 -10.45 12.29
C MET C 313 -5.97 -9.03 11.74
N ALA C 314 -6.79 -8.11 12.30
CA ALA C 314 -6.88 -6.70 11.94
C ALA C 314 -7.96 -6.04 12.76
N CYS C 315 -7.78 -4.72 13.01
CA CYS C 315 -8.71 -3.86 13.74
CA CYS C 315 -8.73 -3.86 13.72
C CYS C 315 -8.54 -2.42 13.27
N CYS C 316 -9.61 -1.85 12.74
CA CYS C 316 -9.64 -0.53 12.17
C CYS C 316 -10.75 0.35 12.70
N LEU C 317 -10.39 1.55 13.11
CA LEU C 317 -11.34 2.50 13.66
C LEU C 317 -11.56 3.70 12.77
N LEU C 318 -12.84 3.93 12.38
CA LEU C 318 -13.25 4.99 11.46
C LEU C 318 -14.07 6.01 12.21
N TYR C 319 -13.39 7.05 12.68
CA TYR C 319 -13.96 8.14 13.48
C TYR C 319 -14.50 9.26 12.60
N ARG C 320 -15.54 9.98 13.11
CA ARG C 320 -16.15 11.13 12.43
C ARG C 320 -16.84 12.12 13.34
N GLY C 321 -16.89 13.37 12.89
CA GLY C 321 -17.54 14.46 13.60
C GLY C 321 -16.61 15.45 14.27
N ASP C 322 -16.22 15.14 15.52
CA ASP C 322 -15.37 15.94 16.40
C ASP C 322 -14.43 15.01 17.19
N VAL C 323 -13.38 14.51 16.52
CA VAL C 323 -12.42 13.58 17.10
C VAL C 323 -10.95 14.08 16.98
N VAL C 324 -10.22 14.06 18.11
CA VAL C 324 -8.84 14.52 18.17
C VAL C 324 -7.95 13.33 18.60
N PRO C 325 -6.84 13.04 17.87
CA PRO C 325 -5.99 11.88 18.22
C PRO C 325 -5.64 11.72 19.69
N LYS C 326 -5.34 12.85 20.39
CA LYS C 326 -5.00 12.95 21.82
C LYS C 326 -5.75 11.91 22.65
N ASP C 327 -7.09 11.90 22.48
CA ASP C 327 -8.02 11.03 23.19
C ASP C 327 -8.38 9.73 22.48
N VAL C 328 -8.04 9.61 21.17
CA VAL C 328 -8.24 8.35 20.43
C VAL C 328 -7.20 7.37 21.03
N ASN C 329 -5.92 7.85 21.11
CA ASN C 329 -4.77 7.14 21.65
C ASN C 329 -5.05 6.70 23.04
N ALA C 330 -5.48 7.65 23.89
CA ALA C 330 -5.86 7.42 25.28
C ALA C 330 -6.83 6.24 25.39
N ALA C 331 -7.87 6.24 24.54
CA ALA C 331 -8.91 5.22 24.46
C ALA C 331 -8.31 3.88 24.03
N ILE C 332 -7.59 3.89 22.89
CA ILE C 332 -6.93 2.71 22.30
C ILE C 332 -6.01 1.96 23.28
N ALA C 333 -5.26 2.75 24.11
CA ALA C 333 -4.36 2.32 25.17
C ALA C 333 -5.12 1.58 26.27
N THR C 334 -6.21 2.18 26.80
CA THR C 334 -7.01 1.58 27.86
C THR C 334 -7.54 0.21 27.44
N ILE C 335 -7.90 0.07 26.15
CA ILE C 335 -8.41 -1.16 25.53
C ILE C 335 -7.29 -2.22 25.42
N LYS C 336 -6.15 -1.87 24.80
CA LYS C 336 -5.00 -2.75 24.59
C LYS C 336 -4.42 -3.40 25.86
N THR C 337 -4.79 -2.89 27.06
CA THR C 337 -4.36 -3.47 28.34
C THR C 337 -5.19 -4.74 28.60
N LYS C 338 -6.53 -4.64 28.44
CA LYS C 338 -7.49 -5.72 28.56
C LYS C 338 -7.10 -6.89 27.61
N ARG C 339 -7.12 -8.13 28.15
CA ARG C 339 -6.73 -9.36 27.47
C ARG C 339 -7.81 -10.12 26.67
N THR C 340 -8.98 -9.50 26.43
CA THR C 340 -9.98 -10.18 25.61
C THR C 340 -9.72 -9.97 24.13
N ILE C 341 -8.95 -8.91 23.78
CA ILE C 341 -8.60 -8.62 22.40
C ILE C 341 -7.31 -9.34 22.05
N GLN C 342 -7.43 -10.64 21.78
CA GLN C 342 -6.29 -11.48 21.41
C GLN C 342 -6.15 -11.61 19.88
N PHE C 343 -5.01 -11.12 19.36
CA PHE C 343 -4.63 -11.20 17.97
C PHE C 343 -3.78 -12.44 17.76
N VAL C 344 -3.64 -12.85 16.49
CA VAL C 344 -2.76 -13.95 16.07
C VAL C 344 -1.27 -13.54 16.24
N ASP C 345 -0.38 -14.53 16.32
CA ASP C 345 1.05 -14.23 16.51
C ASP C 345 1.78 -13.99 15.19
N TRP C 346 1.03 -13.94 14.08
CA TRP C 346 1.59 -13.65 12.75
C TRP C 346 1.31 -12.22 12.28
N CYS C 347 0.49 -11.47 13.03
CA CYS C 347 0.24 -10.08 12.67
C CYS C 347 0.28 -9.13 13.89
N PRO C 348 0.69 -7.85 13.69
CA PRO C 348 0.75 -6.90 14.81
C PRO C 348 -0.57 -6.57 15.50
N THR C 349 -0.45 -6.03 16.72
CA THR C 349 -1.51 -5.66 17.66
C THR C 349 -2.06 -4.21 17.57
N GLY C 350 -1.54 -3.42 16.63
CA GLY C 350 -2.00 -2.06 16.43
C GLY C 350 -3.35 -1.96 15.75
N PHE C 351 -4.08 -0.88 16.03
CA PHE C 351 -5.39 -0.66 15.42
C PHE C 351 -5.21 0.49 14.43
N LYS C 352 -5.53 0.26 13.14
CA LYS C 352 -5.39 1.29 12.10
C LYS C 352 -6.51 2.34 12.26
N VAL C 353 -6.15 3.62 12.51
CA VAL C 353 -7.15 4.65 12.77
C VAL C 353 -7.27 5.72 11.71
N GLY C 354 -8.51 6.01 11.32
CA GLY C 354 -8.92 7.07 10.37
C GLY C 354 -9.98 7.99 10.97
N ILE C 355 -9.81 9.32 10.83
CA ILE C 355 -10.69 10.34 11.40
C ILE C 355 -11.26 11.32 10.36
N ASN C 356 -12.58 11.45 10.35
CA ASN C 356 -13.31 12.36 9.47
C ASN C 356 -13.65 13.66 10.19
N TYR C 357 -14.01 14.67 9.40
CA TYR C 357 -14.34 16.01 9.85
C TYR C 357 -15.83 16.24 9.81
N GLN C 358 -16.47 15.76 8.75
CA GLN C 358 -17.89 15.93 8.53
C GLN C 358 -18.70 15.11 9.51
N PRO C 359 -19.42 15.79 10.44
CA PRO C 359 -20.20 15.06 11.44
C PRO C 359 -21.27 14.18 10.81
N PRO C 360 -21.62 13.08 11.49
CA PRO C 360 -22.69 12.23 10.96
C PRO C 360 -23.95 13.07 10.73
N THR C 361 -24.42 13.06 9.48
CA THR C 361 -25.62 13.79 9.09
C THR C 361 -26.82 12.89 9.28
N VAL C 362 -27.87 13.41 9.91
CA VAL C 362 -29.04 12.58 10.15
C VAL C 362 -30.24 12.98 9.28
N VAL C 363 -30.99 11.95 8.82
CA VAL C 363 -32.14 12.04 7.92
C VAL C 363 -33.28 12.87 8.51
N PRO C 364 -33.71 13.98 7.85
CA PRO C 364 -34.86 14.76 8.35
C PRO C 364 -36.07 13.87 8.56
N GLY C 365 -36.67 13.99 9.73
CA GLY C 365 -37.82 13.16 10.11
C GLY C 365 -37.44 11.70 10.21
N GLY C 366 -36.39 11.48 10.97
CA GLY C 366 -35.79 10.16 11.17
C GLY C 366 -36.03 9.60 12.55
N ASP C 367 -35.35 8.48 12.80
CA ASP C 367 -35.42 7.66 14.02
C ASP C 367 -34.16 7.88 14.89
N LEU C 368 -33.02 8.10 14.23
CA LEU C 368 -31.76 8.37 14.92
C LEU C 368 -31.67 9.83 15.27
N ALA C 369 -30.86 10.16 16.29
CA ALA C 369 -30.63 11.52 16.77
C ALA C 369 -29.31 12.06 16.21
N LYS C 370 -29.10 13.39 16.30
CA LYS C 370 -27.85 13.99 15.80
C LYS C 370 -26.72 13.76 16.80
N VAL C 371 -25.59 13.20 16.31
CA VAL C 371 -24.42 12.87 17.13
C VAL C 371 -23.22 13.79 16.91
N GLN C 372 -22.51 14.12 17.99
CA GLN C 372 -21.33 14.99 17.90
C GLN C 372 -20.16 14.19 17.32
N ARG C 373 -20.16 12.85 17.56
CA ARG C 373 -19.13 11.91 17.07
C ARG C 373 -19.58 10.44 17.00
N ALA C 374 -19.42 9.83 15.81
CA ALA C 374 -19.74 8.43 15.54
C ALA C 374 -18.46 7.65 15.13
N VAL C 375 -18.45 6.34 15.41
CA VAL C 375 -17.33 5.44 15.06
C VAL C 375 -17.83 4.15 14.38
N CYS C 376 -17.02 3.60 13.48
CA CYS C 376 -17.28 2.31 12.86
C CYS C 376 -16.01 1.51 12.96
N MET C 377 -16.11 0.33 13.57
CA MET C 377 -14.93 -0.49 13.73
C MET C 377 -14.94 -1.72 12.84
N LEU C 378 -14.06 -1.69 11.83
CA LEU C 378 -13.83 -2.79 10.88
C LEU C 378 -12.69 -3.64 11.41
N SER C 379 -12.89 -4.93 11.45
CA SER C 379 -11.90 -5.81 11.99
C SER C 379 -11.96 -7.19 11.35
N ASN C 380 -10.79 -7.81 11.22
CA ASN C 380 -10.72 -9.17 10.73
C ASN C 380 -10.56 -10.21 11.90
N THR C 381 -11.73 -10.65 12.45
CA THR C 381 -11.88 -11.66 13.49
C THR C 381 -12.28 -13.00 12.88
N THR C 382 -11.76 -14.10 13.45
CA THR C 382 -12.08 -15.47 13.02
C THR C 382 -13.56 -15.81 13.34
N ALA C 383 -14.17 -15.07 14.31
CA ALA C 383 -15.54 -15.23 14.79
C ALA C 383 -16.63 -14.95 13.74
N ILE C 384 -16.34 -14.20 12.68
CA ILE C 384 -17.33 -13.98 11.61
C ILE C 384 -17.71 -15.34 10.97
N ALA C 385 -16.79 -16.31 11.02
CA ALA C 385 -17.01 -17.64 10.44
C ALA C 385 -18.19 -18.39 11.05
N GLU C 386 -18.74 -17.83 12.16
CA GLU C 386 -19.88 -18.33 12.90
C GLU C 386 -21.15 -18.11 12.08
N ALA C 387 -21.19 -16.99 11.33
CA ALA C 387 -22.29 -16.64 10.43
C ALA C 387 -22.38 -17.66 9.31
N TRP C 388 -21.21 -18.05 8.74
CA TRP C 388 -21.11 -19.09 7.72
C TRP C 388 -21.67 -20.39 8.25
N ALA C 389 -21.10 -20.84 9.36
CA ALA C 389 -21.45 -22.05 10.07
C ALA C 389 -22.98 -22.13 10.36
N ARG C 390 -23.59 -20.98 10.69
CA ARG C 390 -24.99 -20.89 11.01
C ARG C 390 -25.81 -21.21 9.76
N LEU C 391 -25.50 -20.50 8.67
CA LEU C 391 -26.13 -20.58 7.36
C LEU C 391 -26.04 -21.99 6.82
N ASP C 392 -24.84 -22.58 6.92
CA ASP C 392 -24.45 -23.92 6.46
C ASP C 392 -25.31 -25.01 7.05
N HIS C 393 -25.61 -24.92 8.37
CA HIS C 393 -26.44 -25.87 9.14
C HIS C 393 -27.84 -26.02 8.56
N LYS C 394 -28.50 -24.86 8.33
CA LYS C 394 -29.82 -24.76 7.72
C LYS C 394 -29.76 -25.34 6.32
N PHE C 395 -28.65 -25.07 5.57
CA PHE C 395 -28.42 -25.64 4.24
C PHE C 395 -28.44 -27.20 4.36
N ASP C 396 -27.55 -27.74 5.22
CA ASP C 396 -27.36 -29.16 5.48
C ASP C 396 -28.65 -29.87 5.85
N LEU C 397 -29.50 -29.17 6.63
CA LEU C 397 -30.77 -29.71 7.13
C LEU C 397 -31.72 -30.08 6.04
N MET C 398 -31.95 -29.11 5.14
CA MET C 398 -32.81 -29.21 3.96
C MET C 398 -32.17 -30.16 2.93
N TYR C 399 -30.88 -29.87 2.53
CA TYR C 399 -30.17 -30.64 1.50
C TYR C 399 -30.07 -32.09 1.79
N ALA C 400 -29.95 -32.43 3.07
CA ALA C 400 -29.90 -33.80 3.56
C ALA C 400 -31.03 -34.64 2.96
N LYS C 401 -32.20 -33.96 2.70
CA LYS C 401 -33.49 -34.45 2.18
C LYS C 401 -33.73 -33.94 0.75
N ARG C 402 -32.91 -32.95 0.30
CA ARG C 402 -33.01 -32.25 -0.98
C ARG C 402 -34.30 -31.47 -1.10
N ALA C 403 -34.73 -30.92 0.05
CA ALA C 403 -35.96 -30.13 0.16
C ALA C 403 -35.84 -28.83 -0.66
N PHE C 404 -36.74 -28.64 -1.65
CA PHE C 404 -36.80 -27.49 -2.55
C PHE C 404 -35.80 -27.53 -3.73
N VAL C 405 -34.87 -28.52 -3.72
CA VAL C 405 -33.80 -28.65 -4.73
C VAL C 405 -34.35 -28.82 -6.14
N HIS C 406 -35.55 -29.44 -6.28
CA HIS C 406 -36.20 -29.60 -7.59
C HIS C 406 -36.36 -28.28 -8.35
N TRP C 407 -36.68 -27.17 -7.63
CA TRP C 407 -36.87 -25.85 -8.22
C TRP C 407 -35.64 -25.37 -8.94
N TYR C 408 -34.45 -25.61 -8.34
CA TYR C 408 -33.13 -25.21 -8.88
C TYR C 408 -32.85 -25.99 -10.13
N VAL C 409 -32.81 -27.32 -9.97
CA VAL C 409 -32.62 -28.33 -10.98
C VAL C 409 -33.53 -28.10 -12.19
N GLY C 410 -34.81 -27.81 -11.95
CA GLY C 410 -35.79 -27.52 -12.98
C GLY C 410 -35.45 -26.31 -13.83
N GLU C 411 -34.68 -25.35 -13.21
CA GLU C 411 -34.22 -24.13 -13.88
C GLU C 411 -32.88 -24.30 -14.60
N GLY C 412 -32.35 -25.53 -14.60
CA GLY C 412 -31.14 -25.92 -15.31
C GLY C 412 -29.98 -26.41 -14.47
N MET C 413 -29.92 -25.99 -13.20
CA MET C 413 -28.85 -26.35 -12.24
C MET C 413 -28.70 -27.85 -11.99
N GLU C 414 -27.56 -28.21 -11.40
CA GLU C 414 -27.16 -29.58 -11.10
C GLU C 414 -26.93 -29.75 -9.59
N GLU C 415 -27.30 -30.96 -9.02
CA GLU C 415 -27.10 -31.27 -7.58
C GLU C 415 -25.65 -30.95 -7.21
N GLY C 416 -24.74 -31.26 -8.13
CA GLY C 416 -23.31 -31.02 -8.02
C GLY C 416 -22.96 -29.62 -7.59
N GLU C 417 -23.65 -28.60 -8.17
CA GLU C 417 -23.44 -27.19 -7.84
C GLU C 417 -23.57 -26.96 -6.33
N PHE C 418 -24.63 -27.52 -5.70
CA PHE C 418 -24.85 -27.44 -4.27
C PHE C 418 -23.67 -28.02 -3.45
N SER C 419 -23.19 -29.21 -3.84
CA SER C 419 -22.06 -29.88 -3.18
C SER C 419 -20.78 -29.04 -3.36
N GLU C 420 -20.48 -28.65 -4.61
CA GLU C 420 -19.37 -27.78 -4.98
C GLU C 420 -19.39 -26.56 -4.01
N ALA C 421 -20.54 -25.80 -4.01
CA ALA C 421 -20.76 -24.62 -3.19
C ALA C 421 -20.61 -24.87 -1.70
N ARG C 422 -21.14 -26.03 -1.27
CA ARG C 422 -21.10 -26.46 0.12
C ARG C 422 -19.67 -26.80 0.57
N GLU C 423 -18.88 -27.49 -0.30
CA GLU C 423 -17.49 -27.88 -0.04
C GLU C 423 -16.68 -26.62 0.08
N ASP C 424 -16.94 -25.65 -0.83
CA ASP C 424 -16.27 -24.36 -0.80
C ASP C 424 -16.48 -23.74 0.56
N MET C 425 -17.74 -23.68 1.01
CA MET C 425 -18.14 -23.16 2.32
C MET C 425 -17.42 -23.81 3.47
N ALA C 426 -17.28 -25.14 3.40
CA ALA C 426 -16.61 -25.97 4.38
C ALA C 426 -15.11 -25.63 4.40
N ALA C 427 -14.50 -25.47 3.19
CA ALA C 427 -13.09 -25.10 3.04
C ALA C 427 -12.87 -23.71 3.62
N LEU C 428 -13.85 -22.81 3.42
CA LEU C 428 -13.80 -21.46 3.99
C LEU C 428 -13.84 -21.54 5.50
N GLU C 429 -14.65 -22.45 6.07
CA GLU C 429 -14.69 -22.65 7.52
C GLU C 429 -13.32 -23.13 8.07
N LYS C 430 -12.65 -24.06 7.31
CA LYS C 430 -11.33 -24.62 7.60
C LYS C 430 -10.27 -23.55 7.47
N ASP C 431 -10.45 -22.68 6.48
CA ASP C 431 -9.55 -21.55 6.24
C ASP C 431 -9.52 -20.61 7.44
N TYR C 432 -10.66 -20.41 8.12
CA TYR C 432 -10.74 -19.57 9.31
C TYR C 432 -10.19 -20.28 10.53
N GLU C 433 -10.35 -21.63 10.61
CA GLU C 433 -9.84 -22.48 11.70
C GLU C 433 -8.33 -22.44 11.65
N GLU C 434 -7.77 -22.73 10.45
CA GLU C 434 -6.35 -22.78 10.10
C GLU C 434 -5.65 -21.47 10.43
N VAL C 435 -6.27 -20.35 10.01
CA VAL C 435 -5.75 -18.99 10.15
C VAL C 435 -5.62 -18.51 11.60
N GLY C 436 -6.55 -18.93 12.46
CA GLY C 436 -6.55 -18.61 13.89
C GLY C 436 -5.59 -19.44 14.74
N VAL C 437 -4.80 -20.31 14.10
CA VAL C 437 -3.82 -21.14 14.78
C VAL C 437 -2.58 -20.25 14.99
N ASP C 438 -1.92 -20.41 16.17
CA ASP C 438 -0.71 -19.65 16.53
C ASP C 438 0.55 -20.53 16.44
N ARG D 2 -47.21 -11.30 -13.06
CA ARG D 2 -48.27 -10.29 -13.22
C ARG D 2 -49.72 -10.85 -13.25
N GLU D 3 -50.34 -11.15 -14.43
CA GLU D 3 -51.76 -11.60 -14.53
C GLU D 3 -52.07 -13.09 -14.31
N ILE D 4 -53.28 -13.42 -13.80
CA ILE D 4 -53.78 -14.81 -13.65
C ILE D 4 -55.01 -15.09 -14.58
N VAL D 5 -54.96 -16.22 -15.33
CA VAL D 5 -56.04 -16.69 -16.21
C VAL D 5 -56.73 -17.79 -15.45
N HIS D 6 -58.04 -17.68 -15.28
CA HIS D 6 -58.81 -18.60 -14.48
C HIS D 6 -59.72 -19.47 -15.31
N ILE D 7 -59.76 -20.78 -15.01
CA ILE D 7 -60.66 -21.70 -15.70
C ILE D 7 -61.59 -22.41 -14.72
N GLN D 8 -62.92 -22.23 -14.86
CA GLN D 8 -63.87 -22.98 -14.02
C GLN D 8 -64.56 -24.10 -14.83
N ALA D 9 -64.49 -25.35 -14.33
CA ALA D 9 -65.00 -26.53 -15.03
C ALA D 9 -66.06 -27.46 -14.36
N GLY D 10 -67.12 -27.69 -15.10
CA GLY D 10 -68.19 -28.55 -14.65
C GLY D 10 -69.15 -27.85 -13.72
N GLN D 11 -70.08 -28.64 -13.18
CA GLN D 11 -71.11 -28.17 -12.28
C GLN D 11 -70.50 -27.47 -11.06
N CYS D 12 -69.54 -28.15 -10.43
CA CYS D 12 -68.89 -27.67 -9.22
C CYS D 12 -67.89 -26.56 -9.52
N GLY D 13 -67.15 -26.72 -10.62
CA GLY D 13 -66.15 -25.76 -11.06
C GLY D 13 -66.78 -24.41 -11.26
N ASN D 14 -67.90 -24.38 -11.99
CA ASN D 14 -68.64 -23.13 -12.23
C ASN D 14 -69.37 -22.68 -11.01
N GLN D 15 -69.88 -23.62 -10.23
CA GLN D 15 -70.59 -23.22 -9.04
C GLN D 15 -69.68 -22.53 -8.05
N ILE D 16 -68.52 -23.13 -7.76
CA ILE D 16 -67.58 -22.51 -6.83
C ILE D 16 -66.91 -21.25 -7.43
N GLY D 17 -66.62 -21.33 -8.73
CA GLY D 17 -65.98 -20.27 -9.51
C GLY D 17 -66.80 -19.00 -9.50
N ALA D 18 -68.11 -19.14 -9.81
CA ALA D 18 -69.06 -18.03 -9.81
C ALA D 18 -69.14 -17.37 -8.43
N LYS D 19 -69.12 -18.18 -7.33
CA LYS D 19 -69.13 -17.56 -6.02
C LYS D 19 -67.82 -16.84 -5.72
N PHE D 20 -66.65 -17.43 -6.15
CA PHE D 20 -65.35 -16.78 -5.99
C PHE D 20 -65.41 -15.42 -6.68
N TRP D 21 -65.89 -15.42 -7.93
CA TRP D 21 -66.03 -14.21 -8.71
C TRP D 21 -66.92 -13.16 -8.09
N GLU D 22 -67.96 -13.61 -7.33
CA GLU D 22 -68.91 -12.74 -6.61
C GLU D 22 -68.21 -12.04 -5.44
N VAL D 23 -67.47 -12.87 -4.65
CA VAL D 23 -66.79 -12.55 -3.39
C VAL D 23 -65.76 -11.47 -3.60
N ILE D 24 -64.84 -11.74 -4.53
CA ILE D 24 -63.72 -10.89 -4.91
C ILE D 24 -64.13 -9.63 -5.68
N SER D 25 -65.25 -9.68 -6.41
CA SER D 25 -65.72 -8.52 -7.15
C SER D 25 -66.12 -7.46 -6.15
N ASP D 26 -66.94 -7.87 -5.15
CA ASP D 26 -67.42 -7.03 -4.05
C ASP D 26 -66.24 -6.44 -3.28
N GLU D 27 -65.21 -7.28 -2.98
CA GLU D 27 -63.98 -6.90 -2.27
C GLU D 27 -63.23 -5.78 -3.03
N HIS D 28 -63.27 -5.81 -4.37
CA HIS D 28 -62.60 -4.86 -5.26
C HIS D 28 -63.44 -3.63 -5.75
N GLY D 29 -64.63 -3.44 -5.21
CA GLY D 29 -65.48 -2.30 -5.60
C GLY D 29 -66.14 -2.45 -6.95
N ILE D 30 -66.15 -3.68 -7.48
CA ILE D 30 -66.78 -3.97 -8.77
C ILE D 30 -68.25 -4.38 -8.55
N ASP D 31 -69.21 -3.72 -9.25
CA ASP D 31 -70.64 -4.03 -9.19
C ASP D 31 -71.00 -5.11 -10.26
N PRO D 32 -72.23 -5.72 -10.31
CA PRO D 32 -72.51 -6.76 -11.33
C PRO D 32 -72.45 -6.35 -12.80
N THR D 33 -72.61 -5.05 -13.07
CA THR D 33 -72.52 -4.51 -14.42
C THR D 33 -71.04 -4.39 -14.85
N GLY D 34 -70.13 -4.64 -13.90
CA GLY D 34 -68.69 -4.60 -14.12
C GLY D 34 -68.05 -3.25 -13.94
N SER D 35 -68.82 -2.26 -13.46
CA SER D 35 -68.30 -0.91 -13.24
C SER D 35 -67.65 -0.83 -11.84
N TYR D 36 -66.75 0.12 -11.64
CA TYR D 36 -66.14 0.31 -10.32
C TYR D 36 -66.76 1.50 -9.59
N HIS D 37 -67.01 1.30 -8.30
CA HIS D 37 -67.46 2.33 -7.37
C HIS D 37 -67.10 1.96 -5.95
N GLY D 38 -65.79 1.90 -5.69
CA GLY D 38 -65.20 1.61 -4.39
C GLY D 38 -64.62 2.88 -3.81
N ASP D 39 -64.07 2.81 -2.59
CA ASP D 39 -63.53 4.01 -1.94
C ASP D 39 -62.01 4.05 -1.72
N SER D 40 -61.34 2.89 -1.90
CA SER D 40 -59.89 2.75 -1.72
C SER D 40 -59.20 2.48 -3.04
N ASP D 41 -58.07 3.17 -3.24
CA ASP D 41 -57.22 3.06 -4.43
C ASP D 41 -56.64 1.64 -4.51
N LEU D 42 -56.34 1.05 -3.34
CA LEU D 42 -55.76 -0.28 -3.14
C LEU D 42 -56.55 -1.39 -3.81
N GLN D 43 -57.86 -1.17 -3.99
CA GLN D 43 -58.74 -2.14 -4.64
C GLN D 43 -58.30 -2.36 -6.09
N LEU D 44 -57.93 -1.27 -6.80
CA LEU D 44 -57.46 -1.25 -8.19
C LEU D 44 -55.95 -1.52 -8.38
N GLU D 45 -55.15 -1.31 -7.31
CA GLU D 45 -53.69 -1.48 -7.27
C GLU D 45 -53.20 -2.78 -7.92
N ARG D 46 -53.87 -3.91 -7.60
CA ARG D 46 -53.55 -5.20 -8.18
C ARG D 46 -54.76 -5.81 -8.92
N ILE D 47 -55.71 -4.95 -9.37
CA ILE D 47 -56.93 -5.39 -10.07
C ILE D 47 -56.63 -6.19 -11.33
N ASN D 48 -55.51 -5.80 -12.00
CA ASN D 48 -54.94 -6.34 -13.23
C ASN D 48 -54.63 -7.85 -13.16
N VAL D 49 -54.67 -8.43 -11.96
CA VAL D 49 -54.40 -9.85 -11.77
C VAL D 49 -55.57 -10.71 -12.31
N TYR D 50 -56.81 -10.39 -11.89
CA TYR D 50 -58.02 -11.15 -12.23
C TYR D 50 -58.94 -10.51 -13.24
N TYR D 51 -58.78 -9.19 -13.51
CA TYR D 51 -59.66 -8.42 -14.39
C TYR D 51 -58.98 -7.81 -15.58
N ASN D 52 -59.66 -7.88 -16.72
CA ASN D 52 -59.23 -7.24 -17.95
C ASN D 52 -59.91 -5.88 -17.89
N GLU D 53 -59.12 -4.79 -18.01
CA GLU D 53 -59.61 -3.41 -18.01
C GLU D 53 -60.24 -3.19 -19.38
N ALA D 54 -61.56 -3.38 -19.49
CA ALA D 54 -62.25 -3.23 -20.78
C ALA D 54 -62.63 -1.78 -21.11
N THR D 55 -63.29 -1.59 -22.28
CA THR D 55 -63.72 -0.27 -22.78
C THR D 55 -64.84 0.35 -21.92
N GLY D 56 -64.81 1.67 -21.80
CA GLY D 56 -65.78 2.44 -21.02
C GLY D 56 -65.50 2.41 -19.52
N ASN D 57 -64.21 2.19 -19.14
CA ASN D 57 -63.68 2.11 -17.77
C ASN D 57 -64.30 0.96 -16.94
N LYS D 58 -64.68 -0.12 -17.64
CA LYS D 58 -65.28 -1.33 -17.10
C LYS D 58 -64.18 -2.37 -16.86
N TYR D 59 -64.37 -3.23 -15.83
CA TYR D 59 -63.43 -4.33 -15.50
C TYR D 59 -64.16 -5.64 -15.70
N VAL D 60 -63.52 -6.57 -16.39
CA VAL D 60 -64.16 -7.85 -16.68
C VAL D 60 -63.22 -9.03 -16.42
N PRO D 61 -63.60 -9.97 -15.51
CA PRO D 61 -62.76 -11.14 -15.22
C PRO D 61 -62.05 -11.83 -16.38
N ARG D 62 -60.84 -12.28 -16.07
CA ARG D 62 -60.00 -13.10 -16.94
C ARG D 62 -60.43 -14.49 -16.47
N ALA D 63 -61.59 -14.92 -17.00
CA ALA D 63 -62.21 -16.18 -16.63
C ALA D 63 -62.85 -16.82 -17.81
N ILE D 64 -62.65 -18.13 -17.89
CA ILE D 64 -63.22 -18.99 -18.92
C ILE D 64 -64.19 -19.95 -18.20
N LEU D 65 -65.45 -19.97 -18.62
CA LEU D 65 -66.41 -20.87 -18.01
C LEU D 65 -66.56 -22.09 -18.95
N VAL D 66 -66.42 -23.31 -18.42
CA VAL D 66 -66.46 -24.57 -19.19
C VAL D 66 -67.35 -25.68 -18.56
N ASP D 67 -68.16 -26.37 -19.41
CA ASP D 67 -69.04 -27.50 -19.07
C ASP D 67 -69.46 -28.28 -20.35
N LEU D 68 -69.68 -29.60 -20.18
CA LEU D 68 -70.15 -30.47 -21.28
C LEU D 68 -71.70 -30.54 -21.27
N GLU D 69 -72.33 -29.72 -20.40
CA GLU D 69 -73.78 -29.57 -20.24
C GLU D 69 -74.10 -28.06 -20.22
N PRO D 70 -75.24 -27.63 -20.79
CA PRO D 70 -75.61 -26.20 -20.69
C PRO D 70 -76.14 -25.77 -19.31
N GLY D 71 -76.65 -26.73 -18.53
CA GLY D 71 -77.26 -26.56 -17.21
C GLY D 71 -76.74 -25.46 -16.29
N THR D 72 -75.65 -25.73 -15.57
CA THR D 72 -75.04 -24.79 -14.61
C THR D 72 -74.61 -23.50 -15.28
N MET D 73 -74.14 -23.63 -16.54
CA MET D 73 -73.70 -22.56 -17.43
C MET D 73 -74.77 -21.49 -17.55
N ASP D 74 -76.02 -21.92 -17.73
CA ASP D 74 -77.15 -21.02 -17.87
C ASP D 74 -77.52 -20.39 -16.55
N SER D 75 -77.45 -21.14 -15.44
CA SER D 75 -77.77 -20.57 -14.14
C SER D 75 -76.82 -19.44 -13.80
N VAL D 76 -75.55 -19.61 -14.14
CA VAL D 76 -74.50 -18.64 -13.91
C VAL D 76 -74.75 -17.37 -14.72
N ARG D 77 -75.06 -17.54 -16.03
CA ARG D 77 -75.40 -16.51 -17.02
C ARG D 77 -76.59 -15.66 -16.52
N SER D 78 -77.57 -16.33 -15.85
CA SER D 78 -78.77 -15.73 -15.27
C SER D 78 -78.54 -15.41 -13.77
N GLY D 79 -77.28 -15.55 -13.32
CA GLY D 79 -76.89 -15.31 -11.94
C GLY D 79 -76.86 -13.85 -11.56
N PRO D 80 -76.54 -13.57 -10.26
CA PRO D 80 -76.48 -12.16 -9.78
C PRO D 80 -75.50 -11.30 -10.58
N PHE D 81 -74.23 -11.76 -10.64
CA PHE D 81 -73.15 -11.10 -11.38
C PHE D 81 -73.15 -11.53 -12.84
N GLY D 82 -73.24 -12.85 -13.07
CA GLY D 82 -73.34 -13.53 -14.35
C GLY D 82 -73.08 -12.78 -15.64
N GLN D 83 -73.77 -11.63 -15.84
CA GLN D 83 -73.64 -10.73 -17.00
C GLN D 83 -72.20 -10.21 -17.17
N ILE D 84 -71.52 -9.94 -16.01
CA ILE D 84 -70.12 -9.49 -15.81
C ILE D 84 -69.07 -10.20 -16.69
N PHE D 85 -69.16 -11.53 -16.83
CA PHE D 85 -68.25 -12.34 -17.63
C PHE D 85 -68.51 -12.10 -19.12
N ARG D 86 -67.42 -12.12 -19.93
CA ARG D 86 -67.53 -12.01 -21.37
C ARG D 86 -68.25 -13.26 -21.90
N PRO D 87 -69.32 -13.08 -22.71
CA PRO D 87 -70.11 -14.25 -23.14
C PRO D 87 -69.43 -15.15 -24.16
N ASP D 88 -68.31 -14.66 -24.74
CA ASP D 88 -67.48 -15.37 -25.70
C ASP D 88 -66.68 -16.49 -24.97
N ASN D 89 -66.32 -16.24 -23.69
CA ASN D 89 -65.58 -17.13 -22.81
C ASN D 89 -66.37 -18.35 -22.26
N PHE D 90 -67.70 -18.34 -22.42
CA PHE D 90 -68.57 -19.43 -21.99
C PHE D 90 -68.41 -20.56 -23.04
N VAL D 91 -67.52 -21.52 -22.77
CA VAL D 91 -67.23 -22.62 -23.70
C VAL D 91 -68.02 -23.82 -23.25
N PHE D 92 -69.20 -23.97 -23.81
CA PHE D 92 -70.12 -25.02 -23.37
C PHE D 92 -70.59 -26.04 -24.39
N GLY D 93 -70.79 -27.27 -23.90
CA GLY D 93 -71.26 -28.40 -24.69
C GLY D 93 -72.68 -28.79 -24.38
N GLN D 94 -73.18 -29.87 -25.02
CA GLN D 94 -74.56 -30.35 -24.79
C GLN D 94 -74.68 -31.83 -24.37
N SER D 95 -73.72 -32.64 -24.84
CA SER D 95 -73.52 -34.08 -24.62
C SER D 95 -73.64 -34.60 -23.19
N GLY D 96 -73.17 -33.80 -22.22
CA GLY D 96 -73.09 -34.21 -20.84
C GLY D 96 -71.85 -35.07 -20.66
N ALA D 97 -71.34 -35.18 -19.41
CA ALA D 97 -70.14 -36.00 -19.13
C ALA D 97 -70.48 -37.20 -18.27
N GLY D 98 -71.75 -37.27 -17.91
CA GLY D 98 -72.38 -38.34 -17.15
C GLY D 98 -71.72 -38.76 -15.86
N ASN D 99 -71.08 -37.80 -15.16
CA ASN D 99 -70.33 -38.08 -13.94
C ASN D 99 -69.30 -39.22 -14.25
N ASN D 100 -68.79 -39.20 -15.48
CA ASN D 100 -67.83 -40.15 -15.98
C ASN D 100 -66.57 -39.41 -16.47
N TRP D 101 -65.44 -39.67 -15.79
CA TRP D 101 -64.13 -39.06 -16.06
C TRP D 101 -63.73 -39.31 -17.51
N ALA D 102 -63.80 -40.59 -17.97
CA ALA D 102 -63.48 -41.03 -19.34
C ALA D 102 -64.29 -40.33 -20.45
N LYS D 103 -65.59 -39.98 -20.20
CA LYS D 103 -66.36 -39.19 -21.17
C LYS D 103 -65.65 -37.82 -21.26
N GLY D 104 -65.39 -37.19 -20.10
CA GLY D 104 -64.72 -35.90 -19.99
C GLY D 104 -63.32 -35.84 -20.59
N HIS D 105 -62.36 -36.57 -19.98
CA HIS D 105 -60.96 -36.63 -20.38
C HIS D 105 -60.74 -37.19 -21.78
N TYR D 106 -61.54 -38.15 -22.22
CA TYR D 106 -61.27 -38.75 -23.51
C TYR D 106 -62.25 -38.53 -24.61
N THR D 107 -63.57 -38.66 -24.35
CA THR D 107 -64.52 -38.62 -25.45
C THR D 107 -65.20 -37.27 -25.67
N GLU D 108 -66.39 -37.09 -25.07
CA GLU D 108 -67.19 -35.86 -25.16
C GLU D 108 -66.36 -34.61 -24.83
N GLY D 109 -65.41 -34.76 -23.91
CA GLY D 109 -64.52 -33.70 -23.46
C GLY D 109 -63.48 -33.25 -24.44
N ALA D 110 -62.81 -34.18 -25.12
CA ALA D 110 -61.78 -33.84 -26.10
C ALA D 110 -62.36 -33.07 -27.32
N GLU D 111 -63.65 -33.31 -27.67
CA GLU D 111 -64.35 -32.61 -28.75
C GLU D 111 -64.47 -31.10 -28.49
N LEU D 112 -64.57 -30.71 -27.21
CA LEU D 112 -64.66 -29.31 -26.81
C LEU D 112 -63.27 -28.73 -26.41
N VAL D 113 -62.32 -29.56 -25.93
CA VAL D 113 -61.01 -29.08 -25.45
C VAL D 113 -60.31 -28.03 -26.31
N ASP D 114 -60.22 -28.27 -27.63
CA ASP D 114 -59.55 -27.38 -28.59
C ASP D 114 -60.19 -26.00 -28.71
N SER D 115 -61.53 -25.98 -28.57
CA SER D 115 -62.34 -24.78 -28.60
C SER D 115 -62.10 -23.99 -27.32
N VAL D 116 -61.76 -24.71 -26.23
CA VAL D 116 -61.50 -24.06 -24.95
C VAL D 116 -60.19 -23.28 -25.04
N LEU D 117 -59.13 -23.95 -25.53
CA LEU D 117 -57.79 -23.39 -25.69
C LEU D 117 -57.75 -22.21 -26.63
N ASP D 118 -58.72 -22.15 -27.57
CA ASP D 118 -58.88 -21.03 -28.49
C ASP D 118 -59.10 -19.80 -27.61
N VAL D 119 -60.06 -19.88 -26.66
CA VAL D 119 -60.38 -18.80 -25.71
C VAL D 119 -59.22 -18.52 -24.72
N VAL D 120 -58.57 -19.60 -24.22
CA VAL D 120 -57.45 -19.45 -23.30
C VAL D 120 -56.26 -18.75 -23.95
N ARG D 121 -55.95 -19.08 -25.22
CA ARG D 121 -54.88 -18.40 -25.98
C ARG D 121 -55.18 -16.90 -26.05
N LYS D 122 -56.45 -16.57 -26.37
CA LYS D 122 -56.96 -15.21 -26.52
C LYS D 122 -56.84 -14.40 -25.23
N GLU D 123 -57.05 -15.05 -24.06
CA GLU D 123 -56.92 -14.33 -22.79
C GLU D 123 -55.47 -14.17 -22.36
N SER D 124 -54.62 -15.16 -22.70
CA SER D 124 -53.17 -15.18 -22.48
C SER D 124 -52.49 -14.08 -23.29
N GLU D 125 -53.02 -13.76 -24.50
CA GLU D 125 -52.51 -12.73 -25.40
C GLU D 125 -52.55 -11.35 -24.71
N SER D 126 -53.74 -10.98 -24.15
CA SER D 126 -54.05 -9.74 -23.43
C SER D 126 -53.25 -9.57 -22.08
N CYS D 127 -52.12 -10.28 -21.92
CA CYS D 127 -51.34 -10.24 -20.68
C CYS D 127 -50.00 -9.58 -20.85
N ASP D 128 -49.70 -8.58 -19.99
CA ASP D 128 -48.40 -7.90 -19.99
C ASP D 128 -47.34 -8.93 -19.59
N CYS D 129 -47.70 -9.77 -18.63
CA CYS D 129 -46.91 -10.90 -18.14
C CYS D 129 -47.82 -11.88 -17.39
N LEU D 130 -48.23 -12.95 -18.09
CA LEU D 130 -49.05 -13.98 -17.49
C LEU D 130 -48.22 -14.70 -16.43
N GLN D 131 -48.75 -14.77 -15.22
CA GLN D 131 -48.18 -15.44 -14.06
C GLN D 131 -48.41 -16.95 -14.27
N GLY D 132 -49.68 -17.33 -14.39
CA GLY D 132 -50.12 -18.70 -14.60
C GLY D 132 -51.62 -18.87 -14.62
N PHE D 133 -52.07 -20.12 -14.43
CA PHE D 133 -53.47 -20.53 -14.46
C PHE D 133 -54.02 -20.96 -13.11
N GLN D 134 -55.36 -20.91 -13.00
CA GLN D 134 -56.14 -21.21 -11.81
C GLN D 134 -57.38 -21.97 -12.22
N LEU D 135 -57.51 -23.25 -11.79
CA LEU D 135 -58.64 -24.11 -12.13
C LEU D 135 -59.55 -24.53 -10.95
N THR D 136 -60.86 -24.28 -11.09
CA THR D 136 -61.84 -24.70 -10.08
C THR D 136 -62.61 -25.89 -10.63
N HIS D 137 -62.61 -27.01 -9.90
CA HIS D 137 -63.27 -28.23 -10.37
C HIS D 137 -63.48 -29.26 -9.25
N SER D 138 -64.48 -30.15 -9.47
CA SER D 138 -64.85 -31.30 -8.64
C SER D 138 -64.03 -32.48 -9.14
N LEU D 139 -63.48 -33.29 -8.23
CA LEU D 139 -62.76 -34.45 -8.74
C LEU D 139 -63.68 -35.67 -8.89
N GLY D 140 -64.96 -35.50 -8.55
CA GLY D 140 -65.98 -36.54 -8.61
C GLY D 140 -66.93 -36.54 -9.80
N GLY D 141 -66.96 -35.48 -10.59
CA GLY D 141 -67.85 -35.44 -11.75
C GLY D 141 -67.23 -35.97 -13.02
N GLY D 142 -67.82 -35.57 -14.15
CA GLY D 142 -67.31 -35.92 -15.47
C GLY D 142 -66.45 -34.82 -16.07
N THR D 143 -67.01 -33.59 -16.20
CA THR D 143 -66.38 -32.38 -16.74
C THR D 143 -65.26 -31.86 -15.83
N GLY D 144 -65.57 -31.65 -14.55
CA GLY D 144 -64.63 -31.17 -13.54
C GLY D 144 -63.38 -32.03 -13.48
N SER D 145 -63.54 -33.28 -13.05
CA SER D 145 -62.45 -34.23 -12.98
C SER D 145 -61.76 -34.58 -14.33
N GLY D 146 -62.54 -35.03 -15.32
CA GLY D 146 -62.05 -35.49 -16.63
C GLY D 146 -61.51 -34.42 -17.56
N MET D 147 -62.42 -33.60 -18.08
CA MET D 147 -62.07 -32.52 -19.00
C MET D 147 -61.24 -31.34 -18.36
N GLY D 148 -61.34 -31.17 -17.03
CA GLY D 148 -60.59 -30.18 -16.27
C GLY D 148 -59.13 -30.59 -16.27
N THR D 149 -58.85 -31.90 -16.09
CA THR D 149 -57.46 -32.44 -16.11
C THR D 149 -56.95 -32.61 -17.51
N LEU D 150 -57.88 -32.66 -18.48
CA LEU D 150 -57.49 -32.72 -19.89
C LEU D 150 -56.91 -31.36 -20.25
N LEU D 151 -57.61 -30.28 -19.82
CA LEU D 151 -57.22 -28.89 -20.01
C LEU D 151 -55.90 -28.56 -19.35
N ILE D 152 -55.67 -29.12 -18.15
CA ILE D 152 -54.43 -28.94 -17.41
C ILE D 152 -53.34 -29.39 -18.31
N SER D 153 -53.39 -30.68 -18.73
CA SER D 153 -52.42 -31.33 -19.63
CA SER D 153 -52.42 -31.33 -19.63
C SER D 153 -52.25 -30.56 -20.95
N LYS D 154 -53.35 -30.03 -21.49
CA LYS D 154 -53.28 -29.28 -22.74
C LYS D 154 -52.74 -27.86 -22.60
N ILE D 155 -53.03 -27.18 -21.45
CA ILE D 155 -52.46 -25.86 -21.13
C ILE D 155 -50.93 -26.05 -20.86
N ARG D 156 -50.60 -27.02 -19.96
CA ARG D 156 -49.25 -27.39 -19.55
C ARG D 156 -48.33 -27.57 -20.76
N GLU D 157 -48.83 -28.16 -21.86
CA GLU D 157 -48.09 -28.36 -23.11
C GLU D 157 -47.71 -27.03 -23.71
N GLU D 158 -48.69 -26.11 -23.80
CA GLU D 158 -48.60 -24.78 -24.39
C GLU D 158 -47.89 -23.73 -23.52
N TYR D 159 -48.01 -23.82 -22.18
CA TYR D 159 -47.43 -22.84 -21.24
C TYR D 159 -46.68 -23.61 -20.14
N PRO D 160 -45.56 -24.31 -20.50
CA PRO D 160 -44.82 -25.12 -19.48
C PRO D 160 -44.20 -24.25 -18.40
N ASP D 161 -43.70 -23.08 -18.82
CA ASP D 161 -43.08 -22.02 -18.04
C ASP D 161 -44.00 -21.38 -16.99
N ARG D 162 -45.33 -21.40 -17.19
CA ARG D 162 -46.22 -20.76 -16.24
C ARG D 162 -46.67 -21.70 -15.08
N ILE D 163 -47.23 -21.11 -13.99
CA ILE D 163 -47.71 -21.84 -12.82
C ILE D 163 -49.07 -22.47 -13.10
N MET D 164 -49.35 -23.64 -12.50
CA MET D 164 -50.62 -24.33 -12.59
C MET D 164 -51.14 -24.57 -11.18
N ASN D 165 -52.10 -23.74 -10.79
CA ASN D 165 -52.68 -23.77 -9.46
C ASN D 165 -54.17 -24.20 -9.59
N THR D 166 -54.66 -25.14 -8.72
CA THR D 166 -56.06 -25.63 -8.72
C THR D 166 -56.77 -25.62 -7.38
N PHE D 167 -58.08 -25.42 -7.42
CA PHE D 167 -58.94 -25.56 -6.26
C PHE D 167 -59.78 -26.79 -6.60
N SER D 168 -59.37 -27.93 -6.01
CA SER D 168 -59.97 -29.23 -6.31
C SER D 168 -60.85 -29.68 -5.19
N VAL D 169 -62.09 -30.05 -5.50
CA VAL D 169 -63.00 -30.49 -4.45
C VAL D 169 -63.17 -32.00 -4.41
N MET D 170 -62.72 -32.57 -3.27
CA MET D 170 -62.69 -33.98 -2.88
C MET D 170 -64.04 -34.55 -2.53
N PRO D 171 -64.39 -35.68 -3.19
CA PRO D 171 -65.71 -36.31 -2.95
C PRO D 171 -65.89 -36.95 -1.59
N SER D 172 -67.15 -36.97 -1.16
CA SER D 172 -67.49 -37.59 0.09
C SER D 172 -68.85 -38.29 -0.03
N PRO D 173 -69.04 -39.45 0.64
CA PRO D 173 -70.36 -40.10 0.61
C PRO D 173 -71.37 -39.26 1.39
N LYS D 174 -70.90 -38.58 2.45
CA LYS D 174 -71.61 -37.61 3.30
C LYS D 174 -72.36 -36.64 2.41
N VAL D 175 -71.80 -36.32 1.18
CA VAL D 175 -72.47 -35.45 0.20
C VAL D 175 -73.05 -36.12 -1.10
N SER D 176 -72.33 -37.07 -1.72
CA SER D 176 -72.86 -37.60 -2.97
C SER D 176 -72.87 -39.11 -3.13
N ASP D 177 -74.07 -39.68 -3.18
CA ASP D 177 -74.36 -41.11 -3.38
C ASP D 177 -74.10 -41.59 -4.85
N THR D 178 -73.06 -40.98 -5.54
CA THR D 178 -72.64 -41.35 -6.88
C THR D 178 -71.46 -42.26 -6.78
N VAL D 179 -71.79 -43.52 -6.51
CA VAL D 179 -70.95 -44.71 -6.43
C VAL D 179 -69.53 -44.63 -7.10
N VAL D 180 -69.46 -44.20 -8.39
CA VAL D 180 -68.22 -44.14 -9.16
C VAL D 180 -67.25 -43.05 -8.73
N GLU D 181 -67.75 -41.98 -7.99
CA GLU D 181 -66.95 -40.85 -7.49
C GLU D 181 -65.53 -41.22 -7.11
N PRO D 182 -65.25 -42.32 -6.32
CA PRO D 182 -63.87 -42.71 -6.03
C PRO D 182 -63.03 -42.92 -7.29
N TYR D 183 -63.58 -43.62 -8.32
CA TYR D 183 -62.86 -43.83 -9.56
C TYR D 183 -62.33 -42.50 -10.15
N ASN D 184 -63.26 -41.55 -10.42
CA ASN D 184 -63.02 -40.20 -10.95
C ASN D 184 -62.00 -39.41 -10.11
N ALA D 185 -62.15 -39.44 -8.79
CA ALA D 185 -61.26 -38.81 -7.83
C ALA D 185 -59.83 -39.42 -7.94
N THR D 186 -59.72 -40.76 -8.01
CA THR D 186 -58.41 -41.42 -8.15
C THR D 186 -57.72 -41.05 -9.47
N LEU D 187 -58.47 -41.04 -10.56
CA LEU D 187 -57.88 -40.70 -11.87
C LEU D 187 -57.45 -39.25 -11.95
N SER D 188 -58.20 -38.34 -11.33
CA SER D 188 -57.88 -36.93 -11.34
C SER D 188 -56.66 -36.64 -10.51
N VAL D 189 -56.61 -37.23 -9.29
CA VAL D 189 -55.48 -37.04 -8.37
C VAL D 189 -54.14 -37.35 -9.07
N HIS D 190 -54.10 -38.42 -9.88
CA HIS D 190 -52.91 -38.76 -10.65
C HIS D 190 -52.51 -37.63 -11.61
N GLN D 191 -53.49 -37.16 -12.39
CA GLN D 191 -53.33 -36.10 -13.37
C GLN D 191 -52.82 -34.87 -12.67
N LEU D 192 -53.45 -34.49 -11.50
CA LEU D 192 -53.05 -33.37 -10.62
C LEU D 192 -51.60 -33.47 -10.12
N VAL D 193 -51.23 -34.64 -9.53
CA VAL D 193 -49.90 -34.94 -9.01
C VAL D 193 -48.76 -34.66 -10.01
N GLU D 194 -49.07 -34.68 -11.32
CA GLU D 194 -48.06 -34.46 -12.37
C GLU D 194 -48.22 -33.11 -13.10
N ASN D 195 -49.46 -32.64 -13.26
CA ASN D 195 -49.78 -31.46 -14.06
C ASN D 195 -49.95 -30.14 -13.34
N THR D 196 -50.25 -30.14 -12.04
CA THR D 196 -50.32 -28.87 -11.32
C THR D 196 -49.05 -28.65 -10.49
N ASP D 197 -48.84 -27.39 -10.12
CA ASP D 197 -47.74 -26.93 -9.29
C ASP D 197 -48.20 -26.98 -7.87
N GLU D 198 -49.44 -26.54 -7.60
CA GLU D 198 -50.01 -26.48 -6.25
C GLU D 198 -51.53 -26.68 -6.34
N THR D 199 -52.11 -27.41 -5.39
CA THR D 199 -53.54 -27.71 -5.36
C THR D 199 -54.03 -27.50 -3.95
N TYR D 200 -55.17 -26.81 -3.82
CA TYR D 200 -55.79 -26.59 -2.52
C TYR D 200 -56.85 -27.65 -2.47
N SER D 201 -56.64 -28.66 -1.62
CA SER D 201 -57.53 -29.79 -1.47
C SER D 201 -58.71 -29.35 -0.63
N ILE D 202 -59.90 -29.30 -1.25
CA ILE D 202 -61.18 -28.84 -0.65
C ILE D 202 -62.03 -30.08 -0.46
N ASP D 203 -62.03 -30.59 0.74
CA ASP D 203 -62.77 -31.79 0.97
C ASP D 203 -64.23 -31.57 1.37
N ASN D 204 -65.17 -32.08 0.53
CA ASN D 204 -66.60 -32.01 0.82
C ASN D 204 -66.99 -32.77 2.12
N GLU D 205 -66.08 -33.73 2.58
CA GLU D 205 -66.32 -34.49 3.83
C GLU D 205 -66.22 -33.50 4.97
N ALA D 206 -65.11 -32.66 4.94
CA ALA D 206 -64.82 -31.58 5.89
C ALA D 206 -65.92 -30.53 5.86
N LEU D 207 -66.26 -30.09 4.63
CA LEU D 207 -67.28 -29.08 4.39
C LEU D 207 -68.64 -29.42 4.99
N TYR D 208 -69.16 -30.64 4.73
CA TYR D 208 -70.42 -31.13 5.28
C TYR D 208 -70.34 -31.10 6.82
N ASP D 209 -69.28 -31.70 7.35
CA ASP D 209 -69.00 -31.79 8.78
C ASP D 209 -68.97 -30.44 9.46
N ILE D 210 -68.36 -29.44 8.78
CA ILE D 210 -68.27 -28.09 9.32
C ILE D 210 -69.66 -27.51 9.50
N CYS D 211 -70.44 -27.43 8.40
CA CYS D 211 -71.83 -26.95 8.44
C CYS D 211 -72.70 -27.70 9.42
N PHE D 212 -72.49 -29.03 9.46
CA PHE D 212 -73.27 -29.94 10.26
C PHE D 212 -72.99 -29.88 11.78
N ARG D 213 -71.81 -30.30 12.16
CA ARG D 213 -71.36 -30.33 13.56
C ARG D 213 -71.15 -28.92 14.16
N THR D 214 -70.46 -28.02 13.46
CA THR D 214 -70.17 -26.69 14.01
C THR D 214 -71.29 -25.68 13.80
N LEU D 215 -71.64 -25.43 12.51
CA LEU D 215 -72.63 -24.45 12.03
C LEU D 215 -74.07 -24.89 12.33
N LYS D 216 -74.21 -26.13 12.84
CA LYS D 216 -75.48 -26.72 13.25
C LYS D 216 -76.59 -26.71 12.17
N LEU D 217 -76.17 -26.85 10.94
CA LEU D 217 -77.09 -26.94 9.82
C LEU D 217 -77.48 -28.41 9.71
N THR D 218 -78.75 -28.74 10.04
CA THR D 218 -79.28 -30.11 10.01
C THR D 218 -79.09 -30.73 8.63
N THR D 219 -79.62 -30.05 7.60
CA THR D 219 -79.53 -30.52 6.23
C THR D 219 -78.78 -29.46 5.43
N PRO D 220 -77.43 -29.46 5.52
CA PRO D 220 -76.66 -28.42 4.82
C PRO D 220 -76.77 -28.56 3.31
N THR D 221 -76.84 -27.42 2.61
CA THR D 221 -76.95 -27.33 1.16
C THR D 221 -75.58 -27.06 0.52
N TYR D 222 -75.49 -27.15 -0.82
CA TYR D 222 -74.29 -26.84 -1.56
C TYR D 222 -73.93 -25.39 -1.36
N GLY D 223 -74.97 -24.54 -1.20
CA GLY D 223 -74.85 -23.12 -0.88
C GLY D 223 -74.10 -22.93 0.42
N ASP D 224 -74.39 -23.80 1.39
CA ASP D 224 -73.77 -23.80 2.69
C ASP D 224 -72.26 -24.23 2.60
N LEU D 225 -71.98 -25.26 1.79
CA LEU D 225 -70.60 -25.69 1.63
C LEU D 225 -69.82 -24.66 0.81
N ASN D 226 -70.46 -24.12 -0.25
CA ASN D 226 -69.85 -23.15 -1.13
C ASN D 226 -69.38 -21.90 -0.46
N HIS D 227 -70.13 -21.44 0.55
CA HIS D 227 -69.77 -20.28 1.35
C HIS D 227 -68.40 -20.48 2.01
N LEU D 228 -68.12 -21.67 2.51
CA LEU D 228 -66.82 -21.92 3.13
C LEU D 228 -65.71 -21.89 2.06
N VAL D 229 -66.01 -22.42 0.88
CA VAL D 229 -65.04 -22.50 -0.22
C VAL D 229 -64.69 -21.07 -0.65
N SER D 230 -65.74 -20.20 -0.74
CA SER D 230 -65.56 -18.80 -1.13
C SER D 230 -64.76 -18.03 -0.05
N ALA D 231 -65.06 -18.36 1.23
CA ALA D 231 -64.35 -17.78 2.35
C ALA D 231 -62.86 -18.06 2.16
N THR D 232 -62.53 -19.34 1.99
CA THR D 232 -61.19 -19.89 1.82
C THR D 232 -60.47 -19.23 0.64
N MET D 233 -61.15 -19.14 -0.53
CA MET D 233 -60.56 -18.59 -1.75
C MET D 233 -60.13 -17.19 -1.64
N SER D 234 -61.00 -16.30 -1.14
CA SER D 234 -60.57 -14.91 -0.95
C SER D 234 -59.34 -14.90 -0.05
N GLY D 235 -59.35 -15.75 0.97
CA GLY D 235 -58.25 -15.89 1.89
C GLY D 235 -56.92 -16.20 1.20
N VAL D 236 -56.82 -17.40 0.55
CA VAL D 236 -55.61 -17.83 -0.14
C VAL D 236 -55.12 -16.81 -1.20
N THR D 237 -56.04 -16.26 -2.00
CA THR D 237 -55.73 -15.27 -3.04
C THR D 237 -55.43 -13.83 -2.56
N THR D 238 -55.61 -13.54 -1.24
CA THR D 238 -55.45 -12.20 -0.62
C THR D 238 -54.17 -11.47 -0.95
N CYS D 239 -53.04 -12.13 -0.74
CA CYS D 239 -51.72 -11.56 -1.02
C CYS D 239 -51.48 -11.30 -2.50
N LEU D 240 -52.23 -11.98 -3.36
CA LEU D 240 -52.09 -11.82 -4.79
C LEU D 240 -52.90 -10.64 -5.24
N ARG D 241 -54.03 -10.39 -4.57
CA ARG D 241 -54.93 -9.33 -4.98
C ARG D 241 -54.67 -8.05 -4.25
N PHE D 242 -54.31 -8.14 -2.97
CA PHE D 242 -54.11 -6.95 -2.17
C PHE D 242 -52.67 -6.55 -1.92
N PRO D 243 -52.37 -5.22 -1.97
CA PRO D 243 -50.99 -4.77 -1.72
C PRO D 243 -50.62 -4.83 -0.24
N GLY D 244 -49.43 -5.37 0.03
CA GLY D 244 -48.90 -5.50 1.38
C GLY D 244 -47.39 -5.52 1.40
N GLN D 245 -46.83 -6.12 2.46
CA GLN D 245 -45.37 -6.27 2.58
C GLN D 245 -44.91 -7.63 2.00
N LEU D 246 -45.05 -7.70 0.64
CA LEU D 246 -44.82 -8.73 -0.39
C LEU D 246 -45.91 -8.48 -1.46
N ASN D 247 -45.65 -8.65 -2.80
CA ASN D 247 -44.55 -9.25 -3.60
C ASN D 247 -44.48 -10.83 -3.49
N ALA D 248 -45.58 -11.65 -3.75
CA ALA D 248 -46.98 -11.50 -4.27
C ALA D 248 -47.08 -12.31 -5.56
N ASP D 249 -46.29 -13.36 -5.66
CA ASP D 249 -46.21 -14.19 -6.84
C ASP D 249 -46.68 -15.61 -6.55
N LEU D 250 -47.30 -16.24 -7.57
CA LEU D 250 -47.75 -17.63 -7.53
C LEU D 250 -46.55 -18.54 -7.48
N ARG D 251 -45.46 -18.18 -8.23
CA ARG D 251 -44.18 -18.93 -8.28
C ARG D 251 -43.43 -18.88 -6.99
N LYS D 252 -43.26 -17.68 -6.41
CA LYS D 252 -42.61 -17.50 -5.10
C LYS D 252 -43.34 -18.39 -4.03
N LEU D 253 -44.68 -18.33 -3.99
CA LEU D 253 -45.41 -19.21 -3.08
C LEU D 253 -45.08 -20.72 -3.31
N ALA D 254 -45.11 -21.18 -4.58
CA ALA D 254 -44.81 -22.57 -4.96
C ALA D 254 -43.42 -23.01 -4.51
N VAL D 255 -42.41 -22.15 -4.79
CA VAL D 255 -41.02 -22.37 -4.46
C VAL D 255 -40.83 -22.56 -2.95
N ASN D 256 -41.60 -21.79 -2.13
CA ASN D 256 -41.51 -21.83 -0.68
C ASN D 256 -42.36 -22.91 -0.03
N MET D 257 -43.56 -23.10 -0.56
CA MET D 257 -44.51 -24.05 -0.02
C MET D 257 -44.31 -25.47 -0.48
N VAL D 258 -43.67 -25.65 -1.66
CA VAL D 258 -43.49 -26.99 -2.19
C VAL D 258 -42.07 -27.46 -2.04
N PRO D 259 -41.78 -28.38 -1.10
CA PRO D 259 -40.41 -28.88 -0.94
C PRO D 259 -40.07 -29.99 -1.92
N PHE D 260 -41.02 -30.89 -2.23
CA PHE D 260 -40.84 -32.02 -3.15
C PHE D 260 -41.94 -31.97 -4.18
N PRO D 261 -41.64 -32.26 -5.48
CA PRO D 261 -42.64 -32.07 -6.54
C PRO D 261 -44.00 -32.67 -6.35
N ARG D 262 -44.13 -34.02 -6.34
CA ARG D 262 -45.43 -34.71 -6.18
C ARG D 262 -46.24 -34.17 -4.99
N LEU D 263 -45.57 -33.74 -3.90
CA LEU D 263 -46.20 -33.24 -2.67
C LEU D 263 -46.57 -31.72 -2.67
N HIS D 264 -47.68 -31.41 -3.37
CA HIS D 264 -48.19 -30.05 -3.58
C HIS D 264 -49.73 -29.91 -3.30
N PHE D 265 -50.24 -30.78 -2.42
CA PHE D 265 -51.65 -30.79 -2.04
C PHE D 265 -51.71 -30.09 -0.73
N PHE D 266 -52.44 -28.99 -0.69
CA PHE D 266 -52.52 -28.18 0.50
C PHE D 266 -53.82 -28.31 1.22
N MET D 267 -53.70 -28.33 2.52
CA MET D 267 -54.78 -28.39 3.48
C MET D 267 -55.16 -26.94 3.89
N PRO D 268 -56.23 -26.37 3.29
CA PRO D 268 -56.65 -25.02 3.70
C PRO D 268 -57.47 -25.11 5.00
N GLY D 269 -57.58 -23.99 5.66
CA GLY D 269 -58.31 -23.87 6.93
C GLY D 269 -58.67 -22.43 7.11
N PHE D 270 -59.85 -22.16 7.65
CA PHE D 270 -60.31 -20.80 7.85
C PHE D 270 -60.74 -20.57 9.31
N ALA D 271 -60.82 -19.32 9.72
CA ALA D 271 -61.29 -18.89 11.02
C ALA D 271 -61.56 -17.38 10.96
N PRO D 272 -62.74 -16.89 11.37
CA PRO D 272 -63.90 -17.62 11.94
C PRO D 272 -64.69 -18.43 10.91
N LEU D 273 -65.49 -19.39 11.39
CA LEU D 273 -66.32 -20.16 10.49
C LEU D 273 -67.73 -19.63 10.65
N THR D 274 -68.22 -18.91 9.65
CA THR D 274 -69.55 -18.31 9.69
C THR D 274 -70.50 -19.07 8.84
N SER D 275 -71.79 -18.94 9.20
CA SER D 275 -72.87 -19.48 8.39
C SER D 275 -73.13 -18.51 7.24
N ARG D 276 -73.53 -19.08 6.07
CA ARG D 276 -73.89 -18.37 4.84
C ARG D 276 -74.83 -17.22 5.26
N GLY D 277 -74.72 -16.07 4.65
CA GLY D 277 -75.55 -14.90 4.93
C GLY D 277 -75.98 -14.63 6.39
N SER D 278 -75.09 -14.90 7.36
CA SER D 278 -75.36 -14.69 8.78
C SER D 278 -74.54 -13.50 9.37
N GLN D 279 -75.23 -12.38 9.79
CA GLN D 279 -74.57 -11.19 10.35
C GLN D 279 -73.70 -11.54 11.52
N GLN D 280 -72.40 -11.16 11.43
CA GLN D 280 -71.38 -11.44 12.46
C GLN D 280 -71.67 -10.85 13.86
N TYR D 281 -71.53 -11.72 14.87
CA TYR D 281 -71.78 -11.53 16.31
C TYR D 281 -71.00 -10.40 16.94
N ARG D 282 -69.68 -10.61 17.05
CA ARG D 282 -68.60 -9.77 17.58
C ARG D 282 -67.28 -10.45 17.10
N ALA D 283 -66.20 -9.66 16.95
CA ALA D 283 -64.91 -10.14 16.43
C ALA D 283 -64.10 -11.05 17.37
N LEU D 284 -63.31 -11.97 16.76
CA LEU D 284 -62.40 -12.87 17.45
C LEU D 284 -61.14 -12.12 17.81
N THR D 285 -60.53 -12.48 18.96
CA THR D 285 -59.29 -11.89 19.44
C THR D 285 -58.14 -12.53 18.67
N VAL D 286 -56.95 -11.88 18.70
CA VAL D 286 -55.78 -12.42 18.01
C VAL D 286 -55.47 -13.88 18.37
N PRO D 287 -55.45 -14.30 19.66
CA PRO D 287 -55.15 -15.70 19.96
C PRO D 287 -56.23 -16.64 19.40
N GLU D 288 -57.52 -16.22 19.55
CA GLU D 288 -58.68 -16.98 19.05
C GLU D 288 -58.47 -17.34 17.59
N LEU D 289 -57.97 -16.37 16.79
CA LEU D 289 -57.69 -16.61 15.38
C LEU D 289 -56.60 -17.63 15.19
N THR D 290 -55.45 -17.46 15.87
CA THR D 290 -54.26 -18.31 15.80
C THR D 290 -54.55 -19.76 16.21
N GLN D 291 -55.36 -19.91 17.29
CA GLN D 291 -55.76 -21.19 17.85
C GLN D 291 -56.63 -21.94 16.88
N GLN D 292 -57.73 -21.28 16.49
CA GLN D 292 -58.74 -21.81 15.60
C GLN D 292 -58.16 -22.23 14.28
N MET D 293 -57.34 -21.38 13.69
CA MET D 293 -56.69 -21.61 12.40
C MET D 293 -55.91 -22.96 12.34
N PHE D 294 -55.27 -23.35 13.46
CA PHE D 294 -54.53 -24.60 13.55
C PHE D 294 -55.35 -25.78 14.07
N ASP D 295 -56.68 -25.59 14.28
CA ASP D 295 -57.58 -26.65 14.75
C ASP D 295 -58.08 -27.52 13.62
N SER D 296 -58.10 -28.84 13.87
CA SER D 296 -58.59 -29.82 12.90
C SER D 296 -60.03 -29.49 12.55
N LYS D 297 -60.74 -28.90 13.52
CA LYS D 297 -62.15 -28.53 13.44
C LYS D 297 -62.42 -27.40 12.44
N ASN D 298 -61.35 -26.69 12.04
CA ASN D 298 -61.37 -25.52 11.16
C ASN D 298 -60.82 -25.77 9.77
N MET D 299 -60.25 -26.98 9.56
CA MET D 299 -59.59 -27.48 8.34
C MET D 299 -60.53 -27.77 7.20
N MET D 300 -60.20 -27.28 6.03
CA MET D 300 -61.04 -27.44 4.84
C MET D 300 -60.95 -28.83 4.23
N ALA D 301 -60.00 -29.62 4.69
CA ALA D 301 -59.84 -30.99 4.26
C ALA D 301 -59.94 -31.88 5.52
N ALA D 302 -60.80 -32.92 5.47
CA ALA D 302 -61.03 -33.83 6.61
C ALA D 302 -59.82 -34.78 6.89
N CYS D 303 -58.83 -34.23 7.63
CA CYS D 303 -57.57 -34.83 8.07
C CYS D 303 -57.21 -34.24 9.40
N ASP D 304 -56.52 -35.00 10.28
CA ASP D 304 -56.08 -34.41 11.53
C ASP D 304 -54.61 -33.96 11.40
N PRO D 305 -54.38 -32.63 11.42
CA PRO D 305 -53.00 -32.14 11.28
C PRO D 305 -52.12 -32.70 12.39
N ARG D 306 -52.73 -33.06 13.52
CA ARG D 306 -52.04 -33.64 14.68
C ARG D 306 -51.64 -35.10 14.45
N HIS D 307 -52.16 -35.72 13.38
CA HIS D 307 -51.78 -37.06 13.01
C HIS D 307 -50.62 -37.05 12.02
N GLY D 308 -50.01 -35.89 11.84
CA GLY D 308 -48.92 -35.72 10.88
C GLY D 308 -47.95 -34.62 11.21
N ARG D 309 -47.04 -34.33 10.26
CA ARG D 309 -46.03 -33.29 10.41
C ARG D 309 -46.10 -32.25 9.26
N TYR D 310 -46.03 -30.94 9.61
CA TYR D 310 -46.08 -29.84 8.64
C TYR D 310 -44.69 -29.61 8.04
N LEU D 311 -44.63 -29.73 6.71
CA LEU D 311 -43.44 -29.47 5.94
C LEU D 311 -43.33 -27.95 5.89
N THR D 312 -44.43 -27.27 5.46
CA THR D 312 -44.52 -25.82 5.33
C THR D 312 -45.93 -25.34 5.68
N VAL D 313 -46.01 -24.11 6.27
CA VAL D 313 -47.28 -23.44 6.62
C VAL D 313 -47.20 -21.99 6.19
N ALA D 314 -48.31 -21.44 5.72
CA ALA D 314 -48.51 -20.03 5.39
C ALA D 314 -49.84 -19.58 6.06
N ALA D 315 -49.77 -18.47 6.76
CA ALA D 315 -50.93 -17.93 7.44
C ALA D 315 -51.15 -16.48 7.08
N VAL D 316 -52.39 -16.13 6.71
CA VAL D 316 -52.79 -14.80 6.30
C VAL D 316 -53.79 -14.26 7.29
N PHE D 317 -53.43 -13.14 7.90
CA PHE D 317 -54.30 -12.48 8.85
C PHE D 317 -54.92 -11.27 8.17
N ARG D 318 -56.25 -11.11 8.29
CA ARG D 318 -56.96 -9.96 7.72
C ARG D 318 -57.64 -9.11 8.76
N GLY D 319 -57.65 -7.81 8.50
CA GLY D 319 -58.25 -6.84 9.40
C GLY D 319 -57.18 -6.04 10.10
N ARG D 320 -57.60 -4.93 10.73
CA ARG D 320 -56.69 -4.00 11.41
C ARG D 320 -56.31 -4.41 12.85
N MET D 321 -55.61 -5.56 12.97
CA MET D 321 -55.16 -6.11 14.26
C MET D 321 -53.65 -5.92 14.55
N SER D 322 -53.26 -6.07 15.86
CA SER D 322 -51.89 -5.93 16.40
C SER D 322 -50.97 -7.02 15.92
N MET D 323 -49.95 -6.65 15.12
CA MET D 323 -49.03 -7.66 14.62
C MET D 323 -48.05 -8.19 15.66
N LYS D 324 -47.78 -7.40 16.71
CA LYS D 324 -46.91 -7.87 17.78
C LYS D 324 -47.63 -9.03 18.48
N GLU D 325 -48.96 -8.88 18.66
CA GLU D 325 -49.82 -9.89 19.23
C GLU D 325 -49.86 -11.08 18.29
N VAL D 326 -50.00 -10.82 16.96
CA VAL D 326 -50.04 -11.85 15.90
C VAL D 326 -48.76 -12.71 15.99
N ASP D 327 -47.58 -12.04 16.00
CA ASP D 327 -46.29 -12.70 16.07
C ASP D 327 -46.08 -13.44 17.35
N GLU D 328 -46.54 -12.89 18.50
CA GLU D 328 -46.43 -13.50 19.84
C GLU D 328 -47.08 -14.88 19.85
N GLN D 329 -48.31 -14.92 19.35
CA GLN D 329 -49.13 -16.11 19.23
C GLN D 329 -48.53 -17.10 18.24
N MET D 330 -48.16 -16.63 17.04
CA MET D 330 -47.63 -17.52 16.02
C MET D 330 -46.45 -18.37 16.50
N LEU D 331 -45.56 -17.75 17.29
CA LEU D 331 -44.38 -18.43 17.81
C LEU D 331 -44.78 -19.42 18.87
N ASN D 332 -45.57 -18.96 19.87
CA ASN D 332 -46.13 -19.76 20.97
C ASN D 332 -46.62 -21.08 20.41
N VAL D 333 -47.45 -21.03 19.34
CA VAL D 333 -48.02 -22.19 18.68
C VAL D 333 -46.96 -23.16 18.18
N GLN D 334 -46.02 -22.72 17.37
CA GLN D 334 -44.97 -23.63 16.90
C GLN D 334 -43.87 -23.95 17.93
N ASN D 335 -43.98 -23.41 19.18
CA ASN D 335 -43.05 -23.62 20.29
C ASN D 335 -43.56 -24.68 21.27
N LYS D 336 -44.87 -24.95 21.24
CA LYS D 336 -45.48 -25.99 22.07
C LYS D 336 -45.72 -27.19 21.15
N ASN D 337 -46.41 -26.93 20.01
CA ASN D 337 -46.72 -27.88 18.96
C ASN D 337 -45.54 -28.19 18.05
N SER D 338 -44.34 -27.68 18.41
CA SER D 338 -43.02 -27.88 17.76
C SER D 338 -42.82 -29.25 17.07
N SER D 339 -43.30 -30.29 17.72
CA SER D 339 -43.28 -31.69 17.34
C SER D 339 -44.16 -32.01 16.12
N TYR D 340 -44.88 -30.99 15.55
CA TYR D 340 -45.76 -31.15 14.37
C TYR D 340 -45.23 -30.38 13.19
N PHE D 341 -43.94 -30.04 13.24
CA PHE D 341 -43.26 -29.27 12.22
C PHE D 341 -41.88 -29.83 12.03
N VAL D 342 -41.53 -30.11 10.77
CA VAL D 342 -40.23 -30.67 10.44
C VAL D 342 -39.00 -29.82 10.85
N GLU D 343 -38.02 -30.48 11.52
CA GLU D 343 -36.80 -29.83 11.96
C GLU D 343 -35.85 -29.65 10.78
N TRP D 344 -36.06 -30.46 9.76
CA TRP D 344 -35.29 -30.39 8.54
C TRP D 344 -35.72 -29.32 7.50
N ILE D 345 -36.77 -28.54 7.78
CA ILE D 345 -37.11 -27.36 6.96
C ILE D 345 -37.06 -26.17 7.93
N PRO D 346 -35.89 -25.59 8.20
CA PRO D 346 -35.84 -24.49 9.19
C PRO D 346 -36.77 -23.33 8.88
N ASN D 347 -37.44 -22.82 9.91
CA ASN D 347 -38.37 -21.71 9.78
C ASN D 347 -39.46 -21.97 8.71
N ASN D 348 -40.26 -23.02 8.92
CA ASN D 348 -41.26 -23.43 7.96
C ASN D 348 -42.68 -22.84 8.09
N VAL D 349 -42.82 -21.78 8.89
CA VAL D 349 -44.11 -21.14 9.04
C VAL D 349 -44.02 -19.67 8.73
N LYS D 350 -44.58 -19.24 7.58
CA LYS D 350 -44.60 -17.83 7.20
C LYS D 350 -45.96 -17.14 7.48
N THR D 351 -45.95 -15.83 7.84
CA THR D 351 -47.16 -15.06 8.19
C THR D 351 -47.32 -13.73 7.49
N ALA D 352 -48.48 -13.52 6.85
CA ALA D 352 -48.85 -12.28 6.16
C ALA D 352 -50.09 -11.56 6.80
N VAL D 353 -50.07 -10.21 6.80
CA VAL D 353 -51.16 -9.41 7.37
C VAL D 353 -51.73 -8.43 6.34
N CYS D 354 -53.07 -8.40 6.19
CA CYS D 354 -53.78 -7.51 5.29
C CYS D 354 -54.78 -6.73 6.13
N ASP D 355 -54.69 -5.40 6.06
CA ASP D 355 -55.56 -4.48 6.79
C ASP D 355 -56.98 -4.46 6.24
N ILE D 356 -57.15 -4.98 5.00
CA ILE D 356 -58.42 -5.04 4.29
C ILE D 356 -59.12 -6.31 4.73
N PRO D 357 -60.15 -6.19 5.63
CA PRO D 357 -60.86 -7.38 6.09
C PRO D 357 -61.92 -7.87 5.09
N PRO D 358 -62.33 -9.17 5.17
CA PRO D 358 -63.35 -9.67 4.21
C PRO D 358 -64.76 -9.13 4.50
N ARG D 359 -65.70 -9.27 3.55
CA ARG D 359 -67.01 -8.72 3.82
C ARG D 359 -67.74 -9.35 4.97
N GLY D 360 -68.15 -8.47 5.88
CA GLY D 360 -68.88 -8.79 7.10
C GLY D 360 -68.04 -9.28 8.24
N LEU D 361 -66.72 -9.42 8.02
CA LEU D 361 -65.79 -9.88 9.03
C LEU D 361 -64.85 -8.75 9.38
N LYS D 362 -64.79 -8.38 10.68
CA LYS D 362 -63.90 -7.32 11.11
C LYS D 362 -62.50 -7.93 11.24
N MET D 363 -62.44 -9.29 11.45
CA MET D 363 -61.19 -10.06 11.58
C MET D 363 -61.25 -11.51 11.21
N SER D 364 -60.43 -11.91 10.23
CA SER D 364 -60.29 -13.28 9.74
C SER D 364 -58.81 -13.74 9.62
N ALA D 365 -58.64 -15.04 9.46
CA ALA D 365 -57.34 -15.67 9.30
C ALA D 365 -57.52 -16.88 8.38
N THR D 366 -56.60 -17.01 7.45
CA THR D 366 -56.60 -18.14 6.53
C THR D 366 -55.34 -18.92 6.75
N PHE D 367 -55.48 -20.23 6.72
CA PHE D 367 -54.36 -21.12 6.91
C PHE D 367 -54.13 -21.89 5.62
N ILE D 368 -52.84 -22.06 5.25
CA ILE D 368 -52.38 -22.89 4.13
C ILE D 368 -51.24 -23.75 4.66
N GLY D 369 -51.47 -25.05 4.78
CA GLY D 369 -50.44 -25.96 5.29
C GLY D 369 -50.09 -27.11 4.36
N ASN D 370 -48.81 -27.54 4.40
CA ASN D 370 -48.31 -28.72 3.66
C ASN D 370 -48.04 -29.77 4.73
N SER D 371 -49.12 -30.49 5.12
CA SER D 371 -49.10 -31.51 6.17
C SER D 371 -49.09 -32.89 5.54
N THR D 372 -48.23 -33.78 6.06
CA THR D 372 -48.19 -35.20 5.64
C THR D 372 -49.56 -35.84 5.99
N ALA D 373 -50.31 -35.21 6.92
CA ALA D 373 -51.64 -35.63 7.34
C ALA D 373 -52.55 -35.91 6.14
N ILE D 374 -52.44 -35.10 5.05
CA ILE D 374 -53.23 -35.23 3.81
C ILE D 374 -53.28 -36.65 3.26
N GLN D 375 -52.28 -37.48 3.59
CA GLN D 375 -52.28 -38.88 3.17
C GLN D 375 -53.61 -39.60 3.59
N GLU D 376 -54.24 -39.12 4.69
CA GLU D 376 -55.53 -39.63 5.19
C GLU D 376 -56.60 -39.41 4.12
N LEU D 377 -56.53 -38.26 3.42
CA LEU D 377 -57.51 -37.92 2.40
C LEU D 377 -57.44 -38.97 1.30
N PHE D 378 -56.24 -39.19 0.76
CA PHE D 378 -55.97 -40.15 -0.30
C PHE D 378 -56.30 -41.59 0.09
N LYS D 379 -55.88 -42.01 1.32
CA LYS D 379 -56.14 -43.32 1.91
C LYS D 379 -57.65 -43.61 1.83
N ARG D 380 -58.49 -42.66 2.30
CA ARG D 380 -59.95 -42.70 2.25
C ARG D 380 -60.44 -42.99 0.81
N ILE D 381 -59.92 -42.20 -0.16
CA ILE D 381 -60.28 -42.31 -1.58
C ILE D 381 -59.86 -43.68 -2.12
N SER D 382 -58.59 -44.04 -1.88
CA SER D 382 -58.00 -45.29 -2.29
C SER D 382 -58.81 -46.45 -1.74
N GLU D 383 -59.19 -46.38 -0.45
CA GLU D 383 -60.00 -47.41 0.22
C GLU D 383 -61.33 -47.66 -0.54
N GLN D 384 -62.11 -46.57 -0.74
CA GLN D 384 -63.37 -46.57 -1.47
C GLN D 384 -63.13 -47.07 -2.90
N PHE D 385 -62.05 -46.61 -3.58
CA PHE D 385 -61.68 -47.04 -4.95
C PHE D 385 -61.45 -48.56 -4.97
N THR D 386 -60.48 -49.03 -4.15
CA THR D 386 -60.06 -50.43 -4.06
C THR D 386 -61.22 -51.36 -3.81
N ALA D 387 -62.22 -50.91 -3.03
CA ALA D 387 -63.45 -51.64 -2.74
C ALA D 387 -64.20 -52.01 -4.05
N MET D 388 -64.62 -50.99 -4.82
CA MET D 388 -65.30 -51.11 -6.09
C MET D 388 -64.43 -51.80 -7.11
N PHE D 389 -63.17 -51.34 -7.23
CA PHE D 389 -62.23 -51.89 -8.20
C PHE D 389 -62.05 -53.36 -7.99
N ARG D 390 -61.94 -53.78 -6.71
CA ARG D 390 -61.83 -55.16 -6.30
C ARG D 390 -62.96 -55.96 -6.98
N ARG D 391 -64.20 -55.43 -6.88
CA ARG D 391 -65.46 -55.96 -7.45
C ARG D 391 -65.54 -55.82 -9.00
N LYS D 392 -64.75 -54.88 -9.58
CA LYS D 392 -64.79 -54.47 -11.00
C LYS D 392 -66.20 -53.88 -11.24
N ALA D 393 -66.57 -52.99 -10.27
CA ALA D 393 -67.86 -52.30 -10.15
C ALA D 393 -67.91 -51.10 -11.05
N PHE D 394 -69.09 -50.84 -11.67
CA PHE D 394 -69.40 -49.72 -12.60
C PHE D 394 -68.34 -49.47 -13.68
N LEU D 395 -67.57 -50.53 -14.00
CA LEU D 395 -66.45 -50.45 -14.90
C LEU D 395 -66.79 -50.43 -16.39
N HIS D 396 -68.01 -50.78 -16.78
CA HIS D 396 -68.30 -50.67 -18.20
C HIS D 396 -68.68 -49.28 -18.66
N TRP D 397 -68.98 -48.41 -17.70
CA TRP D 397 -69.27 -46.99 -17.91
C TRP D 397 -67.98 -46.34 -18.49
N TYR D 398 -66.82 -46.90 -18.08
CA TYR D 398 -65.46 -46.47 -18.36
C TYR D 398 -64.86 -47.11 -19.55
N THR D 399 -64.89 -48.46 -19.58
CA THR D 399 -64.40 -49.25 -20.71
C THR D 399 -65.27 -49.01 -21.96
N GLY D 400 -66.44 -48.40 -21.75
CA GLY D 400 -67.38 -48.02 -22.80
C GLY D 400 -66.93 -46.78 -23.55
N GLU D 401 -65.95 -46.07 -22.99
CA GLU D 401 -65.35 -44.88 -23.60
C GLU D 401 -64.02 -45.29 -24.22
N GLY D 402 -63.87 -46.59 -24.46
CA GLY D 402 -62.69 -47.22 -25.01
C GLY D 402 -61.53 -47.20 -24.03
N MET D 403 -61.83 -47.30 -22.75
CA MET D 403 -60.80 -47.28 -21.73
C MET D 403 -60.30 -48.65 -21.32
N ASP D 404 -59.25 -48.65 -20.49
CA ASP D 404 -58.54 -49.82 -19.99
C ASP D 404 -58.67 -50.02 -18.48
N GLU D 405 -58.75 -51.29 -18.06
CA GLU D 405 -58.84 -51.74 -16.66
C GLU D 405 -57.46 -51.48 -16.08
N MET D 406 -56.41 -51.70 -16.89
CA MET D 406 -55.02 -51.48 -16.55
C MET D 406 -54.75 -50.02 -16.15
N GLU D 407 -55.49 -49.05 -16.78
CA GLU D 407 -55.42 -47.60 -16.48
C GLU D 407 -55.81 -47.33 -15.03
N PHE D 408 -56.77 -48.12 -14.53
CA PHE D 408 -57.25 -48.08 -13.16
C PHE D 408 -56.17 -48.60 -12.20
N THR D 409 -55.65 -49.83 -12.44
CA THR D 409 -54.60 -50.47 -11.63
C THR D 409 -53.37 -49.59 -11.50
N GLU D 410 -53.08 -48.86 -12.60
CA GLU D 410 -52.00 -47.87 -12.68
C GLU D 410 -52.32 -46.76 -11.68
N ALA D 411 -53.48 -46.10 -11.88
CA ALA D 411 -53.98 -44.99 -11.07
C ALA D 411 -54.04 -45.33 -9.58
N GLU D 412 -54.49 -46.57 -9.26
CA GLU D 412 -54.59 -47.14 -7.92
C GLU D 412 -53.23 -47.02 -7.25
N SER D 413 -52.18 -47.62 -7.90
CA SER D 413 -50.79 -47.62 -7.44
C SER D 413 -50.19 -46.22 -7.32
N ASN D 414 -50.49 -45.36 -8.28
CA ASN D 414 -50.08 -43.97 -8.30
C ASN D 414 -50.60 -43.23 -7.04
N MET D 415 -51.84 -43.56 -6.63
CA MET D 415 -52.43 -43.03 -5.43
C MET D 415 -51.64 -43.52 -4.23
N ASN D 416 -51.42 -44.85 -4.17
CA ASN D 416 -50.67 -45.54 -3.10
C ASN D 416 -49.23 -45.05 -2.90
N ASP D 417 -48.56 -44.74 -4.01
CA ASP D 417 -47.19 -44.28 -4.00
C ASP D 417 -47.12 -42.91 -3.38
N LEU D 418 -48.18 -42.08 -3.60
CA LEU D 418 -48.27 -40.74 -3.01
C LEU D 418 -48.42 -40.84 -1.46
N VAL D 419 -49.15 -41.85 -0.98
CA VAL D 419 -49.30 -42.09 0.45
C VAL D 419 -47.95 -42.58 1.02
N SER D 420 -47.27 -43.46 0.28
CA SER D 420 -45.99 -43.99 0.72
C SER D 420 -44.99 -42.86 0.74
N GLU D 421 -45.10 -41.94 -0.21
CA GLU D 421 -44.21 -40.80 -0.24
C GLU D 421 -44.58 -39.86 0.90
N TYR D 422 -45.89 -39.66 1.18
CA TYR D 422 -46.30 -38.76 2.27
C TYR D 422 -45.80 -39.21 3.61
N GLN D 423 -45.85 -40.53 3.86
CA GLN D 423 -45.48 -41.20 5.11
C GLN D 423 -43.97 -41.23 5.32
N GLN D 424 -43.23 -41.32 4.21
CA GLN D 424 -41.78 -41.33 4.12
C GLN D 424 -41.28 -40.09 4.90
N TYR D 425 -41.66 -38.86 4.44
CA TYR D 425 -41.27 -37.60 5.06
C TYR D 425 -41.88 -37.34 6.41
N GLN D 426 -43.06 -37.94 6.70
CA GLN D 426 -43.72 -37.86 8.01
C GLN D 426 -42.77 -38.46 9.05
N ASP D 427 -42.42 -39.73 8.81
CA ASP D 427 -41.52 -40.51 9.62
C ASP D 427 -40.12 -39.92 9.64
N ALA D 428 -39.59 -39.48 8.48
CA ALA D 428 -38.25 -38.91 8.31
C ALA D 428 -37.75 -37.97 9.41
N THR D 429 -36.53 -38.26 9.95
CA THR D 429 -35.86 -37.51 11.04
C THR D 429 -34.58 -36.73 10.61
N ALA D 430 -34.17 -35.71 11.41
CA ALA D 430 -32.98 -34.89 11.19
C ALA D 430 -31.64 -35.59 11.55
N ASP D 431 -31.56 -36.21 12.76
CA ASP D 431 -30.39 -36.94 13.32
C ASP D 431 -29.09 -36.15 13.36
N ILE E 6 89.45 24.79 7.87
CA ILE E 6 89.13 24.12 6.60
C ILE E 6 88.14 24.98 5.80
N GLU E 7 88.31 25.06 4.46
CA GLU E 7 87.47 25.86 3.55
C GLU E 7 86.74 25.04 2.46
N LEU E 8 85.70 25.65 1.84
CA LEU E 8 84.87 25.12 0.76
C LEU E 8 84.99 26.11 -0.43
N ASN E 9 84.19 27.23 -0.41
CA ASN E 9 84.19 28.30 -1.42
C ASN E 9 83.66 29.67 -0.91
N LYS E 10 84.14 30.78 -1.49
CA LYS E 10 83.79 32.17 -1.14
C LYS E 10 82.99 32.89 -2.26
N ALA E 11 81.79 33.44 -1.94
CA ALA E 11 80.93 34.09 -2.94
C ALA E 11 80.54 35.58 -2.68
N THR E 12 79.62 36.14 -3.52
CA THR E 12 79.12 37.53 -3.51
C THR E 12 78.33 37.81 -2.22
N SER E 13 77.02 37.52 -2.25
CA SER E 13 76.10 37.61 -1.11
C SER E 13 75.94 36.15 -0.60
N GLY E 14 77.08 35.55 -0.28
CA GLY E 14 77.22 34.17 0.18
C GLY E 14 78.66 33.75 0.43
N GLN E 15 78.82 32.51 0.94
CA GLN E 15 80.09 31.85 1.25
C GLN E 15 79.86 30.40 1.69
N SER E 16 80.94 29.64 1.99
CA SER E 16 80.89 28.25 2.42
C SER E 16 82.24 27.74 2.92
N TRP E 17 82.22 26.78 3.87
CA TRP E 17 83.40 26.13 4.42
C TRP E 17 83.09 24.84 5.17
N GLU E 18 83.89 23.80 4.90
CA GLU E 18 83.82 22.47 5.53
C GLU E 18 84.41 22.57 6.94
N VAL E 19 83.78 21.89 7.90
CA VAL E 19 84.26 21.81 9.30
C VAL E 19 84.32 20.35 9.78
N ILE E 20 85.54 19.79 9.91
CA ILE E 20 85.77 18.40 10.32
C ILE E 20 86.20 18.36 11.78
N LEU E 21 85.39 17.73 12.64
CA LEU E 21 85.62 17.61 14.09
C LEU E 21 86.19 16.24 14.51
N LYS E 22 85.78 15.17 13.82
CA LYS E 22 86.24 13.79 14.02
C LYS E 22 86.30 13.11 12.63
N PRO E 23 87.37 12.33 12.31
CA PRO E 23 87.47 11.74 10.96
C PRO E 23 86.63 10.48 10.75
N PRO E 24 86.39 10.00 9.48
CA PRO E 24 85.60 8.78 9.31
C PRO E 24 86.40 7.53 9.66
N SER E 25 85.84 6.66 10.55
CA SER E 25 86.48 5.43 11.03
C SER E 25 86.80 4.42 9.93
N PHE E 26 85.86 4.22 8.99
CA PHE E 26 86.06 3.29 7.86
C PHE E 26 86.30 4.05 6.54
N ASP E 27 87.40 3.69 5.85
CA ASP E 27 87.78 4.30 4.56
C ASP E 27 87.56 3.33 3.40
N GLY E 28 86.40 3.48 2.77
CA GLY E 28 85.94 2.66 1.64
C GLY E 28 84.60 3.13 1.11
N VAL E 29 83.62 3.35 2.03
CA VAL E 29 82.24 3.85 1.86
C VAL E 29 81.08 2.77 1.79
N PRO E 30 80.86 1.98 0.70
CA PRO E 30 79.71 1.06 0.71
C PRO E 30 79.96 -0.35 1.24
N GLU E 31 78.90 -0.96 1.79
CA GLU E 31 78.89 -2.32 2.33
C GLU E 31 77.52 -2.98 2.12
N PRO E 42 63.44 2.48 -15.92
CA PRO E 42 62.49 3.52 -16.35
C PRO E 42 62.34 3.61 -17.87
N SER E 43 61.06 3.60 -18.36
CA SER E 43 60.64 3.68 -19.77
C SER E 43 59.18 4.11 -19.87
N LEU E 44 58.83 4.95 -20.89
CA LEU E 44 57.45 5.44 -21.08
C LEU E 44 56.48 4.33 -21.41
N GLU E 45 56.87 3.42 -22.34
CA GLU E 45 56.06 2.28 -22.75
C GLU E 45 55.51 1.50 -21.54
N GLU E 46 56.41 1.07 -20.59
CA GLU E 46 56.09 0.31 -19.37
C GLU E 46 55.27 1.02 -18.30
N ILE E 47 55.31 2.37 -18.27
CA ILE E 47 54.47 3.19 -17.39
C ILE E 47 53.08 3.17 -18.05
N GLN E 48 53.06 3.41 -19.37
CA GLN E 48 51.84 3.42 -20.17
C GLN E 48 51.20 2.04 -20.25
N LYS E 49 52.05 0.98 -20.37
CA LYS E 49 51.57 -0.41 -20.41
C LYS E 49 50.84 -0.70 -19.09
N LYS E 50 51.39 -0.16 -17.97
CA LYS E 50 50.82 -0.28 -16.63
C LYS E 50 49.55 0.58 -16.43
N LEU E 51 49.54 1.84 -16.95
CA LEU E 51 48.42 2.79 -16.88
C LEU E 51 47.19 2.28 -17.64
N GLU E 52 47.41 1.87 -18.92
CA GLU E 52 46.38 1.31 -19.81
C GLU E 52 45.81 0.04 -19.21
N ALA E 53 46.68 -0.80 -18.58
CA ALA E 53 46.33 -2.05 -17.90
C ALA E 53 45.30 -1.88 -16.77
N ALA E 54 45.44 -0.78 -15.96
CA ALA E 54 44.56 -0.44 -14.83
C ALA E 54 43.28 0.19 -15.32
N GLU E 55 43.35 0.94 -16.44
CA GLU E 55 42.20 1.59 -17.09
C GLU E 55 41.22 0.51 -17.57
N GLU E 56 41.75 -0.60 -18.15
CA GLU E 56 41.00 -1.78 -18.61
C GLU E 56 40.19 -2.31 -17.44
N ARG E 57 40.87 -2.55 -16.29
CA ARG E 57 40.34 -3.09 -15.04
C ARG E 57 39.21 -2.24 -14.50
N ARG E 58 39.35 -0.91 -14.58
CA ARG E 58 38.33 0.07 -14.18
C ARG E 58 37.14 -0.04 -15.16
N LYS E 59 37.43 -0.21 -16.48
CA LYS E 59 36.44 -0.33 -17.56
C LYS E 59 35.68 -1.67 -17.55
N TYR E 60 36.34 -2.76 -17.10
CA TYR E 60 35.76 -4.10 -17.00
C TYR E 60 34.80 -4.21 -15.83
N GLN E 61 35.19 -3.69 -14.66
CA GLN E 61 34.31 -3.73 -13.51
C GLN E 61 33.07 -2.86 -13.74
N GLU E 62 33.25 -1.76 -14.49
CA GLU E 62 32.17 -0.88 -14.92
C GLU E 62 31.20 -1.69 -15.81
N ALA E 63 31.79 -2.45 -16.76
CA ALA E 63 31.04 -3.29 -17.70
C ALA E 63 30.27 -4.41 -17.01
N GLU E 64 30.85 -4.98 -15.95
CA GLU E 64 30.19 -6.06 -15.20
C GLU E 64 29.01 -5.53 -14.40
N LEU E 65 29.17 -4.33 -13.84
CA LEU E 65 28.16 -3.60 -13.08
C LEU E 65 26.98 -3.21 -14.02
N LEU E 66 27.29 -2.90 -15.29
CA LEU E 66 26.33 -2.55 -16.35
C LEU E 66 25.51 -3.79 -16.68
N LYS E 67 26.17 -4.94 -16.76
CA LYS E 67 25.58 -6.25 -17.05
C LYS E 67 24.54 -6.61 -15.97
N HIS E 68 24.88 -6.41 -14.68
CA HIS E 68 24.00 -6.70 -13.56
C HIS E 68 22.76 -5.84 -13.58
N LEU E 69 22.91 -4.56 -13.95
CA LEU E 69 21.77 -3.66 -14.03
C LEU E 69 20.85 -4.02 -15.20
N ALA E 70 21.45 -4.47 -16.31
CA ALA E 70 20.74 -4.89 -17.51
C ALA E 70 19.88 -6.11 -17.20
N GLU E 71 20.39 -7.05 -16.38
CA GLU E 71 19.68 -8.25 -15.94
C GLU E 71 18.55 -7.85 -15.00
N LYS E 72 18.81 -6.84 -14.13
CA LYS E 72 17.81 -6.27 -13.19
C LYS E 72 16.73 -5.56 -13.98
N ARG E 73 17.09 -4.90 -15.11
CA ARG E 73 16.14 -4.21 -15.99
C ARG E 73 15.25 -5.25 -16.63
N GLU E 74 15.87 -6.35 -17.13
CA GLU E 74 15.16 -7.49 -17.73
C GLU E 74 14.18 -8.07 -16.74
N HIS E 75 14.62 -8.27 -15.48
CA HIS E 75 13.80 -8.77 -14.38
C HIS E 75 12.48 -8.01 -14.37
N GLU E 76 12.54 -6.68 -14.21
CA GLU E 76 11.37 -5.80 -14.18
C GLU E 76 10.45 -6.09 -15.36
N ARG E 77 11.01 -6.15 -16.60
CA ARG E 77 10.26 -6.46 -17.84
C ARG E 77 9.42 -7.74 -17.64
N GLU E 78 10.03 -8.82 -17.09
CA GLU E 78 9.42 -10.12 -16.83
C GLU E 78 8.28 -10.06 -15.77
N VAL E 79 8.52 -9.34 -14.65
CA VAL E 79 7.56 -9.21 -13.53
C VAL E 79 6.32 -8.43 -13.92
N ILE E 80 6.50 -7.26 -14.54
CA ILE E 80 5.39 -6.44 -15.04
C ILE E 80 4.63 -7.29 -16.12
N GLN E 81 5.38 -8.21 -16.80
CA GLN E 81 4.88 -9.13 -17.83
C GLN E 81 3.99 -10.19 -17.23
N LYS E 82 4.44 -10.87 -16.13
CA LYS E 82 3.69 -11.89 -15.38
C LYS E 82 2.36 -11.30 -14.92
N ALA E 83 2.39 -10.09 -14.27
CA ALA E 83 1.23 -9.31 -13.78
C ALA E 83 0.17 -9.17 -14.87
N ILE E 84 0.60 -8.87 -16.13
CA ILE E 84 -0.24 -8.74 -17.32
C ILE E 84 -0.77 -10.11 -17.73
N GLU E 85 0.14 -11.11 -17.90
CA GLU E 85 -0.18 -12.50 -18.26
C GLU E 85 -1.15 -13.13 -17.28
N GLU E 86 -0.96 -12.85 -15.96
CA GLU E 86 -1.81 -13.31 -14.84
C GLU E 86 -3.24 -12.80 -15.00
N ASN E 87 -3.41 -11.61 -15.60
CA ASN E 87 -4.72 -11.01 -15.81
C ASN E 87 -5.42 -11.60 -17.04
N ASN E 88 -4.64 -11.83 -18.10
CA ASN E 88 -5.14 -12.35 -19.37
C ASN E 88 -5.14 -13.90 -19.36
N ASN E 89 -5.46 -14.45 -18.18
CA ASN E 89 -5.58 -15.84 -17.82
C ASN E 89 -6.76 -15.89 -16.89
N PHE E 90 -6.85 -14.90 -15.97
CA PHE E 90 -7.95 -14.73 -15.02
C PHE E 90 -9.22 -14.47 -15.81
N ILE E 91 -9.15 -13.48 -16.75
CA ILE E 91 -10.23 -13.08 -17.66
C ILE E 91 -10.57 -14.24 -18.58
N LYS E 92 -9.56 -14.96 -19.09
CA LYS E 92 -9.78 -16.11 -19.96
C LYS E 92 -10.51 -17.24 -19.25
N MET E 93 -10.16 -17.50 -17.97
CA MET E 93 -10.81 -18.53 -17.17
C MET E 93 -12.23 -18.11 -16.88
N ALA E 94 -12.41 -17.00 -16.12
CA ALA E 94 -13.73 -16.46 -15.76
C ALA E 94 -14.70 -16.50 -16.93
N LYS E 95 -14.22 -16.13 -18.14
CA LYS E 95 -15.00 -16.15 -19.37
C LYS E 95 -15.29 -17.59 -19.80
N GLU E 96 -14.26 -18.46 -19.88
CA GLU E 96 -14.48 -19.85 -20.30
C GLU E 96 -15.28 -20.69 -19.30
N LYS E 97 -15.17 -20.36 -18.01
CA LYS E 97 -15.94 -21.02 -16.97
C LYS E 97 -17.41 -20.68 -17.27
N LEU E 98 -17.68 -19.37 -17.52
CA LEU E 98 -18.99 -18.77 -17.80
C LEU E 98 -19.65 -19.39 -19.02
N ALA E 99 -18.88 -19.58 -20.10
CA ALA E 99 -19.30 -20.17 -21.36
C ALA E 99 -19.95 -21.51 -21.15
N GLN E 100 -19.26 -22.42 -20.43
CA GLN E 100 -19.74 -23.77 -20.14
C GLN E 100 -20.93 -23.74 -19.18
N LYS E 101 -20.83 -22.95 -18.09
CA LYS E 101 -21.90 -22.78 -17.08
C LYS E 101 -23.20 -22.33 -17.73
N MET E 102 -23.12 -21.31 -18.62
CA MET E 102 -24.32 -20.83 -19.32
C MET E 102 -24.84 -21.88 -20.29
N GLU E 103 -23.92 -22.52 -21.06
CA GLU E 103 -24.26 -23.58 -22.01
C GLU E 103 -24.85 -24.82 -21.32
N SER E 104 -24.15 -25.42 -20.33
CA SER E 104 -24.68 -26.60 -19.66
C SER E 104 -26.10 -26.38 -19.17
N ASN E 105 -26.36 -25.23 -18.49
CA ASN E 105 -27.68 -24.85 -18.00
C ASN E 105 -28.69 -24.87 -19.17
N LYS E 106 -28.34 -24.21 -20.34
CA LYS E 106 -29.15 -24.13 -21.55
C LYS E 106 -29.64 -25.51 -21.93
N GLU E 107 -28.70 -26.43 -22.29
CA GLU E 107 -28.96 -27.83 -22.66
C GLU E 107 -29.87 -28.52 -21.63
N ASN E 108 -29.50 -28.44 -20.32
CA ASN E 108 -30.19 -29.02 -19.17
C ASN E 108 -31.67 -28.61 -19.06
N ARG E 109 -31.93 -27.30 -18.88
CA ARG E 109 -33.28 -26.74 -18.73
C ARG E 109 -34.15 -27.13 -19.93
N GLU E 110 -33.60 -26.98 -21.13
CA GLU E 110 -34.25 -27.32 -22.39
C GLU E 110 -34.60 -28.82 -22.52
N ALA E 111 -33.74 -29.72 -21.96
CA ALA E 111 -33.91 -31.19 -22.00
C ALA E 111 -35.00 -31.59 -21.04
N HIS E 112 -35.09 -30.90 -19.87
CA HIS E 112 -36.10 -31.08 -18.84
C HIS E 112 -37.43 -30.71 -19.51
N LEU E 113 -37.45 -29.56 -20.23
CA LEU E 113 -38.60 -29.05 -20.97
C LEU E 113 -39.01 -29.96 -22.14
N ALA E 114 -38.01 -30.53 -22.85
CA ALA E 114 -38.18 -31.46 -23.97
C ALA E 114 -38.72 -32.81 -23.52
N ALA E 115 -38.31 -33.25 -22.32
CA ALA E 115 -38.77 -34.51 -21.75
C ALA E 115 -40.21 -34.40 -21.29
N MET E 116 -40.55 -33.29 -20.58
CA MET E 116 -41.91 -33.08 -20.09
C MET E 116 -42.94 -32.89 -21.18
N LEU E 117 -42.49 -32.49 -22.38
CA LEU E 117 -43.38 -32.38 -23.53
C LEU E 117 -43.56 -33.76 -24.17
N GLU E 118 -42.49 -34.60 -24.27
CA GLU E 118 -42.56 -35.96 -24.83
C GLU E 118 -43.57 -36.76 -24.00
N ARG E 119 -43.43 -36.71 -22.66
CA ARG E 119 -44.32 -37.33 -21.69
C ARG E 119 -45.81 -36.92 -21.95
N LEU E 120 -46.07 -35.60 -22.14
CA LEU E 120 -47.42 -35.07 -22.42
C LEU E 120 -47.93 -35.52 -23.78
N GLN E 121 -47.05 -35.55 -24.80
CA GLN E 121 -47.35 -36.03 -26.14
C GLN E 121 -47.51 -37.53 -26.08
N GLU E 122 -46.77 -38.18 -25.19
CA GLU E 122 -46.89 -39.63 -24.99
C GLU E 122 -48.29 -39.91 -24.46
N LYS E 123 -48.76 -39.12 -23.48
CA LYS E 123 -50.10 -39.32 -22.97
C LYS E 123 -51.17 -38.92 -23.99
N ASP E 124 -50.79 -38.07 -24.99
CA ASP E 124 -51.68 -37.70 -26.09
C ASP E 124 -51.82 -38.90 -27.02
N LYS E 125 -50.80 -39.79 -27.02
CA LYS E 125 -50.84 -41.02 -27.81
C LYS E 125 -51.97 -41.87 -27.21
N HIS E 126 -51.89 -42.15 -25.89
CA HIS E 126 -52.88 -42.92 -25.13
C HIS E 126 -54.32 -42.50 -25.50
N ALA E 127 -54.60 -41.19 -25.48
CA ALA E 127 -55.90 -40.58 -25.79
C ALA E 127 -56.42 -41.11 -27.11
N GLU E 128 -55.61 -41.00 -28.18
CA GLU E 128 -55.97 -41.46 -29.51
C GLU E 128 -56.46 -42.90 -29.57
N GLU E 129 -55.66 -43.83 -29.00
CA GLU E 129 -55.98 -45.26 -28.95
C GLU E 129 -57.21 -45.61 -28.07
N VAL E 130 -57.59 -44.69 -27.15
CA VAL E 130 -58.79 -44.85 -26.32
C VAL E 130 -59.99 -44.54 -27.21
N ARG E 131 -59.94 -43.41 -27.94
CA ARG E 131 -60.98 -43.02 -28.89
C ARG E 131 -61.15 -44.10 -29.97
N LYS E 132 -60.01 -44.72 -30.37
CA LYS E 132 -59.91 -45.84 -31.32
C LYS E 132 -60.52 -47.10 -30.70
N ASN E 133 -60.26 -47.33 -29.39
CA ASN E 133 -60.80 -48.49 -28.67
C ASN E 133 -62.32 -48.38 -28.46
N LYS E 134 -62.88 -47.15 -28.50
CA LYS E 134 -64.31 -46.90 -28.35
C LYS E 134 -65.01 -47.34 -29.63
N GLU E 135 -64.36 -47.06 -30.78
CA GLU E 135 -64.78 -47.36 -32.14
C GLU E 135 -64.77 -48.86 -32.38
N LEU E 136 -63.71 -49.53 -31.88
CA LEU E 136 -63.46 -50.99 -31.94
C LEU E 136 -64.58 -51.73 -31.19
N LYS E 137 -64.95 -51.23 -29.99
CA LYS E 137 -66.03 -51.76 -29.17
C LYS E 137 -67.38 -51.65 -29.92
N GLU E 138 -67.56 -50.54 -30.70
CA GLU E 138 -68.72 -50.27 -31.54
C GLU E 138 -68.60 -50.95 -32.91
#